data_6CEF
# 
_entry.id   6CEF 
# 
_audit_conform.dict_name       mmcif_pdbx.dic 
_audit_conform.dict_version    5.379 
_audit_conform.dict_location   http://mmcif.pdb.org/dictionaries/ascii/mmcif_pdbx.dic 
# 
loop_
_database_2.database_id 
_database_2.database_code 
_database_2.pdbx_database_accession 
_database_2.pdbx_DOI 
PDB   6CEF         pdb_00006cef 10.2210/pdb6cef/pdb 
WWPDB D_1000232617 ?            ?                   
# 
_pdbx_database_status.status_code                     REL 
_pdbx_database_status.status_code_sf                  REL 
_pdbx_database_status.status_code_mr                  ? 
_pdbx_database_status.entry_id                        6CEF 
_pdbx_database_status.recvd_initial_deposition_date   2018-02-11 
_pdbx_database_status.SG_entry                        Y 
_pdbx_database_status.deposit_site                    RCSB 
_pdbx_database_status.process_site                    RCSB 
_pdbx_database_status.status_code_cs                  ? 
_pdbx_database_status.methods_development_category    ? 
_pdbx_database_status.pdb_format_compatible           Y 
_pdbx_database_status.status_code_nmr_data            ? 
# 
loop_
_audit_author.name 
_audit_author.pdbx_ordinal 
_audit_author.identifier_ORCID 
'Harding, R.J.'                        1  ? 
'Halabelian, L.'                       2  ? 
'Ferreira de Freitas, R.'              3  ? 
'Ravichandran, M.'                     4  ? 
'Santhakumar, V.'                      5  ? 
'Schapira, M.'                         6  ? 
'Bountra, C.'                          7  ? 
'Edwards, A.M.'                        8  ? 
'Arrowsmith, C.M.'                     9  ? 
'Structural Genomics Consortium (SGC)' 10 ? 
# 
_citation.abstract                  ? 
_citation.abstract_id_CAS           ? 
_citation.book_id_ISBN              ? 
_citation.book_publisher            ? 
_citation.book_publisher_city       ? 
_citation.book_title                ? 
_citation.coordinate_linkage        ? 
_citation.country                   US 
_citation.database_id_Medline       ? 
_citation.details                   ? 
_citation.id                        primary 
_citation.journal_abbrev            'J. Med. Chem.' 
_citation.journal_id_ASTM           JMCMAR 
_citation.journal_id_CSD            0151 
_citation.journal_id_ISSN           1520-4804 
_citation.journal_full              ? 
_citation.journal_issue             ? 
_citation.journal_volume            61 
_citation.language                  ? 
_citation.page_first                4517 
_citation.page_last                 4527 
_citation.title                     
'Identification and Structure-Activity Relationship of HDAC6 Zinc-Finger Ubiquitin Binding Domain Inhibitors.' 
_citation.year                      2018 
_citation.database_id_CSD           ? 
_citation.pdbx_database_id_DOI      10.1021/acs.jmedchem.8b00258 
_citation.pdbx_database_id_PubMed   29741882 
_citation.unpublished_flag          ? 
# 
loop_
_citation_author.citation_id 
_citation_author.name 
_citation_author.ordinal 
_citation_author.identifier_ORCID 
primary 'Ferreira de Freitas, R.' 1  ? 
primary 'Harding, R.J.'           2  ? 
primary 'Franzoni, I.'            3  ? 
primary 'Ravichandran, M.'        4  ? 
primary 'Mann, M.K.'              5  ? 
primary 'Ouyang, H.'              6  ? 
primary 'Lautens, M.'             7  ? 
primary 'Santhakumar, V.'         8  ? 
primary 'Arrowsmith, C.H.'        9  ? 
primary 'Schapira, M.'            10 ? 
# 
_cell.length_a           40.700 
_cell.length_b           44.210 
_cell.length_c           56.030 
_cell.angle_alpha        90.000 
_cell.angle_beta         90.000 
_cell.angle_gamma        90.000 
_cell.entry_id           6CEF 
_cell.Z_PDB              4 
_cell.pdbx_unique_axis   ? 
# 
_symmetry.space_group_name_H-M             'P 21 21 21' 
_symmetry.entry_id                         6CEF 
_symmetry.Int_Tables_number                19 
_symmetry.pdbx_full_space_group_name_H-M   ? 
_symmetry.cell_setting                     ? 
# 
loop_
_entity.id 
_entity.type 
_entity.src_method 
_entity.pdbx_description 
_entity.formula_weight 
_entity.pdbx_number_of_molecules 
_entity.pdbx_ec 
_entity.pdbx_mutation 
_entity.pdbx_fragment 
_entity.details 
1 polymer     man 'Histone deacetylase 6'                   11932.607 1  3.5.1.98 ? ? ? 
2 non-polymer syn 'ZINC ION'                                65.409    3  ?        ? ? ? 
3 non-polymer syn 'UNKNOWN ATOM OR ION'                     ?         3  ?        ? ? ? 
4 non-polymer syn '3-(1,3-benzothiazol-2-yl)propanoic acid' 207.249   1  ?        ? ? ? 
5 water       nat water                                     18.015    90 ?        ? ? ? 
# 
_entity_name_com.entity_id   1 
_entity_name_com.name        HD6 
# 
_entity_poly.entity_id                      1 
_entity_poly.type                           'polypeptide(L)' 
_entity_poly.nstd_linkage                   no 
_entity_poly.nstd_monomer                   no 
_entity_poly.pdbx_seq_one_letter_code       
;GSPLPWCPHLVAVCPIPAAGLDVTQPCGDCGTIQENWVCLSCYQVYCGRYINGHMLQHHGNSGHPLVLSYIDLSAWCYYC
QAYVHHQALLDVKNIAHQNKFGEDMPH
;
_entity_poly.pdbx_seq_one_letter_code_can   
;GSPLPWCPHLVAVCPIPAAGLDVTQPCGDCGTIQENWVCLSCYQVYCGRYINGHMLQHHGNSGHPLVLSYIDLSAWCYYC
QAYVHHQALLDVKNIAHQNKFGEDMPH
;
_entity_poly.pdbx_strand_id                 A 
_entity_poly.pdbx_target_identifier         ? 
# 
loop_
_entity_poly_seq.entity_id 
_entity_poly_seq.num 
_entity_poly_seq.mon_id 
_entity_poly_seq.hetero 
1 1   GLY n 
1 2   SER n 
1 3   PRO n 
1 4   LEU n 
1 5   PRO n 
1 6   TRP n 
1 7   CYS n 
1 8   PRO n 
1 9   HIS n 
1 10  LEU n 
1 11  VAL n 
1 12  ALA n 
1 13  VAL n 
1 14  CYS n 
1 15  PRO n 
1 16  ILE n 
1 17  PRO n 
1 18  ALA n 
1 19  ALA n 
1 20  GLY n 
1 21  LEU n 
1 22  ASP n 
1 23  VAL n 
1 24  THR n 
1 25  GLN n 
1 26  PRO n 
1 27  CYS n 
1 28  GLY n 
1 29  ASP n 
1 30  CYS n 
1 31  GLY n 
1 32  THR n 
1 33  ILE n 
1 34  GLN n 
1 35  GLU n 
1 36  ASN n 
1 37  TRP n 
1 38  VAL n 
1 39  CYS n 
1 40  LEU n 
1 41  SER n 
1 42  CYS n 
1 43  TYR n 
1 44  GLN n 
1 45  VAL n 
1 46  TYR n 
1 47  CYS n 
1 48  GLY n 
1 49  ARG n 
1 50  TYR n 
1 51  ILE n 
1 52  ASN n 
1 53  GLY n 
1 54  HIS n 
1 55  MET n 
1 56  LEU n 
1 57  GLN n 
1 58  HIS n 
1 59  HIS n 
1 60  GLY n 
1 61  ASN n 
1 62  SER n 
1 63  GLY n 
1 64  HIS n 
1 65  PRO n 
1 66  LEU n 
1 67  VAL n 
1 68  LEU n 
1 69  SER n 
1 70  TYR n 
1 71  ILE n 
1 72  ASP n 
1 73  LEU n 
1 74  SER n 
1 75  ALA n 
1 76  TRP n 
1 77  CYS n 
1 78  TYR n 
1 79  TYR n 
1 80  CYS n 
1 81  GLN n 
1 82  ALA n 
1 83  TYR n 
1 84  VAL n 
1 85  HIS n 
1 86  HIS n 
1 87  GLN n 
1 88  ALA n 
1 89  LEU n 
1 90  LEU n 
1 91  ASP n 
1 92  VAL n 
1 93  LYS n 
1 94  ASN n 
1 95  ILE n 
1 96  ALA n 
1 97  HIS n 
1 98  GLN n 
1 99  ASN n 
1 100 LYS n 
1 101 PHE n 
1 102 GLY n 
1 103 GLU n 
1 104 ASP n 
1 105 MET n 
1 106 PRO n 
1 107 HIS n 
# 
_entity_src_gen.entity_id                          1 
_entity_src_gen.pdbx_src_id                        1 
_entity_src_gen.pdbx_alt_source_flag               sample 
_entity_src_gen.pdbx_seq_type                      'Biological sequence' 
_entity_src_gen.pdbx_beg_seq_num                   1 
_entity_src_gen.pdbx_end_seq_num                   107 
_entity_src_gen.gene_src_common_name               Human 
_entity_src_gen.gene_src_genus                     ? 
_entity_src_gen.pdbx_gene_src_gene                 'HDAC6, KIAA0901, JM21' 
_entity_src_gen.gene_src_species                   ? 
_entity_src_gen.gene_src_strain                    ? 
_entity_src_gen.gene_src_tissue                    ? 
_entity_src_gen.gene_src_tissue_fraction           ? 
_entity_src_gen.gene_src_details                   ? 
_entity_src_gen.pdbx_gene_src_fragment             ? 
_entity_src_gen.pdbx_gene_src_scientific_name      'Homo sapiens' 
_entity_src_gen.pdbx_gene_src_ncbi_taxonomy_id     9606 
_entity_src_gen.pdbx_gene_src_variant              ? 
_entity_src_gen.pdbx_gene_src_cell_line            ? 
_entity_src_gen.pdbx_gene_src_atcc                 ? 
_entity_src_gen.pdbx_gene_src_organ                ? 
_entity_src_gen.pdbx_gene_src_organelle            ? 
_entity_src_gen.pdbx_gene_src_cell                 ? 
_entity_src_gen.pdbx_gene_src_cellular_location    ? 
_entity_src_gen.host_org_common_name               ? 
_entity_src_gen.pdbx_host_org_scientific_name      'Escherichia coli' 
_entity_src_gen.pdbx_host_org_ncbi_taxonomy_id     469008 
_entity_src_gen.host_org_genus                     ? 
_entity_src_gen.pdbx_host_org_gene                 ? 
_entity_src_gen.pdbx_host_org_organ                ? 
_entity_src_gen.host_org_species                   ? 
_entity_src_gen.pdbx_host_org_tissue               ? 
_entity_src_gen.pdbx_host_org_tissue_fraction      ? 
_entity_src_gen.pdbx_host_org_strain               'BL21 (DE3) codon plus' 
_entity_src_gen.pdbx_host_org_variant              ? 
_entity_src_gen.pdbx_host_org_cell_line            ? 
_entity_src_gen.pdbx_host_org_atcc                 ? 
_entity_src_gen.pdbx_host_org_culture_collection   ? 
_entity_src_gen.pdbx_host_org_cell                 ? 
_entity_src_gen.pdbx_host_org_organelle            ? 
_entity_src_gen.pdbx_host_org_cellular_location    ? 
_entity_src_gen.pdbx_host_org_vector_type          ? 
_entity_src_gen.pdbx_host_org_vector               ? 
_entity_src_gen.host_org_details                   ? 
_entity_src_gen.expression_system_id               ? 
_entity_src_gen.plasmid_name                       pET28-lic 
_entity_src_gen.plasmid_details                    ? 
_entity_src_gen.pdbx_description                   ? 
# 
_struct_ref.id                         1 
_struct_ref.db_name                    UNP 
_struct_ref.db_code                    HDAC6_HUMAN 
_struct_ref.pdbx_db_accession          Q9UBN7 
_struct_ref.pdbx_db_isoform            ? 
_struct_ref.entity_id                  1 
_struct_ref.pdbx_seq_one_letter_code   
;PLPWCPHLVAVCPIPAAGLDVTQPCGDCGTIQENWVCLSCYQVYCGRYINGHMLQHHGNSGHPLVLSYIDLSAWCYYCQA
YVHHQALLDVKNIAHQNKFGEDMPH
;
_struct_ref.pdbx_align_begin           1109 
# 
_struct_ref_seq.align_id                      1 
_struct_ref_seq.ref_id                        1 
_struct_ref_seq.pdbx_PDB_id_code              6CEF 
_struct_ref_seq.pdbx_strand_id                A 
_struct_ref_seq.seq_align_beg                 3 
_struct_ref_seq.pdbx_seq_align_beg_ins_code   ? 
_struct_ref_seq.seq_align_end                 107 
_struct_ref_seq.pdbx_seq_align_end_ins_code   ? 
_struct_ref_seq.pdbx_db_accession             Q9UBN7 
_struct_ref_seq.db_align_beg                  1109 
_struct_ref_seq.pdbx_db_align_beg_ins_code    ? 
_struct_ref_seq.db_align_end                  1213 
_struct_ref_seq.pdbx_db_align_end_ins_code    ? 
_struct_ref_seq.pdbx_auth_seq_align_beg       1109 
_struct_ref_seq.pdbx_auth_seq_align_end       1213 
# 
loop_
_struct_ref_seq_dif.align_id 
_struct_ref_seq_dif.pdbx_pdb_id_code 
_struct_ref_seq_dif.mon_id 
_struct_ref_seq_dif.pdbx_pdb_strand_id 
_struct_ref_seq_dif.seq_num 
_struct_ref_seq_dif.pdbx_pdb_ins_code 
_struct_ref_seq_dif.pdbx_seq_db_name 
_struct_ref_seq_dif.pdbx_seq_db_accession_code 
_struct_ref_seq_dif.db_mon_id 
_struct_ref_seq_dif.pdbx_seq_db_seq_num 
_struct_ref_seq_dif.details 
_struct_ref_seq_dif.pdbx_auth_seq_num 
_struct_ref_seq_dif.pdbx_ordinal 
1 6CEF GLY A 1 ? UNP Q9UBN7 ? ? 'expression tag' 1107 1 
1 6CEF SER A 2 ? UNP Q9UBN7 ? ? 'expression tag' 1108 2 
# 
loop_
_chem_comp.id 
_chem_comp.type 
_chem_comp.mon_nstd_flag 
_chem_comp.name 
_chem_comp.pdbx_synonyms 
_chem_comp.formula 
_chem_comp.formula_weight 
ALA 'L-peptide linking' y ALANINE                                   ? 'C3 H7 N O2'     89.093  
ARG 'L-peptide linking' y ARGININE                                  ? 'C6 H15 N4 O2 1' 175.209 
ASN 'L-peptide linking' y ASPARAGINE                                ? 'C4 H8 N2 O3'    132.118 
ASP 'L-peptide linking' y 'ASPARTIC ACID'                           ? 'C4 H7 N O4'     133.103 
CYS 'L-peptide linking' y CYSTEINE                                  ? 'C3 H7 N O2 S'   121.158 
EYJ non-polymer         . '3-(1,3-benzothiazol-2-yl)propanoic acid' ? 'C10 H9 N O2 S'  207.249 
GLN 'L-peptide linking' y GLUTAMINE                                 ? 'C5 H10 N2 O3'   146.144 
GLU 'L-peptide linking' y 'GLUTAMIC ACID'                           ? 'C5 H9 N O4'     147.129 
GLY 'peptide linking'   y GLYCINE                                   ? 'C2 H5 N O2'     75.067  
HIS 'L-peptide linking' y HISTIDINE                                 ? 'C6 H10 N3 O2 1' 156.162 
HOH non-polymer         . WATER                                     ? 'H2 O'           18.015  
ILE 'L-peptide linking' y ISOLEUCINE                                ? 'C6 H13 N O2'    131.173 
LEU 'L-peptide linking' y LEUCINE                                   ? 'C6 H13 N O2'    131.173 
LYS 'L-peptide linking' y LYSINE                                    ? 'C6 H15 N2 O2 1' 147.195 
MET 'L-peptide linking' y METHIONINE                                ? 'C5 H11 N O2 S'  149.211 
PHE 'L-peptide linking' y PHENYLALANINE                             ? 'C9 H11 N O2'    165.189 
PRO 'L-peptide linking' y PROLINE                                   ? 'C5 H9 N O2'     115.130 
SER 'L-peptide linking' y SERINE                                    ? 'C3 H7 N O3'     105.093 
THR 'L-peptide linking' y THREONINE                                 ? 'C4 H9 N O3'     119.119 
TRP 'L-peptide linking' y TRYPTOPHAN                                ? 'C11 H12 N2 O2'  204.225 
TYR 'L-peptide linking' y TYROSINE                                  ? 'C9 H11 N O3'    181.189 
UNX non-polymer         . 'UNKNOWN ATOM OR ION'                     ? ?                ?       
VAL 'L-peptide linking' y VALINE                                    ? 'C5 H11 N O2'    117.146 
ZN  non-polymer         . 'ZINC ION'                                ? 'Zn 2'           65.409  
# 
_exptl.absorpt_coefficient_mu     ? 
_exptl.absorpt_correction_T_max   ? 
_exptl.absorpt_correction_T_min   ? 
_exptl.absorpt_correction_type    ? 
_exptl.absorpt_process_details    ? 
_exptl.entry_id                   6CEF 
_exptl.crystals_number            1 
_exptl.details                    ? 
_exptl.method                     'X-RAY DIFFRACTION' 
_exptl.method_details             ? 
# 
_exptl_crystal.colour                      ? 
_exptl_crystal.density_diffrn              ? 
_exptl_crystal.density_Matthews            2.09 
_exptl_crystal.density_method              ? 
_exptl_crystal.density_percent_sol         41.07 
_exptl_crystal.description                 ? 
_exptl_crystal.F_000                       ? 
_exptl_crystal.id                          1 
_exptl_crystal.preparation                 ? 
_exptl_crystal.size_max                    ? 
_exptl_crystal.size_mid                    ? 
_exptl_crystal.size_min                    ? 
_exptl_crystal.size_rad                    ? 
_exptl_crystal.colour_lustre               ? 
_exptl_crystal.colour_modifier             ? 
_exptl_crystal.colour_primary              ? 
_exptl_crystal.density_meas                ? 
_exptl_crystal.density_meas_esd            ? 
_exptl_crystal.density_meas_gt             ? 
_exptl_crystal.density_meas_lt             ? 
_exptl_crystal.density_meas_temp           ? 
_exptl_crystal.density_meas_temp_esd       ? 
_exptl_crystal.density_meas_temp_gt        ? 
_exptl_crystal.density_meas_temp_lt        ? 
_exptl_crystal.pdbx_crystal_image_url      ? 
_exptl_crystal.pdbx_crystal_image_format   ? 
_exptl_crystal.pdbx_mosaicity              0.000 
_exptl_crystal.pdbx_mosaicity_esd          ? 
# 
_exptl_crystal_grow.apparatus       ? 
_exptl_crystal_grow.atmosphere      ? 
_exptl_crystal_grow.crystal_id      1 
_exptl_crystal_grow.details         ? 
_exptl_crystal_grow.method          'VAPOR DIFFUSION, SITTING DROP' 
_exptl_crystal_grow.method_ref      ? 
_exptl_crystal_grow.pH              4.6 
_exptl_crystal_grow.pressure        ? 
_exptl_crystal_grow.pressure_esd    ? 
_exptl_crystal_grow.seeding         ? 
_exptl_crystal_grow.seeding_ref     ? 
_exptl_crystal_grow.temp            291 
_exptl_crystal_grow.temp_details    ? 
_exptl_crystal_grow.temp_esd        ? 
_exptl_crystal_grow.time            ? 
_exptl_crystal_grow.pdbx_details    '2 M Na-formate, 0.2 M Na-acetate pH4.6, 5 % ethylene glycol' 
_exptl_crystal_grow.pdbx_pH_range   ? 
# 
_diffrn.ambient_environment    ? 
_diffrn.ambient_temp           100 
_diffrn.ambient_temp_details   ? 
_diffrn.ambient_temp_esd       ? 
_diffrn.crystal_id             1 
_diffrn.crystal_support        ? 
_diffrn.crystal_treatment      ? 
_diffrn.details                ? 
_diffrn.id                     1 
_diffrn.ambient_pressure       ? 
_diffrn.ambient_pressure_esd   ? 
_diffrn.ambient_pressure_gt    ? 
_diffrn.ambient_pressure_lt    ? 
_diffrn.ambient_temp_gt        ? 
_diffrn.ambient_temp_lt        ? 
# 
_diffrn_detector.details                      ? 
_diffrn_detector.detector                     CCD 
_diffrn_detector.diffrn_id                    1 
_diffrn_detector.type                         'RIGAKU SATURN A200' 
_diffrn_detector.area_resol_mean              ? 
_diffrn_detector.dtime                        ? 
_diffrn_detector.pdbx_frames_total            ? 
_diffrn_detector.pdbx_collection_time_total   ? 
_diffrn_detector.pdbx_collection_date         2015-12-17 
# 
_diffrn_radiation.collimation                      ? 
_diffrn_radiation.diffrn_id                        1 
_diffrn_radiation.filter_edge                      ? 
_diffrn_radiation.inhomogeneity                    ? 
_diffrn_radiation.monochromator                    ? 
_diffrn_radiation.polarisn_norm                    ? 
_diffrn_radiation.polarisn_ratio                   ? 
_diffrn_radiation.probe                            ? 
_diffrn_radiation.type                             ? 
_diffrn_radiation.xray_symbol                      ? 
_diffrn_radiation.wavelength_id                    1 
_diffrn_radiation.pdbx_monochromatic_or_laue_m_l   M 
_diffrn_radiation.pdbx_wavelength_list             ? 
_diffrn_radiation.pdbx_wavelength                  ? 
_diffrn_radiation.pdbx_diffrn_protocol             'SINGLE WAVELENGTH' 
_diffrn_radiation.pdbx_analyzer                    ? 
_diffrn_radiation.pdbx_scattering_type             x-ray 
# 
_diffrn_radiation_wavelength.id           1 
_diffrn_radiation_wavelength.wavelength   1.54178 
_diffrn_radiation_wavelength.wt           1.0 
# 
_diffrn_source.current                     ? 
_diffrn_source.details                     ? 
_diffrn_source.diffrn_id                   1 
_diffrn_source.power                       ? 
_diffrn_source.size                        ? 
_diffrn_source.source                      'ROTATING ANODE' 
_diffrn_source.target                      ? 
_diffrn_source.type                        'RIGAKU FR-E SUPERBRIGHT' 
_diffrn_source.voltage                     ? 
_diffrn_source.take-off_angle              ? 
_diffrn_source.pdbx_wavelength_list        1.54178 
_diffrn_source.pdbx_wavelength             ? 
_diffrn_source.pdbx_synchrotron_beamline   ? 
_diffrn_source.pdbx_synchrotron_site       ? 
# 
_reflns.entry_id                     6CEF 
_reflns.pdbx_diffrn_id               1 
_reflns.pdbx_ordinal                 1 
_reflns.observed_criterion_sigma_I   ? 
_reflns.observed_criterion_sigma_F   ? 
_reflns.d_resolution_low             34.710 
_reflns.d_resolution_high            1.800 
_reflns.number_obs                   9350 
_reflns.number_all                   ? 
_reflns.percent_possible_obs         95.500 
_reflns.pdbx_Rmerge_I_obs            0.042 
_reflns.pdbx_Rsym_value              ? 
_reflns.pdbx_netI_over_sigmaI        38.400 
_reflns.B_iso_Wilson_estimate        ? 
_reflns.pdbx_redundancy              7.200 
_reflns.pdbx_Rrim_I_all              0.045 
_reflns.pdbx_Rpim_I_all              0.017 
_reflns.pdbx_CC_half                 1.000 
_reflns.pdbx_netI_over_av_sigmaI     ? 
_reflns.pdbx_number_measured_all     67104 
_reflns.pdbx_scaling_rejects         ? 
_reflns.pdbx_chi_squared             ? 
_reflns.Rmerge_F_all                 ? 
_reflns.Rmerge_F_obs                 ? 
_reflns.observed_criterion_F_max     ? 
_reflns.observed_criterion_F_min     ? 
_reflns.observed_criterion_I_max     ? 
_reflns.observed_criterion_I_min     ? 
_reflns.pdbx_d_res_high_opt          ? 
_reflns.pdbx_d_res_low_opt           ? 
_reflns.details                      ? 
# 
loop_
_reflns_shell.pdbx_diffrn_id 
_reflns_shell.pdbx_ordinal 
_reflns_shell.d_res_high 
_reflns_shell.d_res_low 
_reflns_shell.number_measured_obs 
_reflns_shell.number_measured_all 
_reflns_shell.number_unique_obs 
_reflns_shell.pdbx_rejects 
_reflns_shell.Rmerge_I_obs 
_reflns_shell.meanI_over_sigI_obs 
_reflns_shell.pdbx_Rsym_value 
_reflns_shell.pdbx_chi_squared 
_reflns_shell.pdbx_redundancy 
_reflns_shell.percent_possible_obs 
_reflns_shell.pdbx_netI_over_sigmaI_obs 
_reflns_shell.number_possible 
_reflns_shell.number_unique_all 
_reflns_shell.Rmerge_F_all 
_reflns_shell.Rmerge_F_obs 
_reflns_shell.Rmerge_I_all 
_reflns_shell.meanI_over_sigI_all 
_reflns_shell.percent_possible_all 
_reflns_shell.pdbx_Rrim_I_all 
_reflns_shell.pdbx_Rpim_I_all 
_reflns_shell.pdbx_CC_half 
1 1 1.800 1.840  ? 3940 534 ? 0.143 ? ? ? 7.400 ? 13.200 ? ? ? ? ? ? 91.100 0.154 0.056 0.993 
1 2 9.000 34.710 ? 503  97  ? 0.024 ? ? ? 5.200 ? 77.900 ? ? ? ? ? ? 98.900 0.026 0.011 1.000 
# 
_refine.entry_id                                 6CEF 
_refine.pdbx_refine_id                           'X-RAY DIFFRACTION' 
_refine.ls_d_res_high                            1.8000 
_refine.ls_d_res_low                             34.7300 
_refine.pdbx_ls_sigma_F                          0.000 
_refine.pdbx_data_cutoff_high_absF               ? 
_refine.pdbx_data_cutoff_low_absF                ? 
_refine.ls_percent_reflns_obs                    94.9900 
_refine.ls_number_reflns_obs                     8903 
_refine.ls_number_reflns_all                     ? 
_refine.pdbx_ls_cross_valid_method               THROUGHOUT 
_refine.ls_matrix_type                           ? 
_refine.pdbx_R_Free_selection_details            RANDOM 
_refine.details                                  
'HYDROGENS HAVE BEEN ADDED IN THE RIDING POSITIONS U VALUES      : REFINED INDIVIDUALLY' 
_refine.ls_R_factor_all                          ? 
_refine.ls_R_factor_obs                          0.1515 
_refine.ls_R_factor_R_work                       0.1501 
_refine.ls_wR_factor_R_work                      ? 
_refine.ls_R_factor_R_free                       0.1809 
_refine.ls_wR_factor_R_free                      ? 
_refine.ls_percent_reflns_R_free                 4.8000 
_refine.ls_number_reflns_R_free                  447 
_refine.ls_number_reflns_R_work                  ? 
_refine.ls_R_factor_R_free_error                 ? 
_refine.B_iso_mean                               12.6060 
_refine.solvent_model_param_bsol                 ? 
_refine.solvent_model_param_ksol                 ? 
_refine.pdbx_isotropic_thermal_model             ? 
_refine.aniso_B[1][1]                            -1.6100 
_refine.aniso_B[2][2]                            2.1600 
_refine.aniso_B[3][3]                            -0.5500 
_refine.aniso_B[1][2]                            -0.0000 
_refine.aniso_B[1][3]                            0.0000 
_refine.aniso_B[2][3]                            -0.0000 
_refine.correlation_coeff_Fo_to_Fc               0.9590 
_refine.correlation_coeff_Fo_to_Fc_free          0.9470 
_refine.overall_SU_R_Cruickshank_DPI             ? 
_refine.pdbx_overall_SU_R_free_Cruickshank_DPI   ? 
_refine.pdbx_overall_SU_R_Blow_DPI               ? 
_refine.pdbx_overall_SU_R_free_Blow_DPI          ? 
_refine.overall_SU_R_free                        ? 
_refine.pdbx_overall_ESU_R                       0.1150 
_refine.pdbx_overall_ESU_R_Free                  0.1070 
_refine.overall_SU_ML                            0.0620 
_refine.overall_SU_B                             1.9290 
_refine.solvent_model_details                    MASK 
_refine.pdbx_solvent_vdw_probe_radii             1.2000 
_refine.pdbx_solvent_ion_probe_radii             0.8000 
_refine.pdbx_solvent_shrinkage_radii             0.8000 
_refine.ls_number_parameters                     ? 
_refine.ls_number_restraints                     ? 
_refine.pdbx_starting_model                      'pdbid 5KH3' 
_refine.pdbx_method_to_determine_struct          ? 
_refine.pdbx_stereochemistry_target_values       'MAXIMUM LIKELIHOOD' 
_refine.pdbx_stereochem_target_val_spec_case     ? 
_refine.overall_FOM_work_R_set                   ? 
_refine.B_iso_max                                51.070 
_refine.B_iso_min                                6.490 
_refine.pdbx_overall_phase_error                 ? 
_refine.occupancy_max                            ? 
_refine.occupancy_min                            ? 
_refine.pdbx_diffrn_id                           1 
_refine.pdbx_TLS_residual_ADP_flag               ? 
_refine.pdbx_ls_sigma_I                          ? 
_refine.pdbx_data_cutoff_high_rms_absF           ? 
_refine.ls_R_factor_R_free_error_details         ? 
# 
_refine_hist.cycle_id                         final 
_refine_hist.pdbx_refine_id                   'X-RAY DIFFRACTION' 
_refine_hist.d_res_high                       1.8000 
_refine_hist.d_res_low                        34.7300 
_refine_hist.pdbx_number_atoms_ligand         20 
_refine_hist.number_atoms_solvent             90 
_refine_hist.number_atoms_total               889 
_refine_hist.pdbx_number_residues_total       100 
_refine_hist.pdbx_B_iso_mean_ligand           19.23 
_refine_hist.pdbx_B_iso_mean_solvent          21.79 
_refine_hist.pdbx_number_atoms_protein        779 
_refine_hist.pdbx_number_atoms_nucleic_acid   0 
# 
loop_
_refine_ls_restr.pdbx_refine_id 
_refine_ls_restr.type 
_refine_ls_restr.number 
_refine_ls_restr.dev_ideal 
_refine_ls_restr.dev_ideal_target 
_refine_ls_restr.weight 
_refine_ls_restr.pdbx_restraint_function 
'X-RAY DIFFRACTION' r_bond_refined_d       850  0.020  0.019  ? ? 
'X-RAY DIFFRACTION' r_bond_other_d         698  0.003  0.020  ? ? 
'X-RAY DIFFRACTION' r_angle_refined_deg    1169 1.840  1.914  ? ? 
'X-RAY DIFFRACTION' r_angle_other_deg      1620 1.238  3.010  ? ? 
'X-RAY DIFFRACTION' r_dihedral_angle_1_deg 103  6.393  5.000  ? ? 
'X-RAY DIFFRACTION' r_dihedral_angle_2_deg 39   36.094 24.615 ? ? 
'X-RAY DIFFRACTION' r_dihedral_angle_3_deg 111  10.578 15.000 ? ? 
'X-RAY DIFFRACTION' r_dihedral_angle_4_deg 1    17.674 15.000 ? ? 
'X-RAY DIFFRACTION' r_chiral_restr         119  0.132  0.200  ? ? 
'X-RAY DIFFRACTION' r_gen_planes_refined   1017 0.011  0.021  ? ? 
'X-RAY DIFFRACTION' r_gen_planes_other     172  0.002  0.020  ? ? 
# 
_refine_ls_shell.d_res_high                       1.8000 
_refine_ls_shell.d_res_low                        1.8470 
_refine_ls_shell.pdbx_total_number_of_bins_used   20 
_refine_ls_shell.percent_reflns_obs               90.7500 
_refine_ls_shell.number_reflns_R_work             631 
_refine_ls_shell.R_factor_all                     ? 
_refine_ls_shell.R_factor_R_work                  0.1490 
_refine_ls_shell.R_factor_R_free                  0.2310 
_refine_ls_shell.percent_reflns_R_free            ? 
_refine_ls_shell.number_reflns_R_free             26 
_refine_ls_shell.R_factor_R_free_error            0.0000 
_refine_ls_shell.number_reflns_all                657 
_refine_ls_shell.number_reflns_obs                ? 
_refine_ls_shell.pdbx_refine_id                   'X-RAY DIFFRACTION' 
# 
_struct.entry_id                     6CEF 
_struct.title                        
;Crystal structure of fragment 3-(1,3-Benzothiazol-2-yl)propanoic acid bound in the ubiquitin binding pocket of the HDAC6 zinc-finger domain
;
_struct.pdbx_model_details           ? 
_struct.pdbx_formula_weight          ? 
_struct.pdbx_formula_weight_method   ? 
_struct.pdbx_model_type_details      ? 
_struct.pdbx_CASP_flag               N 
# 
_struct_keywords.entry_id        6CEF 
_struct_keywords.text            'HISTONE DEACETYLASE, HDAC, HDAC6, UBIQUITIN, STRUCTURAL GENOMICS CONSORTIUM, SGC, HYDROLASE' 
_struct_keywords.pdbx_keywords   HYDROLASE 
# 
loop_
_struct_asym.id 
_struct_asym.pdbx_blank_PDB_chainid_flag 
_struct_asym.pdbx_modified 
_struct_asym.entity_id 
_struct_asym.details 
A N N 1 ? 
B N N 2 ? 
C N N 2 ? 
D N N 2 ? 
E N N 3 ? 
F N N 3 ? 
G N N 3 ? 
H N N 4 ? 
I N N 5 ? 
# 
loop_
_struct_conf.conf_type_id 
_struct_conf.id 
_struct_conf.pdbx_PDB_helix_id 
_struct_conf.beg_label_comp_id 
_struct_conf.beg_label_asym_id 
_struct_conf.beg_label_seq_id 
_struct_conf.pdbx_beg_PDB_ins_code 
_struct_conf.end_label_comp_id 
_struct_conf.end_label_asym_id 
_struct_conf.end_label_seq_id 
_struct_conf.pdbx_end_PDB_ins_code 
_struct_conf.beg_auth_comp_id 
_struct_conf.beg_auth_asym_id 
_struct_conf.beg_auth_seq_id 
_struct_conf.end_auth_comp_id 
_struct_conf.end_auth_asym_id 
_struct_conf.end_auth_seq_id 
_struct_conf.pdbx_PDB_helix_class 
_struct_conf.details 
_struct_conf.pdbx_PDB_helix_length 
HELX_P HELX_P1 AA1 HIS A 9  ? VAL A 13  ? HIS A 1115 VAL A 1119 5 ? 5  
HELX_P HELX_P2 AA2 GLY A 53 ? GLY A 63  ? GLY A 1159 GLY A 1169 1 ? 11 
HELX_P HELX_P3 AA3 HIS A 86 ? ALA A 88  ? HIS A 1192 ALA A 1194 5 ? 3  
HELX_P HELX_P4 AA4 LEU A 89 ? GLY A 102 ? LEU A 1195 GLY A 1208 1 ? 14 
# 
_struct_conf_type.id          HELX_P 
_struct_conf_type.criteria    ? 
_struct_conf_type.reference   ? 
# 
loop_
_struct_conn.id 
_struct_conn.conn_type_id 
_struct_conn.pdbx_leaving_atom_flag 
_struct_conn.pdbx_PDB_id 
_struct_conn.ptnr1_label_asym_id 
_struct_conn.ptnr1_label_comp_id 
_struct_conn.ptnr1_label_seq_id 
_struct_conn.ptnr1_label_atom_id 
_struct_conn.pdbx_ptnr1_label_alt_id 
_struct_conn.pdbx_ptnr1_PDB_ins_code 
_struct_conn.pdbx_ptnr1_standard_comp_id 
_struct_conn.ptnr1_symmetry 
_struct_conn.ptnr2_label_asym_id 
_struct_conn.ptnr2_label_comp_id 
_struct_conn.ptnr2_label_seq_id 
_struct_conn.ptnr2_label_atom_id 
_struct_conn.pdbx_ptnr2_label_alt_id 
_struct_conn.pdbx_ptnr2_PDB_ins_code 
_struct_conn.ptnr1_auth_asym_id 
_struct_conn.ptnr1_auth_comp_id 
_struct_conn.ptnr1_auth_seq_id 
_struct_conn.ptnr2_auth_asym_id 
_struct_conn.ptnr2_auth_comp_id 
_struct_conn.ptnr2_auth_seq_id 
_struct_conn.ptnr2_symmetry 
_struct_conn.pdbx_ptnr3_label_atom_id 
_struct_conn.pdbx_ptnr3_label_seq_id 
_struct_conn.pdbx_ptnr3_label_comp_id 
_struct_conn.pdbx_ptnr3_label_asym_id 
_struct_conn.pdbx_ptnr3_label_alt_id 
_struct_conn.pdbx_ptnr3_PDB_ins_code 
_struct_conn.details 
_struct_conn.pdbx_dist_value 
_struct_conn.pdbx_value_order 
_struct_conn.pdbx_role 
metalc1  metalc ? ? A CYS 7  SG  ? ? ? 1_555 D ZN . ZN ? ? A CYS 1113 A ZN 1303 1_555 ? ? ? ? ? ? ? 2.308 ? ? 
metalc2  metalc ? ? A HIS 9  ND1 ? ? ? 1_555 D ZN . ZN ? ? A HIS 1115 A ZN 1303 1_555 ? ? ? ? ? ? ? 2.145 ? ? 
metalc3  metalc ? ? A CYS 27 SG  ? ? ? 1_555 C ZN . ZN ? ? A CYS 1133 A ZN 1302 1_555 ? ? ? ? ? ? ? 2.368 ? ? 
metalc4  metalc ? ? A CYS 30 SG  ? ? ? 1_555 C ZN . ZN ? ? A CYS 1136 A ZN 1302 1_555 ? ? ? ? ? ? ? 2.316 ? ? 
metalc5  metalc ? ? A CYS 39 SG  ? ? ? 1_555 B ZN . ZN ? ? A CYS 1145 A ZN 1301 1_555 ? ? ? ? ? ? ? 2.297 ? ? 
metalc6  metalc ? ? A CYS 42 SG  ? ? ? 1_555 B ZN . ZN ? ? A CYS 1148 A ZN 1301 1_555 ? ? ? ? ? ? ? 2.319 ? ? 
metalc7  metalc ? ? A CYS 47 SG  ? ? ? 1_555 C ZN . ZN ? ? A CYS 1153 A ZN 1302 1_555 ? ? ? ? ? ? ? 2.321 ? ? 
metalc8  metalc ? ? A HIS 54 ND1 ? ? ? 1_555 C ZN . ZN ? ? A HIS 1160 A ZN 1302 1_555 ? ? ? ? ? ? ? 2.086 ? ? 
metalc9  metalc ? ? A HIS 58 NE2 ? ? ? 1_555 B ZN . ZN ? ? A HIS 1164 A ZN 1301 1_555 ? ? ? ? ? ? ? 2.050 ? ? 
metalc10 metalc ? ? A HIS 64 ND1 ? ? ? 1_555 B ZN . ZN ? ? A HIS 1170 A ZN 1301 1_555 ? ? ? ? ? ? ? 2.108 ? ? 
metalc11 metalc ? ? A CYS 77 SG  ? ? ? 1_555 D ZN . ZN ? ? A CYS 1183 A ZN 1303 1_555 ? ? ? ? ? ? ? 2.309 ? ? 
metalc12 metalc ? ? A CYS 80 SG  ? ? ? 1_555 D ZN . ZN ? ? A CYS 1186 A ZN 1303 1_555 ? ? ? ? ? ? ? 2.335 ? ? 
# 
_struct_conn_type.id          metalc 
_struct_conn_type.criteria    ? 
_struct_conn_type.reference   ? 
# 
_struct_sheet.id               AA1 
_struct_sheet.type             ? 
_struct_sheet.number_strands   5 
_struct_sheet.details          ? 
# 
loop_
_struct_sheet_order.sheet_id 
_struct_sheet_order.range_id_1 
_struct_sheet_order.range_id_2 
_struct_sheet_order.offset 
_struct_sheet_order.sense 
AA1 1 2 ? anti-parallel 
AA1 2 3 ? anti-parallel 
AA1 3 4 ? anti-parallel 
AA1 4 5 ? anti-parallel 
# 
loop_
_struct_sheet_range.sheet_id 
_struct_sheet_range.id 
_struct_sheet_range.beg_label_comp_id 
_struct_sheet_range.beg_label_asym_id 
_struct_sheet_range.beg_label_seq_id 
_struct_sheet_range.pdbx_beg_PDB_ins_code 
_struct_sheet_range.end_label_comp_id 
_struct_sheet_range.end_label_asym_id 
_struct_sheet_range.end_label_seq_id 
_struct_sheet_range.pdbx_end_PDB_ins_code 
_struct_sheet_range.beg_auth_comp_id 
_struct_sheet_range.beg_auth_asym_id 
_struct_sheet_range.beg_auth_seq_id 
_struct_sheet_range.end_auth_comp_id 
_struct_sheet_range.end_auth_asym_id 
_struct_sheet_range.end_auth_seq_id 
AA1 1 VAL A 45 ? CYS A 47 ? VAL A 1151 CYS A 1153 
AA1 2 ASN A 36 ? CYS A 39 ? ASN A 1142 CYS A 1145 
AA1 3 LEU A 66 ? SER A 69 ? LEU A 1172 SER A 1175 
AA1 4 ALA A 75 ? CYS A 77 ? ALA A 1181 CYS A 1183 
AA1 5 ALA A 82 ? TYR A 83 ? ALA A 1188 TYR A 1189 
# 
loop_
_pdbx_struct_sheet_hbond.sheet_id 
_pdbx_struct_sheet_hbond.range_id_1 
_pdbx_struct_sheet_hbond.range_id_2 
_pdbx_struct_sheet_hbond.range_1_label_atom_id 
_pdbx_struct_sheet_hbond.range_1_label_comp_id 
_pdbx_struct_sheet_hbond.range_1_label_asym_id 
_pdbx_struct_sheet_hbond.range_1_label_seq_id 
_pdbx_struct_sheet_hbond.range_1_PDB_ins_code 
_pdbx_struct_sheet_hbond.range_1_auth_atom_id 
_pdbx_struct_sheet_hbond.range_1_auth_comp_id 
_pdbx_struct_sheet_hbond.range_1_auth_asym_id 
_pdbx_struct_sheet_hbond.range_1_auth_seq_id 
_pdbx_struct_sheet_hbond.range_2_label_atom_id 
_pdbx_struct_sheet_hbond.range_2_label_comp_id 
_pdbx_struct_sheet_hbond.range_2_label_asym_id 
_pdbx_struct_sheet_hbond.range_2_label_seq_id 
_pdbx_struct_sheet_hbond.range_2_PDB_ins_code 
_pdbx_struct_sheet_hbond.range_2_auth_atom_id 
_pdbx_struct_sheet_hbond.range_2_auth_comp_id 
_pdbx_struct_sheet_hbond.range_2_auth_asym_id 
_pdbx_struct_sheet_hbond.range_2_auth_seq_id 
AA1 1 2 O TYR A 46 ? O TYR A 1152 N TRP A 37 ? N TRP A 1143 
AA1 2 3 N VAL A 38 ? N VAL A 1144 O LEU A 68 ? O LEU A 1174 
AA1 3 4 N VAL A 67 ? N VAL A 1173 O TRP A 76 ? O TRP A 1182 
AA1 4 5 N CYS A 77 ? N CYS A 1183 O ALA A 82 ? O ALA A 1188 
# 
loop_
_struct_site.id 
_struct_site.pdbx_evidence_code 
_struct_site.pdbx_auth_asym_id 
_struct_site.pdbx_auth_comp_id 
_struct_site.pdbx_auth_seq_id 
_struct_site.pdbx_auth_ins_code 
_struct_site.pdbx_num_residues 
_struct_site.details 
AC1 Software A ZN  1301 ? 4 'binding site for residue ZN A 1301'  
AC2 Software A ZN  1302 ? 4 'binding site for residue ZN A 1302'  
AC3 Software A ZN  1303 ? 4 'binding site for residue ZN A 1303'  
AC4 Software A EYJ 1307 ? 7 'binding site for residue EYJ A 1307' 
# 
loop_
_struct_site_gen.id 
_struct_site_gen.site_id 
_struct_site_gen.pdbx_num_res 
_struct_site_gen.label_comp_id 
_struct_site_gen.label_asym_id 
_struct_site_gen.label_seq_id 
_struct_site_gen.pdbx_auth_ins_code 
_struct_site_gen.auth_comp_id 
_struct_site_gen.auth_asym_id 
_struct_site_gen.auth_seq_id 
_struct_site_gen.label_atom_id 
_struct_site_gen.label_alt_id 
_struct_site_gen.symmetry 
_struct_site_gen.details 
1  AC1 4 CYS A 39 ? CYS A 1145 . ? 1_555 ? 
2  AC1 4 CYS A 42 ? CYS A 1148 . ? 1_555 ? 
3  AC1 4 HIS A 58 ? HIS A 1164 . ? 1_555 ? 
4  AC1 4 HIS A 64 ? HIS A 1170 . ? 1_555 ? 
5  AC2 4 CYS A 27 ? CYS A 1133 . ? 1_555 ? 
6  AC2 4 CYS A 30 ? CYS A 1136 . ? 1_555 ? 
7  AC2 4 CYS A 47 ? CYS A 1153 . ? 1_555 ? 
8  AC2 4 HIS A 54 ? HIS A 1160 . ? 1_555 ? 
9  AC3 4 CYS A 7  ? CYS A 1113 . ? 1_555 ? 
10 AC3 4 HIS A 9  ? HIS A 1115 . ? 1_555 ? 
11 AC3 4 CYS A 77 ? CYS A 1183 . ? 1_555 ? 
12 AC3 4 CYS A 80 ? CYS A 1186 . ? 1_555 ? 
13 AC4 7 TRP A 37 ? TRP A 1143 . ? 1_555 ? 
14 AC4 7 GLY A 48 ? GLY A 1154 . ? 1_555 ? 
15 AC4 7 ARG A 49 ? ARG A 1155 . ? 1_555 ? 
16 AC4 7 TRP A 76 ? TRP A 1182 . ? 1_555 ? 
17 AC4 7 TYR A 78 ? TYR A 1184 . ? 1_555 ? 
18 AC4 7 TYR A 83 ? TYR A 1189 . ? 1_555 ? 
19 AC4 7 HOH I .  ? HOH A 1413 . ? 1_555 ? 
# 
_atom_sites.entry_id                    6CEF 
_atom_sites.fract_transf_matrix[1][1]   0.02090057 
_atom_sites.fract_transf_matrix[1][2]   -0.01147252 
_atom_sites.fract_transf_matrix[1][3]   0.00593568 
_atom_sites.fract_transf_matrix[2][1]   0.01161795 
_atom_sites.fract_transf_matrix[2][2]   0.01891235 
_atom_sites.fract_transf_matrix[2][3]   -0.00435493 
_atom_sites.fract_transf_matrix[3][1]   -0.00200063 
_atom_sites.fract_transf_matrix[3][2]   0.00513782 
_atom_sites.fract_transf_matrix[3][3]   0.01697502 
_atom_sites.fract_transf_vector[1]      0.187043 
_atom_sites.fract_transf_vector[2]      -0.092370 
_atom_sites.fract_transf_vector[3]      0.160418 
# 
loop_
_atom_type.symbol 
C  
N  
O  
S  
X  
ZN 
# 
loop_
_atom_site.group_PDB 
_atom_site.id 
_atom_site.type_symbol 
_atom_site.label_atom_id 
_atom_site.label_alt_id 
_atom_site.label_comp_id 
_atom_site.label_asym_id 
_atom_site.label_entity_id 
_atom_site.label_seq_id 
_atom_site.pdbx_PDB_ins_code 
_atom_site.Cartn_x 
_atom_site.Cartn_y 
_atom_site.Cartn_z 
_atom_site.occupancy 
_atom_site.B_iso_or_equiv 
_atom_site.pdbx_formal_charge 
_atom_site.auth_seq_id 
_atom_site.auth_comp_id 
_atom_site.auth_asym_id 
_atom_site.auth_atom_id 
_atom_site.pdbx_PDB_model_num 
ATOM   1   N  N   . PRO A 1 3   ? -15.273 4.944   -4.791  1.00 23.09 ? 1109 PRO A N   1 
ATOM   2   C  CA  . PRO A 1 3   ? -14.280 3.859   -5.012  1.00 20.68 ? 1109 PRO A CA  1 
ATOM   3   C  C   . PRO A 1 3   ? -14.830 2.641   -5.744  1.00 20.45 ? 1109 PRO A C   1 
ATOM   4   O  O   . PRO A 1 3   ? -15.978 2.187   -5.483  1.00 19.83 ? 1109 PRO A O   1 
ATOM   5   C  CB  . PRO A 1 3   ? -14.028 3.287   -3.639  1.00 23.28 ? 1109 PRO A CB  1 
ATOM   6   C  CG  . PRO A 1 3   ? -15.306 3.549   -2.937  1.00 24.52 ? 1109 PRO A CG  1 
ATOM   7   C  CD  . PRO A 1 3   ? -15.689 4.942   -3.391  1.00 26.17 ? 1109 PRO A CD  1 
ATOM   8   N  N   . LEU A 1 4   ? -13.941 2.022   -6.497  1.00 13.36 ? 1110 LEU A N   1 
ATOM   9   C  CA  . LEU A 1 4   ? -14.352 0.966   -7.411  1.00 12.90 ? 1110 LEU A CA  1 
ATOM   10  C  C   . LEU A 1 4   ? -14.542 -0.308  -6.616  1.00 12.86 ? 1110 LEU A C   1 
ATOM   11  O  O   . LEU A 1 4   ? -13.689 -0.655  -5.771  1.00 12.85 ? 1110 LEU A O   1 
ATOM   12  C  CB  . LEU A 1 4   ? -13.232 0.749   -8.438  1.00 11.77 ? 1110 LEU A CB  1 
ATOM   13  C  CG  . LEU A 1 4   ? -12.887 1.884   -9.365  1.00 12.84 ? 1110 LEU A CG  1 
ATOM   14  C  CD1 . LEU A 1 4   ? -11.630 1.629   -10.170 1.00 14.19 ? 1110 LEU A CD1 1 
ATOM   15  C  CD2 . LEU A 1 4   ? -14.025 2.133   -10.311 1.00 14.88 ? 1110 LEU A CD2 1 
ATOM   16  N  N   . PRO A 1 5   ? -15.555 -1.129  -6.987  1.00 13.03 ? 1111 PRO A N   1 
ATOM   17  C  CA  . PRO A 1 5   ? -15.681 -2.422  -6.377  1.00 13.15 ? 1111 PRO A CA  1 
ATOM   18  C  C   . PRO A 1 5   ? -14.833 -3.533  -6.974  1.00 12.26 ? 1111 PRO A C   1 
ATOM   19  O  O   . PRO A 1 5   ? -14.906 -4.677  -6.493  1.00 13.02 ? 1111 PRO A O   1 
ATOM   20  C  CB  . PRO A 1 5   ? -17.191 -2.732  -6.632  1.00 15.95 ? 1111 PRO A CB  1 
ATOM   21  C  CG  . PRO A 1 5   ? -17.458 -2.115  -7.964  1.00 13.95 ? 1111 PRO A CG  1 
ATOM   22  C  CD  . PRO A 1 5   ? -16.606 -0.854  -7.987  1.00 14.34 ? 1111 PRO A CD  1 
ATOM   23  N  N   . TRP A 1 6   ? -13.987 -3.217  -7.954  1.00 11.02 ? 1112 TRP A N   1 
ATOM   24  C  CA  . TRP A 1 6   ? -13.085 -4.159  -8.610  1.00 9.85  ? 1112 TRP A CA  1 
ATOM   25  C  C   . TRP A 1 6   ? -12.138 -3.331  -9.463  1.00 9.61  ? 1112 TRP A C   1 
ATOM   26  O  O   . TRP A 1 6   ? -12.506 -2.231  -9.945  1.00 11.29 ? 1112 TRP A O   1 
ATOM   27  C  CB  . TRP A 1 6   ? -13.915 -5.129  -9.520  1.00 9.11  ? 1112 TRP A CB  1 
ATOM   28  C  CG  . TRP A 1 6   ? -13.147 -6.255  -10.210 1.00 8.71  ? 1112 TRP A CG  1 
ATOM   29  C  CD1 . TRP A 1 6   ? -12.837 -7.457  -9.667  1.00 9.64  ? 1112 TRP A CD1 1 
ATOM   30  C  CD2 . TRP A 1 6   ? -12.516 -6.237  -11.495 1.00 9.00  ? 1112 TRP A CD2 1 
ATOM   31  N  NE1 . TRP A 1 6   ? -12.069 -8.207  -10.507 1.00 9.95  ? 1112 TRP A NE1 1 
ATOM   32  C  CE2 . TRP A 1 6   ? -11.843 -7.506  -11.653 1.00 9.48  ? 1112 TRP A CE2 1 
ATOM   33  C  CE3 . TRP A 1 6   ? -12.467 -5.307  -12.551 1.00 9.77  ? 1112 TRP A CE3 1 
ATOM   34  C  CZ2 . TRP A 1 6   ? -11.186 -7.851  -12.783 1.00 10.13 ? 1112 TRP A CZ2 1 
ATOM   35  C  CZ3 . TRP A 1 6   ? -11.792 -5.670  -13.699 1.00 9.90  ? 1112 TRP A CZ3 1 
ATOM   36  C  CH2 . TRP A 1 6   ? -11.203 -6.959  -13.824 1.00 9.53  ? 1112 TRP A CH2 1 
ATOM   37  N  N   . CYS A 1 7   ? -10.962 -3.881  -9.756  1.00 9.25  ? 1113 CYS A N   1 
ATOM   38  C  CA  . CYS A 1 7   ? -10.150 -3.374  -10.874 1.00 8.64  ? 1113 CYS A CA  1 
ATOM   39  C  C   . CYS A 1 7   ? -9.299  -4.471  -11.466 1.00 8.36  ? 1113 CYS A C   1 
ATOM   40  O  O   . CYS A 1 7   ? -9.118  -5.509  -10.829 1.00 8.40  ? 1113 CYS A O   1 
ATOM   41  C  CB  . CYS A 1 7   ? -9.321  -2.164  -10.479 1.00 7.78  ? 1113 CYS A CB  1 
ATOM   42  S  SG  . CYS A 1 7   ? -7.570  -2.455  -10.015 1.00 7.39  ? 1113 CYS A SG  1 
ATOM   43  N  N   . PRO A 1 8   ? -8.832  -4.250  -12.701 1.00 10.06 ? 1114 PRO A N   1 
ATOM   44  C  CA  . PRO A 1 8   ? -8.181  -5.319  -13.420 1.00 10.48 ? 1114 PRO A CA  1 
ATOM   45  C  C   . PRO A 1 8   ? -6.754  -5.582  -12.933 1.00 10.37 ? 1114 PRO A C   1 
ATOM   46  O  O   . PRO A 1 8   ? -6.113  -6.460  -13.498 1.00 9.48  ? 1114 PRO A O   1 
ATOM   47  C  CB  . PRO A 1 8   ? -8.192  -4.842  -14.876 1.00 11.78 ? 1114 PRO A CB  1 
ATOM   48  C  CG  . PRO A 1 8   ? -8.328  -3.352  -14.802 1.00 11.04 ? 1114 PRO A CG  1 
ATOM   49  C  CD  . PRO A 1 8   ? -9.223  -3.147  -13.574 1.00 10.36 ? 1114 PRO A CD  1 
ATOM   50  N  N   . HIS A 1 9   ? -6.289  -4.822  -11.937 1.00 8.82  ? 1115 HIS A N   1 
ATOM   51  C  CA  . HIS A 1 9   ? -4.988  -5.061  -11.294 1.00 8.76  ? 1115 HIS A CA  1 
ATOM   52  C  C   . HIS A 1 9   ? -5.039  -5.850  -10.024 1.00 9.11  ? 1115 HIS A C   1 
ATOM   53  O  O   . HIS A 1 9   ? -3.956  -6.154  -9.446  1.00 9.05  ? 1115 HIS A O   1 
ATOM   54  C  CB  . HIS A 1 9   ? -4.260  -3.753  -11.131 1.00 8.56  ? 1115 HIS A CB  1 
ATOM   55  C  CG  . HIS A 1 9   ? -4.223  -2.987  -12.416 1.00 8.39  ? 1115 HIS A CG  1 
ATOM   56  N  ND1 . HIS A 1 9   ? -5.184  -2.041  -12.736 1.00 8.74  ? 1115 HIS A ND1 1 
ATOM   57  C  CD2 . HIS A 1 9   ? -3.474  -3.171  -13.548 1.00 9.10  ? 1115 HIS A CD2 1 
ATOM   58  C  CE1 . HIS A 1 9   ? -4.973  -1.629  -13.995 1.00 9.23  ? 1115 HIS A CE1 1 
ATOM   59  N  NE2 . HIS A 1 9   ? -3.920  -2.274  -14.499 1.00 8.55  ? 1115 HIS A NE2 1 
ATOM   60  N  N   . LEU A 1 10  ? -6.224  -6.159  -9.527  1.00 8.95  ? 1116 LEU A N   1 
ATOM   61  C  CA  . LEU A 1 10  ? -6.342  -7.021  -8.302  1.00 10.65 ? 1116 LEU A CA  1 
ATOM   62  C  C   . LEU A 1 10  ? -5.601  -8.358  -8.434  1.00 11.60 ? 1116 LEU A C   1 
ATOM   63  O  O   . LEU A 1 10  ? -5.098  -8.884  -7.403  1.00 10.34 ? 1116 LEU A O   1 
ATOM   64  C  CB  . LEU A 1 10  ? -7.814  -7.279  -7.896  1.00 10.54 ? 1116 LEU A CB  1 
ATOM   65  C  CG  . LEU A 1 10  ? -8.584  -6.075  -7.407  1.00 10.85 ? 1116 LEU A CG  1 
ATOM   66  C  CD1 . LEU A 1 10  ? -10.064 -6.364  -7.269  1.00 10.41 ? 1116 LEU A CD1 1 
ATOM   67  C  CD2 . LEU A 1 10  ? -7.981  -5.563  -6.086  1.00 10.48 ? 1116 LEU A CD2 1 
ATOM   68  N  N   . VAL A 1 11  ? -5.419  -8.844  -9.668  1.00 11.61 ? 1117 VAL A N   1 
ATOM   69  C  CA  . VAL A 1 11  ? -4.647  -10.073 -9.888  1.00 14.91 ? 1117 VAL A CA  1 
ATOM   70  C  C   . VAL A 1 11  ? -3.189  -9.941  -9.471  1.00 15.33 ? 1117 VAL A C   1 
ATOM   71  O  O   . VAL A 1 11  ? -2.562  -10.903 -9.293  1.00 15.02 ? 1117 VAL A O   1 
ATOM   72  C  CB  . VAL A 1 11  ? -4.662  -10.544 -11.326 1.00 15.88 ? 1117 VAL A CB  1 
ATOM   73  C  CG1 . VAL A 1 11  ? -6.024  -11.065 -11.661 1.00 17.42 ? 1117 VAL A CG1 1 
ATOM   74  C  CG2 . VAL A 1 11  ? -4.250  -9.433  -12.288 1.00 17.18 ? 1117 VAL A CG2 1 
ATOM   75  N  N   . ALA A 1 12  ? -2.671  -8.718  -9.310  1.00 13.82 ? 1118 ALA A N   1 
ATOM   76  C  CA  . ALA A 1 12  ? -1.302  -8.521  -8.917  1.00 13.31 ? 1118 ALA A CA  1 
ATOM   77  C  C   . ALA A 1 12  ? -1.105  -8.391  -7.421  1.00 11.30 ? 1118 ALA A C   1 
ATOM   78  O  O   . ALA A 1 12  ? 0.023   -8.204  -6.993  1.00 12.33 ? 1118 ALA A O   1 
ATOM   79  C  CB  . ALA A 1 12  ? -0.777  -7.277  -9.680  1.00 13.25 ? 1118 ALA A CB  1 
ATOM   80  N  N   . VAL A 1 13  ? -2.180  -8.453  -6.618  1.00 10.89 ? 1119 VAL A N   1 
ATOM   81  C  CA  . VAL A 1 13  ? -2.097  -8.474  -5.140  1.00 10.72 ? 1119 VAL A CA  1 
ATOM   82  C  C   . VAL A 1 13  ? -1.520  -9.825  -4.692  1.00 12.40 ? 1119 VAL A C   1 
ATOM   83  O  O   . VAL A 1 13  ? -2.036  -10.908 -5.089  1.00 13.02 ? 1119 VAL A O   1 
ATOM   84  C  CB  . VAL A 1 13  ? -3.459  -8.189  -4.468  1.00 11.33 ? 1119 VAL A CB  1 
ATOM   85  C  CG1 . VAL A 1 13  ? -3.467  -8.353  -2.953  1.00 11.31 ? 1119 VAL A CG1 1 
ATOM   86  C  CG2 . VAL A 1 13  ? -3.916  -6.788  -4.849  1.00 11.01 ? 1119 VAL A CG2 1 
ATOM   87  N  N   . CYS A 1 14  ? -0.424  -9.780  -3.941  1.00 10.40 ? 1120 CYS A N   1 
ATOM   88  C  CA  . CYS A 1 14  ? 0.311   -10.988 -3.605  1.00 11.40 ? 1120 CYS A CA  1 
ATOM   89  C  C   . CYS A 1 14  ? 0.043   -11.382 -2.137  1.00 11.94 ? 1120 CYS A C   1 
ATOM   90  O  O   . CYS A 1 14  ? -0.484  -10.638 -1.298  1.00 13.08 ? 1120 CYS A O   1 
ATOM   91  C  CB  . CYS A 1 14  ? 1.777   -10.857 -3.937  1.00 10.52 ? 1120 CYS A CB  1 
ATOM   92  S  SG  . CYS A 1 14  ? 2.146   -10.620 -5.691  1.00 11.27 ? 1120 CYS A SG  1 
ATOM   93  N  N   . PRO A 1 15  ? 0.374   -12.631 -1.798  1.00 13.02 ? 1121 PRO A N   1 
ATOM   94  C  CA  . PRO A 1 15  ? 0.199   -13.016 -0.418  1.00 13.61 ? 1121 PRO A CA  1 
ATOM   95  C  C   . PRO A 1 15  ? 0.995   -12.202 0.588   1.00 13.43 ? 1121 PRO A C   1 
ATOM   96  O  O   . PRO A 1 15  ? 2.152   -11.790 0.376   1.00 14.16 ? 1121 PRO A O   1 
ATOM   97  C  CB  . PRO A 1 15  ? 0.733   -14.483 -0.380  1.00 12.90 ? 1121 PRO A CB  1 
ATOM   98  C  CG  . PRO A 1 15  ? 0.627   -14.915 -1.760  1.00 12.06 ? 1121 PRO A CG  1 
ATOM   99  C  CD  . PRO A 1 15  ? 0.855   -13.743 -2.626  1.00 12.80 ? 1121 PRO A CD  1 
ATOM   100 N  N   . ILE A 1 16  ? 0.355   -12.035 1.727   1.00 15.13 ? 1122 ILE A N   1 
ATOM   101 C  CA  . ILE A 1 16  ? 0.914   -11.252 2.812   1.00 16.18 ? 1122 ILE A CA  1 
ATOM   102 C  C   . ILE A 1 16  ? 2.097   -12.007 3.428   1.00 17.25 ? 1122 ILE A C   1 
ATOM   103 O  O   . ILE A 1 16  ? 1.974   -13.232 3.708   1.00 17.32 ? 1122 ILE A O   1 
ATOM   104 C  CB  . ILE A 1 16  ? -0.082  -11.033 3.949   1.00 19.50 ? 1122 ILE A CB  1 
ATOM   105 C  CG1 . ILE A 1 16  ? -1.353  -10.402 3.405   1.00 20.01 ? 1122 ILE A CG1 1 
ATOM   106 C  CG2 . ILE A 1 16  ? 0.544   -10.105 4.979   1.00 22.61 ? 1122 ILE A CG2 1 
ATOM   107 N  N   . PRO A 1 17  ? 3.223   -11.321 3.608   1.00 14.11 ? 1123 PRO A N   1 
ATOM   108 C  CA  . PRO A 1 17  ? 4.348   -12.025 4.269   1.00 15.12 ? 1123 PRO A CA  1 
ATOM   109 C  C   . PRO A 1 17  ? 3.940   -12.547 5.647   1.00 14.14 ? 1123 PRO A C   1 
ATOM   110 O  O   . PRO A 1 17  ? 3.144   -11.903 6.342   1.00 14.21 ? 1123 PRO A O   1 
ATOM   111 C  CB  . PRO A 1 17  ? 5.422   -10.972 4.382   1.00 16.11 ? 1123 PRO A CB  1 
ATOM   112 C  CG  . PRO A 1 17  ? 5.093   -9.979  3.302   1.00 14.91 ? 1123 PRO A CG  1 
ATOM   113 C  CD  . PRO A 1 17  ? 3.639   -9.972  3.139   1.00 15.14 ? 1123 PRO A CD  1 
ATOM   114 N  N   . ALA A 1 18  ? 4.493   -13.712 6.006   1.00 14.89 ? 1124 ALA A N   1 
ATOM   115 C  CA  . ALA A 1 18  ? 4.225   -14.359 7.284   1.00 15.03 ? 1124 ALA A CA  1 
ATOM   116 C  C   . ALA A 1 18  ? 4.766   -13.449 8.424   1.00 15.71 ? 1124 ALA A C   1 
ATOM   117 O  O   . ALA A 1 18  ? 4.269   -13.512 9.538   1.00 16.45 ? 1124 ALA A O   1 
ATOM   118 C  CB  . ALA A 1 18  ? 4.887   -15.737 7.346   1.00 14.53 ? 1124 ALA A CB  1 
ATOM   119 N  N   . ALA A 1 19  ? 5.704   -12.597 8.127   1.00 15.33 ? 1125 ALA A N   1 
ATOM   120 C  CA  . ALA A 1 19  ? 6.132   -11.585 9.116   1.00 19.92 ? 1125 ALA A CA  1 
ATOM   121 C  C   . ALA A 1 19  ? 4.991   -10.588 9.489   1.00 21.10 ? 1125 ALA A C   1 
ATOM   122 O  O   . ALA A 1 19  ? 5.014   -9.925  10.551  1.00 22.25 ? 1125 ALA A O   1 
ATOM   123 C  CB  . ALA A 1 19  ? 7.385   -10.865 8.634   1.00 21.68 ? 1125 ALA A CB  1 
ATOM   124 N  N   . GLY A 1 20  ? 3.975   -10.493 8.648   1.00 16.18 ? 1126 GLY A N   1 
ATOM   125 C  CA  . GLY A 1 20  ? 2.903   -9.535  8.848   1.00 16.68 ? 1126 GLY A CA  1 
ATOM   126 C  C   . GLY A 1 20  ? 3.307   -8.105  8.384   1.00 16.41 ? 1126 GLY A C   1 
ATOM   127 O  O   . GLY A 1 20  ? 4.360   -7.883  7.698   1.00 13.94 ? 1126 GLY A O   1 
ATOM   128 N  N   . LEU A 1 21  ? 2.436   -7.156  8.713   1.00 13.06 ? 1127 LEU A N   1 
ATOM   129 C  CA  . LEU A 1 21  ? 2.703   -5.734  8.327   1.00 12.95 ? 1127 LEU A CA  1 
ATOM   130 C  C   . LEU A 1 21  ? 3.077   -4.936  9.555   1.00 12.97 ? 1127 LEU A C   1 
ATOM   131 O  O   . LEU A 1 21  ? 2.585   -5.233  10.650  1.00 12.47 ? 1127 LEU A O   1 
ATOM   132 C  CB  . LEU A 1 21  ? 1.431   -5.102  7.740   1.00 13.45 ? 1127 LEU A CB  1 
ATOM   133 C  CG  . LEU A 1 21  ? 0.930   -5.870  6.522   1.00 14.19 ? 1127 LEU A CG  1 
ATOM   134 C  CD1 . LEU A 1 21  ? -0.423  -5.353  6.173   1.00 14.66 ? 1127 LEU A CD1 1 
ATOM   135 C  CD2 . LEU A 1 21  ? 1.946   -5.814  5.388   1.00 15.46 ? 1127 LEU A CD2 1 
ATOM   136 N  N   . ASP A 1 22  ? 3.875   -3.874  9.351   1.00 12.18 ? 1128 ASP A N   1 
ATOM   137 C  CA  . ASP A 1 22  ? 4.229   -2.929  10.417  1.00 12.09 ? 1128 ASP A CA  1 
ATOM   138 C  C   . ASP A 1 22  ? 3.816   -1.549  9.947   1.00 9.55  ? 1128 ASP A C   1 
ATOM   139 O  O   . ASP A 1 22  ? 4.502   -0.984  9.117   1.00 8.72  ? 1128 ASP A O   1 
ATOM   140 C  CB  . ASP A 1 22  ? 5.723   -2.923  10.701  1.00 12.46 ? 1128 ASP A CB  1 
ATOM   141 C  CG  . ASP A 1 22  ? 6.119   -1.891  11.744  1.00 13.89 ? 1128 ASP A CG  1 
ATOM   142 O  OD1 . ASP A 1 22  ? 5.263   -1.155  12.292  1.00 12.53 ? 1128 ASP A OD1 1 
ATOM   143 O  OD2 . ASP A 1 22  ? 7.321   -1.799  12.002  1.00 18.71 ? 1128 ASP A OD2 1 
ATOM   144 N  N   . VAL A 1 23  ? 2.692   -1.065  10.435  1.00 8.19  ? 1129 VAL A N   1 
ATOM   145 C  CA  . VAL A 1 23  ? 2.119   0.194   9.955   1.00 9.01  ? 1129 VAL A CA  1 
ATOM   146 C  C   . VAL A 1 23  ? 2.970   1.427   10.335  1.00 8.72  ? 1129 VAL A C   1 
ATOM   147 O  O   . VAL A 1 23  ? 2.756   2.513   9.791   1.00 8.65  ? 1129 VAL A O   1 
ATOM   148 C  CB  . VAL A 1 23  ? 0.643   0.467   10.421  1.00 10.04 ? 1129 VAL A CB  1 
ATOM   149 C  CG1 . VAL A 1 23  ? -0.275  -0.650  9.884   1.00 12.14 ? 1129 VAL A CG1 1 
ATOM   150 C  CG2 . VAL A 1 23  ? 0.545   0.722   11.900  1.00 10.58 ? 1129 VAL A CG2 1 
ATOM   151 N  N   . THR A 1 24  ? 3.903   1.225   11.269  1.00 8.96  ? 1130 THR A N   1 
ATOM   152 C  CA  . THR A 1 24  ? 4.884   2.286   11.631  1.00 10.11 ? 1130 THR A CA  1 
ATOM   153 C  C   . THR A 1 24  ? 6.229   2.167   10.889  1.00 10.09 ? 1130 THR A C   1 
ATOM   154 O  O   . THR A 1 24  ? 7.127   2.973   11.123  1.00 12.17 ? 1130 THR A O   1 
ATOM   155 C  CB  . THR A 1 24  ? 5.143   2.346   13.118  1.00 10.58 ? 1130 THR A CB  1 
ATOM   156 O  OG1 . THR A 1 24  ? 5.905   1.218   13.528  1.00 9.84  ? 1130 THR A OG1 1 
ATOM   157 C  CG2 . THR A 1 24  ? 3.881   2.404   13.880  1.00 10.90 ? 1130 THR A CG2 1 
ATOM   158 N  N   . GLN A 1 25  ? 6.319   1.301   9.893   1.00 9.75  ? 1131 GLN A N   1 
ATOM   159 C  CA  . GLN A 1 25  ? 7.545   1.137   9.117   1.00 10.29 ? 1131 GLN A CA  1 
ATOM   160 C  C   . GLN A 1 25  ? 7.856   2.451   8.354   1.00 11.69 ? 1131 GLN A C   1 
ATOM   161 O  O   . GLN A 1 25  ? 6.979   2.998   7.718   1.00 11.43 ? 1131 GLN A O   1 
ATOM   162 C  CB  . GLN A 1 25  ? 7.379   0.027   8.103   1.00 9.98  ? 1131 GLN A CB  1 
ATOM   163 C  CG  . GLN A 1 25  ? 8.634   -0.369  7.378   1.00 9.57  ? 1131 GLN A CG  1 
ATOM   164 C  CD  . GLN A 1 25  ? 8.538   -1.711  6.641   1.00 10.11 ? 1131 GLN A CD  1 
ATOM   165 O  OE1 . GLN A 1 25  ? 7.794   -2.612  7.058   1.00 10.58 ? 1131 GLN A OE1 1 
ATOM   166 N  NE2 . GLN A 1 25  ? 9.302   -1.857  5.555   1.00 8.83  ? 1131 GLN A NE2 1 
ATOM   167 N  N   . PRO A 1 26  ? 9.115   2.893   8.362   1.00 10.95 ? 1132 PRO A N   1 
ATOM   168 C  CA  . PRO A 1 26  ? 9.426   4.111   7.596   1.00 10.83 ? 1132 PRO A CA  1 
ATOM   169 C  C   . PRO A 1 26  ? 9.569   3.915   6.108   1.00 9.95  ? 1132 PRO A C   1 
ATOM   170 O  O   . PRO A 1 26  ? 9.713   2.771   5.665   1.00 8.99  ? 1132 PRO A O   1 
ATOM   171 C  CB  . PRO A 1 26  ? 10.713  4.568   8.239   1.00 11.68 ? 1132 PRO A CB  1 
ATOM   172 C  CG  . PRO A 1 26  ? 11.391  3.292   8.672   1.00 12.88 ? 1132 PRO A CG  1 
ATOM   173 C  CD  . PRO A 1 26  ? 10.272  2.392   9.143   1.00 11.61 ? 1132 PRO A CD  1 
ATOM   174 N  N   . CYS A 1 27  ? 9.639   5.021   5.367   1.00 9.21  ? 1133 CYS A N   1 
ATOM   175 C  CA  . CYS A 1 27  ? 9.825   4.942   3.955   1.00 9.19  ? 1133 CYS A CA  1 
ATOM   176 C  C   . CYS A 1 27  ? 11.152  4.249   3.677   1.00 9.52  ? 1133 CYS A C   1 
ATOM   177 O  O   . CYS A 1 27  ? 12.185  4.686   4.228   1.00 9.36  ? 1133 CYS A O   1 
ATOM   178 C  CB  . CYS A 1 27  ? 9.864   6.294   3.325   1.00 9.42  ? 1133 CYS A CB  1 
ATOM   179 S  SG  . CYS A 1 27  ? 10.203  6.356   1.552   1.00 7.59  ? 1133 CYS A SG  1 
ATOM   180 N  N   . GLY A 1 28  ? 11.154  3.293   2.774   1.00 8.77  ? 1134 GLY A N   1 
ATOM   181 C  CA  . GLY A 1 28  ? 12.410  2.616   2.411   1.00 10.42 ? 1134 GLY A CA  1 
ATOM   182 C  C   . GLY A 1 28  ? 13.470  3.454   1.717   1.00 11.53 ? 1134 GLY A C   1 
ATOM   183 O  O   . GLY A 1 28  ? 14.631  3.007   1.646   1.00 12.69 ? 1134 GLY A O   1 
ATOM   184 N  N   A ASP A 1 29  ? 13.107  4.618   1.200   0.70 12.09 ? 1135 ASP A N   1 
ATOM   185 N  N   B ASP A 1 29  ? 13.078  4.582   1.150   0.30 11.48 ? 1135 ASP A N   1 
ATOM   186 C  CA  A ASP A 1 29  ? 14.041  5.534   0.494   0.70 13.40 ? 1135 ASP A CA  1 
ATOM   187 C  CA  B ASP A 1 29  ? 14.012  5.490   0.522   0.30 11.80 ? 1135 ASP A CA  1 
ATOM   188 C  C   A ASP A 1 29  ? 14.479  6.672   1.421   0.70 12.74 ? 1135 ASP A C   1 
ATOM   189 C  C   B ASP A 1 29  ? 14.438  6.519   1.574   0.30 11.58 ? 1135 ASP A C   1 
ATOM   190 O  O   A ASP A 1 29  ? 15.682  6.881   1.696   0.70 14.20 ? 1135 ASP A O   1 
ATOM   191 O  O   B ASP A 1 29  ? 15.552  6.430   2.125   0.30 11.86 ? 1135 ASP A O   1 
ATOM   192 C  CB  A ASP A 1 29  ? 13.396  6.111   -0.762  0.70 13.76 ? 1135 ASP A CB  1 
ATOM   193 C  CB  B ASP A 1 29  ? 13.377  6.102   -0.720  0.30 11.76 ? 1135 ASP A CB  1 
ATOM   194 C  CG  A ASP A 1 29  ? 13.287  5.122   -1.893  0.70 16.18 ? 1135 ASP A CG  1 
ATOM   195 C  CG  B ASP A 1 29  ? 14.384  6.790   -1.595  0.30 12.14 ? 1135 ASP A CG  1 
ATOM   196 O  OD1 A ASP A 1 29  ? 14.036  4.092   -1.917  0.70 16.73 ? 1135 ASP A OD1 1 
ATOM   197 O  OD1 B ASP A 1 29  ? 15.251  7.475   -1.063  0.30 12.03 ? 1135 ASP A OD1 1 
ATOM   198 O  OD2 A ASP A 1 29  ? 12.452  5.428   -2.786  0.70 16.19 ? 1135 ASP A OD2 1 
ATOM   199 O  OD2 B ASP A 1 29  ? 14.301  6.644   -2.813  0.30 13.46 ? 1135 ASP A OD2 1 
ATOM   200 N  N   . CYS A 1 30  ? 13.543  7.429   1.941   1.00 11.18 ? 1136 CYS A N   1 
ATOM   201 C  CA  . CYS A 1 30  ? 13.966  8.605   2.757   1.00 10.53 ? 1136 CYS A CA  1 
ATOM   202 C  C   . CYS A 1 30  ? 13.858  8.466   4.264   1.00 10.92 ? 1136 CYS A C   1 
ATOM   203 O  O   . CYS A 1 30  ? 14.270  9.376   5.037   1.00 10.47 ? 1136 CYS A O   1 
ATOM   204 C  CB  . CYS A 1 30  ? 13.153  9.799   2.315   1.00 10.55 ? 1136 CYS A CB  1 
ATOM   205 S  SG  . CYS A 1 30  ? 11.393  9.799   2.698   1.00 9.48  ? 1136 CYS A SG  1 
ATOM   206 N  N   . GLY A 1 31  ? 13.271  7.365   4.749   1.00 9.80  ? 1137 GLY A N   1 
ATOM   207 C  CA  . GLY A 1 31  ? 13.124  7.132   6.185   1.00 10.24 ? 1137 GLY A CA  1 
ATOM   208 C  C   . GLY A 1 31  ? 12.037  7.915   6.893   1.00 9.77  ? 1137 GLY A C   1 
ATOM   209 O  O   . GLY A 1 31  ? 11.924  7.811   8.114   1.00 10.44 ? 1137 GLY A O   1 
ATOM   210 N  N   . THR A 1 32  ? 11.247  8.723   6.199   1.00 8.96  ? 1138 THR A N   1 
ATOM   211 C  CA  . THR A 1 32  ? 10.154  9.453   6.883   1.00 9.63  ? 1138 THR A CA  1 
ATOM   212 C  C   . THR A 1 32  ? 9.214   8.497   7.534   1.00 10.53 ? 1138 THR A C   1 
ATOM   213 O  O   . THR A 1 32  ? 8.953   7.375   7.013   1.00 9.74  ? 1138 THR A O   1 
ATOM   214 C  CB  . THR A 1 32  ? 9.366   10.396  5.959   1.00 10.32 ? 1138 THR A CB  1 
ATOM   215 O  OG1 . THR A 1 32  ? 8.390   11.133  6.702   1.00 10.45 ? 1138 THR A OG1 1 
ATOM   216 C  CG2 . THR A 1 32  ? 8.627   9.638   4.865   1.00 10.30 ? 1138 THR A CG2 1 
ATOM   217 N  N   . ILE A 1 33  ? 8.685   8.933   8.680   1.00 11.29 ? 1139 ILE A N   1 
ATOM   218 C  CA  . ILE A 1 33  ? 7.649   8.167   9.360   1.00 13.07 ? 1139 ILE A CA  1 
ATOM   219 C  C   . ILE A 1 33  ? 6.267   8.603   8.939   1.00 13.23 ? 1139 ILE A C   1 
ATOM   220 O  O   . ILE A 1 33  ? 5.320   7.986   9.395   1.00 14.29 ? 1139 ILE A O   1 
ATOM   221 C  CB  . ILE A 1 33  ? 7.786   8.185   10.879  1.00 16.07 ? 1139 ILE A CB  1 
ATOM   222 C  CG1 . ILE A 1 33  ? 7.517   9.572   11.500  1.00 19.40 ? 1139 ILE A CG1 1 
ATOM   223 C  CG2 . ILE A 1 33  ? 9.194   7.617   11.223  1.00 18.60 ? 1139 ILE A CG2 1 
ATOM   224 C  CD1 . ILE A 1 33  ? 7.660   9.535   13.053  1.00 19.91 ? 1139 ILE A CD1 1 
ATOM   225 N  N   . GLN A 1 34  ? 6.157   9.590   8.045   1.00 12.92 ? 1140 GLN A N   1 
ATOM   226 C  CA  . GLN A 1 34  ? 4.892   10.211  7.700   1.00 12.56 ? 1140 GLN A CA  1 
ATOM   227 C  C   . GLN A 1 34  ? 4.276   9.684   6.370   1.00 11.48 ? 1140 GLN A C   1 
ATOM   228 O  O   . GLN A 1 34  ? 4.994   9.526   5.393   1.00 11.51 ? 1140 GLN A O   1 
ATOM   229 C  CB  . GLN A 1 34  ? 5.060   11.724  7.545   1.00 13.66 ? 1140 GLN A CB  1 
ATOM   230 C  CG  . GLN A 1 34  ? 5.616   12.383  8.796   1.00 17.50 ? 1140 GLN A CG  1 
ATOM   231 C  CD  . GLN A 1 34  ? 5.681   13.900  8.636   1.00 18.56 ? 1140 GLN A CD  1 
ATOM   232 O  OE1 . GLN A 1 34  ? 4.678   14.486  8.334   1.00 21.02 ? 1140 GLN A OE1 1 
ATOM   233 N  NE2 . GLN A 1 34  ? 6.816   14.490  8.834   1.00 21.28 ? 1140 GLN A NE2 1 
ATOM   234 N  N   A GLU A 1 35  ? 2.969   9.494   6.384   0.50 10.79 ? 1141 GLU A N   1 
ATOM   235 N  N   B GLU A 1 35  ? 2.971   9.482   6.390   0.50 10.82 ? 1141 GLU A N   1 
ATOM   236 C  CA  A GLU A 1 35  ? 2.182   9.193   5.215   0.50 11.34 ? 1141 GLU A CA  1 
ATOM   237 C  CA  B GLU A 1 35  ? 2.160   9.189   5.229   0.50 11.39 ? 1141 GLU A CA  1 
ATOM   238 C  C   A GLU A 1 35  ? 2.810   8.094   4.329   0.50 9.98  ? 1141 GLU A C   1 
ATOM   239 C  C   B GLU A 1 35  ? 2.697   8.052   4.327   0.50 10.06 ? 1141 GLU A C   1 
ATOM   240 O  O   A GLU A 1 35  ? 3.041   8.278   3.141   0.50 9.61  ? 1141 GLU A O   1 
ATOM   241 O  O   B GLU A 1 35  ? 2.700   8.151   3.109   0.50 9.94  ? 1141 GLU A O   1 
ATOM   242 C  CB  A GLU A 1 35  ? 1.864   10.492  4.454   0.50 13.49 ? 1141 GLU A CB  1 
ATOM   243 C  CB  B GLU A 1 35  ? 1.862   10.489  4.461   0.50 13.53 ? 1141 GLU A CB  1 
ATOM   244 C  CG  . GLU A 1 35  ? 0.851   11.328  5.257   1.00 16.57 ? 1141 GLU A CG  1 
ATOM   245 C  CD  . GLU A 1 35  ? 0.732   12.793  4.826   1.00 19.32 ? 1141 GLU A CD  1 
ATOM   246 O  OE1 . GLU A 1 35  ? 1.065   13.106  3.648   1.00 20.93 ? 1141 GLU A OE1 1 
ATOM   247 O  OE2 . GLU A 1 35  ? 0.321   13.635  5.702   1.00 25.33 ? 1141 GLU A OE2 1 
ATOM   248 N  N   . ASN A 1 36  ? 3.138   6.975   4.941   1.00 8.73  ? 1142 ASN A N   1 
ATOM   249 C  CA  . ASN A 1 36  ? 3.628   5.841   4.167   1.00 8.56  ? 1142 ASN A CA  1 
ATOM   250 C  C   . ASN A 1 36  ? 2.499   4.937   3.681   1.00 7.98  ? 1142 ASN A C   1 
ATOM   251 O  O   . ASN A 1 36  ? 1.365   4.910   4.217   1.00 8.18  ? 1142 ASN A O   1 
ATOM   252 C  CB  . ASN A 1 36  ? 4.674   5.047   4.995   1.00 8.74  ? 1142 ASN A CB  1 
ATOM   253 C  CG  . ASN A 1 36  ? 5.960   5.839   5.178   1.00 9.88  ? 1142 ASN A CG  1 
ATOM   254 O  OD1 . ASN A 1 36  ? 6.552   6.269   4.176   1.00 9.92  ? 1142 ASN A OD1 1 
ATOM   255 N  ND2 . ASN A 1 36  ? 6.376   6.073   6.477   1.00 9.34  ? 1142 ASN A ND2 1 
ATOM   256 N  N   . TRP A 1 37  ? 2.839   4.212   2.634   1.00 8.07  ? 1143 TRP A N   1 
ATOM   257 C  CA  . TRP A 1 37  ? 2.019   3.189   1.944   1.00 7.85  ? 1143 TRP A CA  1 
ATOM   258 C  C   . TRP A 1 37  ? 2.829   1.891   1.821   1.00 7.85  ? 1143 TRP A C   1 
ATOM   259 O  O   . TRP A 1 37  ? 4.053   1.936   1.834   1.00 6.90  ? 1143 TRP A O   1 
ATOM   260 C  CB  . TRP A 1 37  ? 1.638   3.681   0.569   1.00 8.05  ? 1143 TRP A CB  1 
ATOM   261 C  CG  . TRP A 1 37  ? 0.796   4.981   0.564   1.00 8.40  ? 1143 TRP A CG  1 
ATOM   262 C  CD1 . TRP A 1 37  ? 1.188   6.251   0.949   1.00 8.40  ? 1143 TRP A CD1 1 
ATOM   263 C  CD2 . TRP A 1 37  ? -0.589  5.082   0.185   1.00 8.79  ? 1143 TRP A CD2 1 
ATOM   264 N  NE1 . TRP A 1 37  ? 0.121   7.113   0.852   1.00 9.97  ? 1143 TRP A NE1 1 
ATOM   265 C  CE2 . TRP A 1 37  ? -0.979  6.435   0.371   1.00 9.74  ? 1143 TRP A CE2 1 
ATOM   266 C  CE3 . TRP A 1 37  ? -1.548  4.156   -0.261  1.00 9.13  ? 1143 TRP A CE3 1 
ATOM   267 C  CZ2 . TRP A 1 37  ? -2.247  6.870   0.070   1.00 10.80 ? 1143 TRP A CZ2 1 
ATOM   268 C  CZ3 . TRP A 1 37  ? -2.760  4.573   -0.555  1.00 9.43  ? 1143 TRP A CZ3 1 
ATOM   269 C  CH2 . TRP A 1 37  ? -3.142  5.924   -0.389  1.00 10.28 ? 1143 TRP A CH2 1 
ATOM   270 N  N   . VAL A 1 38  ? 2.121   0.752   1.752   1.00 7.29  ? 1144 VAL A N   1 
ATOM   271 C  CA  . VAL A 1 38  ? 2.763   -0.544  1.567   1.00 7.60  ? 1144 VAL A CA  1 
ATOM   272 C  C   . VAL A 1 38  ? 2.337   -1.025  0.182   1.00 6.81  ? 1144 VAL A C   1 
ATOM   273 O  O   . VAL A 1 38  ? 1.154   -0.961  -0.179  1.00 6.49  ? 1144 VAL A O   1 
ATOM   274 C  CB  . VAL A 1 38  ? 2.468   -1.570  2.671   1.00 7.69  ? 1144 VAL A CB  1 
ATOM   275 C  CG1 . VAL A 1 38  ? 0.958   -1.904  2.832   1.00 8.14  ? 1144 VAL A CG1 1 
ATOM   276 C  CG2 . VAL A 1 38  ? 3.329   -2.817  2.431   1.00 7.92  ? 1144 VAL A CG2 1 
ATOM   277 N  N   . CYS A 1 39  ? 3.294   -1.497  -0.605  1.00 6.75  ? 1145 CYS A N   1 
ATOM   278 C  CA  . CYS A 1 39  ? 2.965   -2.075  -1.890  1.00 7.27  ? 1145 CYS A CA  1 
ATOM   279 C  C   . CYS A 1 39  ? 2.297   -3.496  -1.763  1.00 7.36  ? 1145 CYS A C   1 
ATOM   280 O  O   . CYS A 1 39  ? 2.848   -4.400  -1.100  1.00 7.22  ? 1145 CYS A O   1 
ATOM   281 C  CB  . CYS A 1 39  ? 4.245   -2.207  -2.751  1.00 7.49  ? 1145 CYS A CB  1 
ATOM   282 S  SG  . CYS A 1 39  ? 3.920   -2.899  -4.410  1.00 7.31  ? 1145 CYS A SG  1 
ATOM   283 N  N   . LEU A 1 40  ? 1.179   -3.706  -2.398  1.00 7.28  ? 1146 LEU A N   1 
ATOM   284 C  CA  . LEU A 1 40  ? 0.458   -4.958  -2.253  1.00 7.62  ? 1146 LEU A CA  1 
ATOM   285 C  C   . LEU A 1 40  ? 0.961   -6.033  -3.199  1.00 8.15  ? 1146 LEU A C   1 
ATOM   286 O  O   . LEU A 1 40  ? 0.391   -7.152  -3.186  1.00 8.70  ? 1146 LEU A O   1 
ATOM   287 C  CB  . LEU A 1 40  ? -1.033  -4.763  -2.372  1.00 7.77  ? 1146 LEU A CB  1 
ATOM   288 C  CG  . LEU A 1 40  ? -1.706  -3.843  -1.328  1.00 7.55  ? 1146 LEU A CG  1 
ATOM   289 C  CD1 . LEU A 1 40  ? -3.193  -3.698  -1.588  1.00 8.47  ? 1146 LEU A CD1 1 
ATOM   290 C  CD2 . LEU A 1 40  ? -1.406  -4.378  0.026   1.00 7.36  ? 1146 LEU A CD2 1 
ATOM   291 N  N   . SER A 1 41  ? 1.967   -5.719  -4.016  1.00 7.55  ? 1147 SER A N   1 
ATOM   292 C  CA  . SER A 1 41  ? 2.665   -6.777  -4.801  1.00 8.22  ? 1147 SER A CA  1 
ATOM   293 C  C   . SER A 1 41  ? 3.900   -7.251  -4.049  1.00 9.12  ? 1147 SER A C   1 
ATOM   294 O  O   . SER A 1 41  ? 4.035   -8.427  -3.797  1.00 11.29 ? 1147 SER A O   1 
ATOM   295 C  CB  . SER A 1 41  ? 2.960   -6.366  -6.194  1.00 7.41  ? 1147 SER A CB  1 
ATOM   296 O  OG  . SER A 1 41  ? 1.758   -6.084  -6.921  1.00 7.30  ? 1147 SER A OG  1 
ATOM   297 N  N   . CYS A 1 42  ? 4.782   -6.331  -3.622  1.00 8.16  ? 1148 CYS A N   1 
ATOM   298 C  CA  . CYS A 1 42  ? 6.062   -6.723  -3.031  1.00 8.39  ? 1148 CYS A CA  1 
ATOM   299 C  C   . CYS A 1 42  ? 6.291   -6.341  -1.550  1.00 8.25  ? 1148 CYS A C   1 
ATOM   300 O  O   . CYS A 1 42  ? 7.371   -6.636  -0.969  1.00 8.61  ? 1148 CYS A O   1 
ATOM   301 C  CB  . CYS A 1 42  ? 7.189   -6.132  -3.897  1.00 8.55  ? 1148 CYS A CB  1 
ATOM   302 S  SG  . CYS A 1 42  ? 7.494   -4.342  -3.725  1.00 9.51  ? 1148 CYS A SG  1 
ATOM   303 N  N   . TYR A 1 43  ? 5.350   -5.618  -0.976  1.00 7.82  ? 1149 TYR A N   1 
ATOM   304 C  CA  . TYR A 1 43  ? 5.303   -5.310  0.453   1.00 8.64  ? 1149 TYR A CA  1 
ATOM   305 C  C   . TYR A 1 43  ? 6.458   -4.431  0.939   1.00 8.50  ? 1149 TYR A C   1 
ATOM   306 O  O   . TYR A 1 43  ? 6.715   -4.336  2.165   1.00 8.16  ? 1149 TYR A O   1 
ATOM   307 C  CB  . TYR A 1 43  ? 5.091   -6.602  1.264   1.00 8.95  ? 1149 TYR A CB  1 
ATOM   308 C  CG  . TYR A 1 43  ? 3.687   -7.110  1.041   1.00 8.67  ? 1149 TYR A CG  1 
ATOM   309 C  CD1 . TYR A 1 43  ? 2.621   -6.618  1.812   1.00 9.24  ? 1149 TYR A CD1 1 
ATOM   310 C  CD2 . TYR A 1 43  ? 3.397   -7.979  -0.002  1.00 8.65  ? 1149 TYR A CD2 1 
ATOM   311 C  CE1 . TYR A 1 43  ? 1.352   -7.030  1.585   1.00 8.76  ? 1149 TYR A CE1 1 
ATOM   312 C  CE2 . TYR A 1 43  ? 2.120   -8.416  -0.240  1.00 8.56  ? 1149 TYR A CE2 1 
ATOM   313 C  CZ  . TYR A 1 43  ? 1.104   -7.967  0.531   1.00 9.04  ? 1149 TYR A CZ  1 
ATOM   314 O  OH  . TYR A 1 43  ? -0.179  -8.362  0.238   1.00 9.17  ? 1149 TYR A OH  1 
ATOM   315 N  N   . GLN A 1 44  ? 7.103   -3.743  0.000   1.00 7.49  ? 1150 GLN A N   1 
ATOM   316 C  CA  . GLN A 1 44  ? 7.948   -2.582  0.340   1.00 8.69  ? 1150 GLN A CA  1 
ATOM   317 C  C   . GLN A 1 44  ? 7.066   -1.370  0.781   1.00 7.78  ? 1150 GLN A C   1 
ATOM   318 O  O   . GLN A 1 44  ? 5.908   -1.230  0.355   1.00 8.63  ? 1150 GLN A O   1 
ATOM   319 C  CB  . GLN A 1 44  ? 8.979   -2.239  -0.730  1.00 9.87  ? 1150 GLN A CB  1 
ATOM   320 C  CG  . GLN A 1 44  ? 9.969   -3.379  -1.031  1.00 12.53 ? 1150 GLN A CG  1 
ATOM   321 C  CD  . GLN A 1 44  ? 10.664  -3.157  -2.364  1.00 15.53 ? 1150 GLN A CD  1 
ATOM   322 O  OE1 . GLN A 1 44  ? 10.945  -2.051  -2.686  1.00 20.72 ? 1150 GLN A OE1 1 
ATOM   323 N  NE2 . GLN A 1 44  ? 10.990  -4.244  -3.123  1.00 22.24 ? 1150 GLN A NE2 1 
ATOM   324 N  N   . VAL A 1 45  ? 7.654   -0.519  1.619   1.00 7.37  ? 1151 VAL A N   1 
ATOM   325 C  CA  . VAL A 1 45  ? 6.962   0.638   2.243   1.00 7.65  ? 1151 VAL A CA  1 
ATOM   326 C  C   . VAL A 1 45  ? 7.673   1.897   1.768   1.00 7.49  ? 1151 VAL A C   1 
ATOM   327 O  O   . VAL A 1 45  ? 8.918   2.060   1.871   1.00 7.35  ? 1151 VAL A O   1 
ATOM   328 C  CB  . VAL A 1 45  ? 6.959   0.519   3.800   1.00 7.84  ? 1151 VAL A CB  1 
ATOM   329 C  CG1 . VAL A 1 45  ? 6.331   1.800   4.415   1.00 8.36  ? 1151 VAL A CG1 1 
ATOM   330 C  CG2 . VAL A 1 45  ? 6.205   -0.762  4.227   1.00 8.15  ? 1151 VAL A CG2 1 
ATOM   331 N  N   . TYR A 1 46  ? 6.876   2.789   1.174   1.00 7.41  ? 1152 TYR A N   1 
ATOM   332 C  CA  . TYR A 1 46  ? 7.311   4.046   0.651   1.00 7.27  ? 1152 TYR A CA  1 
ATOM   333 C  C   . TYR A 1 46  ? 6.340   5.182   0.928   1.00 7.44  ? 1152 TYR A C   1 
ATOM   334 O  O   . TYR A 1 46  ? 5.114   4.983   1.093   1.00 6.91  ? 1152 TYR A O   1 
ATOM   335 C  CB  . TYR A 1 46  ? 7.586   3.970   -0.853  1.00 7.57  ? 1152 TYR A CB  1 
ATOM   336 C  CG  . TYR A 1 46  ? 8.720   3.053   -1.210  1.00 7.98  ? 1152 TYR A CG  1 
ATOM   337 C  CD1 . TYR A 1 46  ? 10.020  3.328   -0.841  1.00 8.40  ? 1152 TYR A CD1 1 
ATOM   338 C  CD2 . TYR A 1 46  ? 8.461   1.867   -1.890  1.00 8.46  ? 1152 TYR A CD2 1 
ATOM   339 C  CE1 . TYR A 1 46  ? 11.056  2.462   -1.192  1.00 9.61  ? 1152 TYR A CE1 1 
ATOM   340 C  CE2 . TYR A 1 46  ? 9.461   0.987   -2.242  1.00 8.62  ? 1152 TYR A CE2 1 
ATOM   341 C  CZ  . TYR A 1 46  ? 10.769  1.268   -1.887  1.00 9.89  ? 1152 TYR A CZ  1 
ATOM   342 O  OH  . TYR A 1 46  ? 11.785  0.333   -2.210  1.00 9.92  ? 1152 TYR A OH  1 
ATOM   343 N  N   . CYS A 1 47  ? 6.888   6.420   0.962   1.00 7.62  ? 1153 CYS A N   1 
ATOM   344 C  CA  . CYS A 1 47  ? 6.051   7.562   1.323   1.00 7.82  ? 1153 CYS A CA  1 
ATOM   345 C  C   . CYS A 1 47  ? 5.128   8.101   0.218   1.00 7.94  ? 1153 CYS A C   1 
ATOM   346 O  O   . CYS A 1 47  ? 5.332   7.875   -0.985  1.00 7.84  ? 1153 CYS A O   1 
ATOM   347 C  CB  . CYS A 1 47  ? 6.896   8.702   1.902   1.00 8.42  ? 1153 CYS A CB  1 
ATOM   348 S  SG  . CYS A 1 47  ? 8.028   9.487   0.714   1.00 8.40  ? 1153 CYS A SG  1 
ATOM   349 N  N   . GLY A 1 48  ? 4.111   8.814   0.681   1.00 8.38  ? 1154 GLY A N   1 
ATOM   350 C  CA  . GLY A 1 48  ? 3.080   9.397   -0.168  1.00 9.17  ? 1154 GLY A CA  1 
ATOM   351 C  C   . GLY A 1 48  ? 3.487   10.633  -0.920  1.00 9.41  ? 1154 GLY A C   1 
ATOM   352 O  O   . GLY A 1 48  ? 4.516   11.201  -0.717  1.00 10.18 ? 1154 GLY A O   1 
ATOM   353 N  N   . ARG A 1 49  ? 2.599   11.008  -1.824  1.00 9.86  ? 1155 ARG A N   1 
ATOM   354 C  CA  . ARG A 1 49  ? 2.802   12.119  -2.733  1.00 10.92 ? 1155 ARG A CA  1 
ATOM   355 C  C   . ARG A 1 49  ? 3.051   13.456  -2.069  1.00 10.47 ? 1155 ARG A C   1 
ATOM   356 O  O   . ARG A 1 49  ? 3.780   14.296  -2.658  1.00 11.20 ? 1155 ARG A O   1 
ATOM   357 C  CB  . ARG A 1 49  ? 1.648   12.211  -3.738  1.00 12.96 ? 1155 ARG A CB  1 
ATOM   358 C  CG  . ARG A 1 49  ? 0.322   12.499  -3.094  1.00 16.04 ? 1155 ARG A CG  1 
ATOM   359 C  CD  . ARG A 1 49  ? -0.894  12.083  -3.953  1.00 20.23 ? 1155 ARG A CD  1 
ATOM   360 N  NE  . ARG A 1 49  ? -2.205  12.307  -3.268  1.00 20.61 ? 1155 ARG A NE  1 
ATOM   361 C  CZ  . ARG A 1 49  ? -2.721  11.612  -2.248  1.00 21.23 ? 1155 ARG A CZ  1 
ATOM   362 N  NH1 . ARG A 1 49  ? -3.906  11.940  -1.769  1.00 22.19 ? 1155 ARG A NH1 1 
ATOM   363 N  NH2 . ARG A 1 49  ? -2.091  10.589  -1.694  1.00 22.11 ? 1155 ARG A NH2 1 
ATOM   364 N  N   . TYR A 1 50  ? 2.474   13.681  -0.891  1.00 10.03 ? 1156 TYR A N   1 
ATOM   365 C  CA  . TYR A 1 50  ? 2.645   14.954  -0.186  1.00 11.82 ? 1156 TYR A CA  1 
ATOM   366 C  C   . TYR A 1 50  ? 3.948   15.007  0.625   1.00 12.01 ? 1156 TYR A C   1 
ATOM   367 O  O   . TYR A 1 50  ? 4.287   16.082  1.142   1.00 12.49 ? 1156 TYR A O   1 
ATOM   368 C  CB  . TYR A 1 50  ? 1.463   15.285  0.661   1.00 12.35 ? 1156 TYR A CB  1 
ATOM   369 C  CG  . TYR A 1 50  ? 0.180   15.434  -0.191  1.00 13.39 ? 1156 TYR A CG  1 
ATOM   370 C  CD1 . TYR A 1 50  ? 0.145   16.304  -1.308  1.00 12.54 ? 1156 TYR A CD1 1 
ATOM   371 C  CD2 . TYR A 1 50  ? -0.962  14.724  0.124   1.00 12.38 ? 1156 TYR A CD2 1 
ATOM   372 C  CE1 . TYR A 1 50  ? -0.970  16.431  -2.084  1.00 14.25 ? 1156 TYR A CE1 1 
ATOM   373 C  CE2 . TYR A 1 50  ? -2.102  14.850  -0.658  1.00 13.93 ? 1156 TYR A CE2 1 
ATOM   374 C  CZ  . TYR A 1 50  ? -2.114  15.709  -1.750  1.00 14.50 ? 1156 TYR A CZ  1 
ATOM   375 O  OH  . TYR A 1 50  ? -3.249  15.867  -2.529  1.00 18.77 ? 1156 TYR A OH  1 
ATOM   376 N  N   . ILE A 1 51  ? 4.632   13.876  0.782   1.00 9.95  ? 1157 ILE A N   1 
ATOM   377 C  CA  . ILE A 1 51  ? 5.925   13.868  1.475   1.00 10.91 ? 1157 ILE A CA  1 
ATOM   378 C  C   . ILE A 1 51  ? 7.020   13.963  0.391   1.00 11.34 ? 1157 ILE A C   1 
ATOM   379 O  O   . ILE A 1 51  ? 7.201   15.033  -0.190  1.00 10.08 ? 1157 ILE A O   1 
ATOM   380 C  CB  . ILE A 1 51  ? 6.082   12.713  2.454   1.00 10.68 ? 1157 ILE A CB  1 
ATOM   381 C  CG1 . ILE A 1 51  ? 4.845   12.576  3.386   1.00 11.41 ? 1157 ILE A CG1 1 
ATOM   382 C  CG2 . ILE A 1 51  ? 7.363   12.901  3.273   1.00 11.30 ? 1157 ILE A CG2 1 
ATOM   383 C  CD1 . ILE A 1 51  ? 4.615   13.802  4.292   1.00 11.96 ? 1157 ILE A CD1 1 
ATOM   384 N  N   . ASN A 1 52  ? 7.674   12.846  0.021   1.00 10.44 ? 1158 ASN A N   1 
ATOM   385 C  CA  . ASN A 1 52  ? 8.641   12.831  -1.043  1.00 11.15 ? 1158 ASN A CA  1 
ATOM   386 C  C   . ASN A 1 52  ? 8.297   11.944  -2.224  1.00 11.23 ? 1158 ASN A C   1 
ATOM   387 O  O   . ASN A 1 52  ? 9.138   11.791  -3.130  1.00 9.41  ? 1158 ASN A O   1 
ATOM   388 C  CB  . ASN A 1 52  ? 9.990   12.397  -0.431  1.00 12.36 ? 1158 ASN A CB  1 
ATOM   389 C  CG  . ASN A 1 52  ? 10.533  13.446  0.579   1.00 13.89 ? 1158 ASN A CG  1 
ATOM   390 O  OD1 . ASN A 1 52  ? 10.510  14.617  0.265   1.00 13.83 ? 1158 ASN A OD1 1 
ATOM   391 N  ND2 . ASN A 1 52  ? 10.961  13.044  1.770   1.00 11.76 ? 1158 ASN A ND2 1 
ATOM   392 N  N   . GLY A 1 53  ? 7.049   11.476  -2.282  1.00 10.11 ? 1159 GLY A N   1 
ATOM   393 C  CA  . GLY A 1 53  ? 6.528   10.764  -3.462  1.00 10.11 ? 1159 GLY A CA  1 
ATOM   394 C  C   . GLY A 1 53  ? 7.260   9.466   -3.830  1.00 9.28  ? 1159 GLY A C   1 
ATOM   395 O  O   . GLY A 1 53  ? 7.299   9.034   -5.023  1.00 10.36 ? 1159 GLY A O   1 
ATOM   396 N  N   . HIS A 1 54  ? 7.819   8.772   -2.846  1.00 9.31  ? 1160 HIS A N   1 
ATOM   397 C  CA  . HIS A 1 54  ? 8.587   7.569   -3.120  1.00 8.53  ? 1160 HIS A CA  1 
ATOM   398 C  C   . HIS A 1 54  ? 7.711   6.384   -3.540  1.00 8.25  ? 1160 HIS A C   1 
ATOM   399 O  O   . HIS A 1 54  ? 8.114   5.558   -4.392  1.00 7.53  ? 1160 HIS A O   1 
ATOM   400 C  CB  . HIS A 1 54  ? 9.540   7.296   -1.961  1.00 9.09  ? 1160 HIS A CB  1 
ATOM   401 C  CG  . HIS A 1 54  ? 10.701  8.245   -1.923  1.00 9.76  ? 1160 HIS A CG  1 
ATOM   402 N  ND1 . HIS A 1 54  ? 11.097  8.916   -0.770  1.00 10.16 ? 1160 HIS A ND1 1 
ATOM   403 C  CD2 . HIS A 1 54  ? 11.522  8.692   -2.923  1.00 10.35 ? 1160 HIS A CD2 1 
ATOM   404 C  CE1 . HIS A 1 54  ? 12.094  9.742   -1.075  1.00 10.43 ? 1160 HIS A CE1 1 
ATOM   405 N  NE2 . HIS A 1 54  ? 12.368  9.635   -2.368  1.00 9.95  ? 1160 HIS A NE2 1 
ATOM   406 N  N   . MET A 1 55  ? 6.477   6.314   -3.067  1.00 8.19  ? 1161 MET A N   1 
ATOM   407 C  CA  . MET A 1 55  ? 5.588   5.215   -3.552  1.00 7.86  ? 1161 MET A CA  1 
ATOM   408 C  C   . MET A 1 55  ? 5.204   5.420   -5.038  1.00 8.36  ? 1161 MET A C   1 
ATOM   409 O  O   . MET A 1 55  ? 5.196   4.436   -5.809  1.00 7.63  ? 1161 MET A O   1 
ATOM   410 C  CB  . MET A 1 55  ? 4.357   4.961   -2.700  1.00 7.81  ? 1161 MET A CB  1 
ATOM   411 C  CG  . MET A 1 55  ? 3.623   3.704   -3.096  1.00 7.88  ? 1161 MET A CG  1 
ATOM   412 S  SD  . MET A 1 55  ? 4.630   2.196   -2.992  1.00 8.13  ? 1161 MET A SD  1 
ATOM   413 C  CE  . MET A 1 55  ? 4.384   1.683   -1.285  1.00 7.53  ? 1161 MET A CE  1 
ATOM   414 N  N   . LEU A 1 56  ? 4.960   6.653   -5.435  1.00 8.54  ? 1162 LEU A N   1 
ATOM   415 C  CA  . LEU A 1 56  ? 4.770   6.959   -6.858  1.00 10.77 ? 1162 LEU A CA  1 
ATOM   416 C  C   . LEU A 1 56  ? 6.001   6.575   -7.662  1.00 9.87  ? 1162 LEU A C   1 
ATOM   417 O  O   . LEU A 1 56  ? 5.904   5.946   -8.729  1.00 9.70  ? 1162 LEU A O   1 
ATOM   418 C  CB  . LEU A 1 56  ? 4.419   8.444   -7.071  1.00 13.20 ? 1162 LEU A CB  1 
ATOM   419 C  CG  . LEU A 1 56  ? 4.283   8.935   -8.498  1.00 18.60 ? 1162 LEU A CG  1 
ATOM   420 C  CD1 . LEU A 1 56  ? 3.090   8.193   -9.136  1.00 18.78 ? 1162 LEU A CD1 1 
ATOM   421 C  CD2 . LEU A 1 56  ? 4.061   10.465  -8.481  1.00 21.84 ? 1162 LEU A CD2 1 
ATOM   422 N  N   . GLN A 1 57  ? 7.185   6.853   -7.152  1.00 9.17  ? 1163 GLN A N   1 
ATOM   423 C  CA  . GLN A 1 57  ? 8.414   6.442   -7.835  1.00 10.01 ? 1163 GLN A CA  1 
ATOM   424 C  C   . GLN A 1 57  ? 8.528   4.907   -7.924  1.00 9.45  ? 1163 GLN A C   1 
ATOM   425 O  O   . GLN A 1 57  ? 8.899   4.333   -8.969  1.00 9.43  ? 1163 GLN A O   1 
ATOM   426 C  CB  . GLN A 1 57  ? 9.625   7.021   -7.111  1.00 12.28 ? 1163 GLN A CB  1 
ATOM   427 C  CG  . GLN A 1 57  ? 10.947  6.530   -7.500  1.00 15.40 ? 1163 GLN A CG  1 
ATOM   428 C  CD  . GLN A 1 57  ? 12.033  7.224   -6.650  1.00 21.22 ? 1163 GLN A CD  1 
ATOM   429 O  OE1 . GLN A 1 57  ? 12.141  8.444   -6.682  1.00 27.41 ? 1163 GLN A OE1 1 
ATOM   430 N  NE2 . GLN A 1 57  ? 12.764  6.450   -5.848  1.00 22.95 ? 1163 GLN A NE2 1 
ATOM   431 N  N   . HIS A 1 58  ? 8.194   4.203   -6.825  1.00 8.51  ? 1164 HIS A N   1 
ATOM   432 C  CA  . HIS A 1 58  ? 8.149   2.745   -6.867  1.00 8.76  ? 1164 HIS A CA  1 
ATOM   433 C  C   . HIS A 1 58  ? 7.209   2.239   -7.899  1.00 8.39  ? 1164 HIS A C   1 
ATOM   434 O  O   . HIS A 1 58  ? 7.527   1.285   -8.606  1.00 10.43 ? 1164 HIS A O   1 
ATOM   435 C  CB  . HIS A 1 58  ? 7.752   2.196   -5.499  1.00 8.86  ? 1164 HIS A CB  1 
ATOM   436 C  CG  . HIS A 1 58  ? 7.644   0.697   -5.449  1.00 8.73  ? 1164 HIS A CG  1 
ATOM   437 N  ND1 . HIS A 1 58  ? 8.751   -0.098  -5.590  1.00 9.24  ? 1164 HIS A ND1 1 
ATOM   438 C  CD2 . HIS A 1 58  ? 6.591   -0.146  -5.306  1.00 9.23  ? 1164 HIS A CD2 1 
ATOM   439 C  CE1 . HIS A 1 58  ? 8.404   -1.371  -5.472  1.00 10.07 ? 1164 HIS A CE1 1 
ATOM   440 N  NE2 . HIS A 1 58  ? 7.084   -1.433  -5.309  1.00 8.91  ? 1164 HIS A NE2 1 
ATOM   441 N  N   . HIS A 1 59  ? 6.008   2.779   -7.960  1.00 8.76  ? 1165 HIS A N   1 
ATOM   442 C  CA  . HIS A 1 59  ? 5.066   2.391   -9.036  1.00 9.07  ? 1165 HIS A CA  1 
ATOM   443 C  C   . HIS A 1 59  ? 5.725   2.571   -10.425 1.00 9.14  ? 1165 HIS A C   1 
ATOM   444 O  O   . HIS A 1 59  ? 5.576   1.690   -11.324 1.00 8.79  ? 1165 HIS A O   1 
ATOM   445 C  CB  . HIS A 1 59  ? 3.785   3.154   -9.010  1.00 9.03  ? 1165 HIS A CB  1 
ATOM   446 C  CG  . HIS A 1 59  ? 2.993   2.992   -10.263 1.00 8.93  ? 1165 HIS A CG  1 
ATOM   447 N  ND1 . HIS A 1 59  ? 2.404   1.793   -10.595 1.00 8.95  ? 1165 HIS A ND1 1 
ATOM   448 C  CD2 . HIS A 1 59  ? 2.793   3.835   -11.316 1.00 9.52  ? 1165 HIS A CD2 1 
ATOM   449 C  CE1 . HIS A 1 59  ? 1.832   1.919   -11.791 1.00 10.29 ? 1165 HIS A CE1 1 
ATOM   450 N  NE2 . HIS A 1 59  ? 2.050   3.140   -12.254 1.00 9.52  ? 1165 HIS A NE2 1 
ATOM   451 N  N   . GLY A 1 60  ? 6.401   3.704   -10.623 1.00 8.85  ? 1166 GLY A N   1 
ATOM   452 C  CA  . GLY A 1 60  ? 7.040   3.970   -11.942 1.00 9.22  ? 1166 GLY A CA  1 
ATOM   453 C  C   . GLY A 1 60  ? 8.103   2.946   -12.291 1.00 9.95  ? 1166 GLY A C   1 
ATOM   454 O  O   . GLY A 1 60  ? 8.248   2.496   -13.459 1.00 10.09 ? 1166 GLY A O   1 
ATOM   455 N  N   . ASN A 1 61  ? 8.929   2.603   -11.313 1.00 11.03 ? 1167 ASN A N   1 
ATOM   456 C  CA  . ASN A 1 61  ? 10.097  1.736   -11.572 1.00 11.61 ? 1167 ASN A CA  1 
ATOM   457 C  C   . ASN A 1 61  ? 9.870   0.219   -11.476 1.00 11.83 ? 1167 ASN A C   1 
ATOM   458 O  O   . ASN A 1 61  ? 10.737  -0.545  -11.901 1.00 12.69 ? 1167 ASN A O   1 
ATOM   459 C  CB  . ASN A 1 61  ? 11.339  2.194   -10.771 1.00 14.88 ? 1167 ASN A CB  1 
ATOM   460 C  CG  . ASN A 1 61  ? 11.267  1.948   -9.268  1.00 15.32 ? 1167 ASN A CG  1 
ATOM   461 O  OD1 . ASN A 1 61  ? 10.814  0.913   -8.857  1.00 13.98 ? 1167 ASN A OD1 1 
ATOM   462 N  ND2 . ASN A 1 61  ? 11.840  2.887   -8.459  1.00 14.45 ? 1167 ASN A ND2 1 
ATOM   463 N  N   . SER A 1 62  ? 8.714   -0.185  -10.961 1.00 8.58  ? 1168 SER A N   1 
ATOM   464 C  CA  . SER A 1 62  ? 8.329   -1.573  -10.844 1.00 9.83  ? 1168 SER A CA  1 
ATOM   465 C  C   . SER A 1 62  ? 7.073   -1.963  -11.644 1.00 9.57  ? 1168 SER A C   1 
ATOM   466 O  O   . SER A 1 62  ? 6.866   -3.158  -11.928 1.00 8.87  ? 1168 SER A O   1 
ATOM   467 C  CB  . SER A 1 62  ? 8.079   -1.962  -9.373  1.00 8.16  ? 1168 SER A CB  1 
ATOM   468 O  OG  . SER A 1 62  ? 6.844   -1.384  -8.901  1.00 7.72  ? 1168 SER A OG  1 
ATOM   469 N  N   . GLY A 1 63  ? 6.198   -0.986  -11.891 1.00 9.18  ? 1169 GLY A N   1 
ATOM   470 C  CA  . GLY A 1 63  ? 4.892   -1.198  -12.436 1.00 9.10  ? 1169 GLY A CA  1 
ATOM   471 C  C   . GLY A 1 63  ? 3.845   -1.789  -11.473 1.00 8.93  ? 1169 GLY A C   1 
ATOM   472 O  O   . GLY A 1 63  ? 2.723   -2.053  -11.897 1.00 9.05  ? 1169 GLY A O   1 
ATOM   473 N  N   . HIS A 1 64  ? 4.216   -2.012  -10.209 1.00 8.23  ? 1170 HIS A N   1 
ATOM   474 C  CA  . HIS A 1 64  ? 3.299   -2.543  -9.242  1.00 8.15  ? 1170 HIS A CA  1 
ATOM   475 C  C   . HIS A 1 64  ? 2.072   -1.594  -9.065  1.00 7.55  ? 1170 HIS A C   1 
ATOM   476 O  O   . HIS A 1 64  ? 2.256   -0.389  -8.906  1.00 7.92  ? 1170 HIS A O   1 
ATOM   477 C  CB  . HIS A 1 64  ? 3.982   -2.852  -7.915  1.00 8.04  ? 1170 HIS A CB  1 
ATOM   478 C  CG  . HIS A 1 64  ? 5.029   -3.929  -8.022  1.00 9.37  ? 1170 HIS A CG  1 
ATOM   479 N  ND1 . HIS A 1 64  ? 5.939   -4.195  -7.019  1.00 9.14  ? 1170 HIS A ND1 1 
ATOM   480 C  CD2 . HIS A 1 64  ? 5.274   -4.835  -9.004  1.00 9.27  ? 1170 HIS A CD2 1 
ATOM   481 C  CE1 . HIS A 1 64  ? 6.759   -5.164  -7.412  1.00 9.94  ? 1170 HIS A CE1 1 
ATOM   482 N  NE2 . HIS A 1 64  ? 6.355   -5.590  -8.614  1.00 9.54  ? 1170 HIS A NE2 1 
ATOM   483 N  N   . PRO A 1 65  ? 0.856   -2.142  -9.177  1.00 8.44  ? 1171 PRO A N   1 
ATOM   484 C  CA  . PRO A 1 65  ? -0.330  -1.292  -9.321  1.00 8.34  ? 1171 PRO A CA  1 
ATOM   485 C  C   . PRO A 1 65  ? -0.944  -0.712  -8.050  1.00 7.46  ? 1171 PRO A C   1 
ATOM   486 O  O   . PRO A 1 65  ? -1.339  0.435   -8.044  1.00 6.71  ? 1171 PRO A O   1 
ATOM   487 C  CB  . PRO A 1 65  ? -1.368  -2.245  -9.961  1.00 8.08  ? 1171 PRO A CB  1 
ATOM   488 C  CG  . PRO A 1 65  ? -0.971  -3.627  -9.522  1.00 8.42  ? 1171 PRO A CG  1 
ATOM   489 C  CD  . PRO A 1 65  ? 0.530   -3.574  -9.451  1.00 9.01  ? 1171 PRO A CD  1 
ATOM   490 N  N   . LEU A 1 66  ? -1.064  -1.555  -7.043  1.00 7.53  ? 1172 LEU A N   1 
ATOM   491 C  CA  . LEU A 1 66  ? -1.924  -1.314  -5.904  1.00 8.05  ? 1172 LEU A CA  1 
ATOM   492 C  C   . LEU A 1 66  ? -1.161  -1.119  -4.616  1.00 8.05  ? 1172 LEU A C   1 
ATOM   493 O  O   . LEU A 1 66  ? -0.291  -1.930  -4.300  1.00 6.94  ? 1172 LEU A O   1 
ATOM   494 C  CB  . LEU A 1 66  ? -2.900  -2.475  -5.707  1.00 8.02  ? 1172 LEU A CB  1 
ATOM   495 C  CG  . LEU A 1 66  ? -4.086  -2.390  -6.671  1.00 8.55  ? 1172 LEU A CG  1 
ATOM   496 C  CD1 . LEU A 1 66  ? -4.636  -3.737  -7.128  1.00 9.74  ? 1172 LEU A CD1 1 
ATOM   497 C  CD2 . LEU A 1 66  ? -5.236  -1.597  -6.058  1.00 9.10  ? 1172 LEU A CD2 1 
ATOM   498 N  N   . VAL A 1 67  ? -1.534  -0.053  -3.873  1.00 7.23  ? 1173 VAL A N   1 
ATOM   499 C  CA  . VAL A 1 67  ? -0.836  0.257   -2.628  1.00 7.40  ? 1173 VAL A CA  1 
ATOM   500 C  C   . VAL A 1 67  ? -1.878  0.527   -1.519  1.00 7.54  ? 1173 VAL A C   1 
ATOM   501 O  O   . VAL A 1 67  ? -2.949  1.026   -1.809  1.00 7.89  ? 1173 VAL A O   1 
ATOM   502 C  CB  . VAL A 1 67  ? 0.150   1.443   -2.795  1.00 7.07  ? 1173 VAL A CB  1 
ATOM   503 C  CG1 . VAL A 1 67  ? 1.283   1.023   -3.801  1.00 7.09  ? 1173 VAL A CG1 1 
ATOM   504 C  CG2 . VAL A 1 67  ? -0.577  2.674   -3.320  1.00 7.59  ? 1173 VAL A CG2 1 
ATOM   505 N  N   . LEU A 1 68  ? -1.493  0.265   -0.252  1.00 8.40  ? 1174 LEU A N   1 
ATOM   506 C  CA  . LEU A 1 68  ? -2.355  0.379   0.931   1.00 8.85  ? 1174 LEU A CA  1 
ATOM   507 C  C   . LEU A 1 68  ? -1.832  1.503   1.819   1.00 8.48  ? 1174 LEU A C   1 
ATOM   508 O  O   . LEU A 1 68  ? -0.636  1.500   2.175   1.00 7.37  ? 1174 LEU A O   1 
ATOM   509 C  CB  . LEU A 1 68  ? -2.360  -0.919  1.701   1.00 10.38 ? 1174 LEU A CB  1 
ATOM   510 C  CG  . LEU A 1 68  ? -3.194  -0.980  2.979   1.00 12.09 ? 1174 LEU A CG  1 
ATOM   511 C  CD1 . LEU A 1 68  ? -4.680  -0.796  2.705   1.00 12.69 ? 1174 LEU A CD1 1 
ATOM   512 C  CD2 . LEU A 1 68  ? -2.921  -2.217  3.765   1.00 13.79 ? 1174 LEU A CD2 1 
ATOM   513 N  N   . SER A 1 69  ? -2.727  2.447   2.191   1.00 8.29  ? 1175 SER A N   1 
ATOM   514 C  CA  . SER A 1 69  ? -2.337  3.571   3.039   1.00 8.71  ? 1175 SER A CA  1 
ATOM   515 C  C   . SER A 1 69  ? -2.202  3.133   4.517   1.00 8.75  ? 1175 SER A C   1 
ATOM   516 O  O   . SER A 1 69  ? -3.164  2.602   5.098   1.00 8.85  ? 1175 SER A O   1 
ATOM   517 C  CB  . SER A 1 69  ? -3.350  4.704   2.980   1.00 9.21  ? 1175 SER A CB  1 
ATOM   518 O  OG  . SER A 1 69  ? -3.055  5.711   3.991   1.00 9.17  ? 1175 SER A OG  1 
ATOM   519 N  N   . TYR A 1 70  ? -1.070  3.478   5.144   1.00 8.59  ? 1176 TYR A N   1 
ATOM   520 C  CA  . TYR A 1 70  ? -0.941  3.210   6.591   1.00 9.77  ? 1176 TYR A CA  1 
ATOM   521 C  C   . TYR A 1 70  ? -1.597  4.312   7.433   1.00 11.46 ? 1176 TYR A C   1 
ATOM   522 O  O   . TYR A 1 70  ? -1.665  4.138   8.649   1.00 12.37 ? 1176 TYR A O   1 
ATOM   523 C  CB  . TYR A 1 70  ? 0.539   3.037   6.932   1.00 9.28  ? 1176 TYR A CB  1 
ATOM   524 C  CG  . TYR A 1 70  ? 1.113   1.664   6.618   1.00 9.02  ? 1176 TYR A CG  1 
ATOM   525 C  CD1 . TYR A 1 70  ? 0.299   0.538   6.438   1.00 8.93  ? 1176 TYR A CD1 1 
ATOM   526 C  CD2 . TYR A 1 70  ? 2.469   1.462   6.538   1.00 9.08  ? 1176 TYR A CD2 1 
ATOM   527 C  CE1 . TYR A 1 70  ? 0.817   -0.710  6.275   1.00 8.66  ? 1176 TYR A CE1 1 
ATOM   528 C  CE2 . TYR A 1 70  ? 3.006   0.200   6.302   1.00 8.99  ? 1176 TYR A CE2 1 
ATOM   529 C  CZ  . TYR A 1 70  ? 2.154   -0.904  6.209   1.00 9.16  ? 1176 TYR A CZ  1 
ATOM   530 O  OH  . TYR A 1 70  ? 2.634   -2.193  5.988   1.00 9.72  ? 1176 TYR A OH  1 
ATOM   531 N  N   . ILE A 1 71  ? -2.096  5.385   6.806   1.00 11.63 ? 1177 ILE A N   1 
ATOM   532 C  CA  . ILE A 1 71  ? -2.859  6.417   7.541   1.00 13.91 ? 1177 ILE A CA  1 
ATOM   533 C  C   . ILE A 1 71  ? -4.327  5.985   7.678   1.00 14.80 ? 1177 ILE A C   1 
ATOM   534 O  O   . ILE A 1 71  ? -4.917  6.077   8.793   1.00 14.23 ? 1177 ILE A O   1 
ATOM   535 C  CB  . ILE A 1 71  ? -2.812  7.799   6.871   1.00 16.95 ? 1177 ILE A CB  1 
ATOM   536 C  CG1 . ILE A 1 71  ? -1.433  8.447   6.974   1.00 23.18 ? 1177 ILE A CG1 1 
ATOM   537 C  CG2 . ILE A 1 71  ? -3.837  8.723   7.499   1.00 19.61 ? 1177 ILE A CG2 1 
ATOM   538 N  N   . ASP A 1 72  ? -4.955  5.524   6.586   1.00 12.59 ? 1178 ASP A N   1 
ATOM   539 C  CA  . ASP A 1 72  ? -6.406  5.202   6.638   1.00 14.67 ? 1178 ASP A CA  1 
ATOM   540 C  C   . ASP A 1 72  ? -6.833  3.868   6.034   1.00 13.25 ? 1178 ASP A C   1 
ATOM   541 O  O   . ASP A 1 72  ? -8.033  3.601   5.908   1.00 12.47 ? 1178 ASP A O   1 
ATOM   542 C  CB  . ASP A 1 72  ? -7.226  6.339   5.981   1.00 18.05 ? 1178 ASP A CB  1 
ATOM   543 C  CG  . ASP A 1 72  ? -7.098  6.324   4.479   1.00 19.61 ? 1178 ASP A CG  1 
ATOM   544 O  OD1 . ASP A 1 72  ? -6.284  5.546   3.921   1.00 15.48 ? 1178 ASP A OD1 1 
ATOM   545 O  OD2 . ASP A 1 72  ? -7.836  7.083   3.874   1.00 24.24 ? 1178 ASP A OD2 1 
ATOM   546 N  N   . LEU A 1 73  ? -5.873  3.036   5.643   1.00 9.89  ? 1179 LEU A N   1 
ATOM   547 C  CA  . LEU A 1 73  ? -6.123  1.673   5.122   1.00 11.24 ? 1179 LEU A CA  1 
ATOM   548 C  C   . LEU A 1 73  ? -6.917  1.700   3.839   1.00 11.29 ? 1179 LEU A C   1 
ATOM   549 O  O   . LEU A 1 73  ? -7.526  0.674   3.485   1.00 12.11 ? 1179 LEU A O   1 
ATOM   550 C  CB  . LEU A 1 73  ? -6.721  0.697   6.164   1.00 12.43 ? 1179 LEU A CB  1 
ATOM   551 C  CG  . LEU A 1 73  ? -6.052  0.725   7.538   1.00 13.50 ? 1179 LEU A CG  1 
ATOM   552 C  CD1 . LEU A 1 73  ? -6.653  -0.319  8.485   1.00 15.28 ? 1179 LEU A CD1 1 
ATOM   553 C  CD2 . LEU A 1 73  ? -4.574  0.575   7.487   1.00 14.95 ? 1179 LEU A CD2 1 
ATOM   554 N  N   . SER A 1 74  ? -6.843  2.805   3.098   1.00 11.00 ? 1180 SER A N   1 
ATOM   555 C  CA  . SER A 1 74  ? -7.430  2.812   1.715   1.00 10.95 ? 1180 SER A CA  1 
ATOM   556 C  C   . SER A 1 74  ? -6.432  2.156   0.780   1.00 10.05 ? 1180 SER A C   1 
ATOM   557 O  O   . SER A 1 74  ? -5.217  2.185   1.044   1.00 11.10 ? 1180 SER A O   1 
ATOM   558 C  CB  . SER A 1 74  ? -7.778  4.173   1.260   1.00 11.40 ? 1180 SER A CB  1 
ATOM   559 O  OG  . SER A 1 74  ? -6.667  5.071   1.278   1.00 14.78 ? 1180 SER A OG  1 
ATOM   560 N  N   . ALA A 1 75  ? -6.922  1.604   -0.306  1.00 9.79  ? 1181 ALA A N   1 
ATOM   561 C  CA  . ALA A 1 75  ? -6.116  0.980   -1.381  1.00 8.89  ? 1181 ALA A CA  1 
ATOM   562 C  C   . ALA A 1 75  ? -6.293  1.774   -2.673  1.00 8.90  ? 1181 ALA A C   1 
ATOM   563 O  O   . ALA A 1 75  ? -7.412  2.000   -3.166  1.00 8.58  ? 1181 ALA A O   1 
ATOM   564 C  CB  . ALA A 1 75  ? -6.517  -0.478  -1.606  1.00 9.77  ? 1181 ALA A CB  1 
ATOM   565 N  N   . TRP A 1 76  ? -5.182  2.187   -3.265  1.00 7.34  ? 1182 TRP A N   1 
ATOM   566 C  CA  . TRP A 1 76  ? -5.125  3.004   -4.477  1.00 7.57  ? 1182 TRP A CA  1 
ATOM   567 C  C   . TRP A 1 76  ? -4.479  2.217   -5.556  1.00 7.30  ? 1182 TRP A C   1 
ATOM   568 O  O   . TRP A 1 76  ? -3.481  1.545   -5.312  1.00 7.02  ? 1182 TRP A O   1 
ATOM   569 C  CB  . TRP A 1 76  ? -4.281  4.261   -4.265  1.00 7.68  ? 1182 TRP A CB  1 
ATOM   570 C  CG  . TRP A 1 76  ? -4.153  5.142   -5.486  1.00 7.80  ? 1182 TRP A CG  1 
ATOM   571 C  CD1 . TRP A 1 76  ? -3.068  5.261   -6.265  1.00 8.49  ? 1182 TRP A CD1 1 
ATOM   572 C  CD2 . TRP A 1 76  ? -5.115  6.123   -5.979  1.00 8.16  ? 1182 TRP A CD2 1 
ATOM   573 N  NE1 . TRP A 1 76  ? -3.259  6.215   -7.212  1.00 8.09  ? 1182 TRP A NE1 1 
ATOM   574 C  CE2 . TRP A 1 76  ? -4.489  6.794   -7.039  1.00 8.68  ? 1182 TRP A CE2 1 
ATOM   575 C  CE3 . TRP A 1 76  ? -6.401  6.543   -5.579  1.00 8.52  ? 1182 TRP A CE3 1 
ATOM   576 C  CZ2 . TRP A 1 76  ? -5.113  7.802   -7.752  1.00 9.47  ? 1182 TRP A CZ2 1 
ATOM   577 C  CZ3 . TRP A 1 76  ? -7.036  7.556   -6.322  1.00 8.74  ? 1182 TRP A CZ3 1 
ATOM   578 C  CH2 . TRP A 1 76  ? -6.379  8.188   -7.374  1.00 9.40  ? 1182 TRP A CH2 1 
ATOM   579 N  N   . CYS A 1 77  ? -5.069  2.278   -6.743  1.00 7.43  ? 1183 CYS A N   1 
ATOM   580 C  CA  . CYS A 1 77  ? -4.513  1.742   -7.964  1.00 7.25  ? 1183 CYS A CA  1 
ATOM   581 C  C   . CYS A 1 77  ? -3.948  2.876   -8.819  1.00 7.44  ? 1183 CYS A C   1 
ATOM   582 O  O   . CYS A 1 77  ? -4.693  3.728   -9.330  1.00 7.60  ? 1183 CYS A O   1 
ATOM   583 C  CB  . CYS A 1 77  ? -5.523  0.912   -8.813  1.00 7.26  ? 1183 CYS A CB  1 
ATOM   584 S  SG  . CYS A 1 77  ? -4.752  0.237   -10.301 1.00 6.69  ? 1183 CYS A SG  1 
ATOM   585 N  N   . TYR A 1 78  ? -2.653  2.829   -9.067  1.00 7.40  ? 1184 TYR A N   1 
ATOM   586 C  CA  . TYR A 1 78  ? -1.998  3.848   -9.904  1.00 7.98  ? 1184 TYR A CA  1 
ATOM   587 C  C   . TYR A 1 78  ? -2.389  3.813   -11.371 1.00 8.51  ? 1184 TYR A C   1 
ATOM   588 O  O   . TYR A 1 78  ? -2.245  4.835   -12.042 1.00 8.84  ? 1184 TYR A O   1 
ATOM   589 C  CB  . TYR A 1 78  ? -0.467  3.742   -9.782  1.00 8.53  ? 1184 TYR A CB  1 
ATOM   590 C  CG  . TYR A 1 78  ? 0.089   4.214   -8.485  1.00 8.51  ? 1184 TYR A CG  1 
ATOM   591 C  CD1 . TYR A 1 78  ? 0.196   5.625   -8.210  1.00 8.55  ? 1184 TYR A CD1 1 
ATOM   592 C  CD2 . TYR A 1 78  ? 0.513   3.308   -7.519  1.00 8.12  ? 1184 TYR A CD2 1 
ATOM   593 C  CE1 . TYR A 1 78  ? 0.721   6.060   -7.008  1.00 8.78  ? 1184 TYR A CE1 1 
ATOM   594 C  CE2 . TYR A 1 78  ? 1.025   3.714   -6.341  1.00 8.15  ? 1184 TYR A CE2 1 
ATOM   595 C  CZ  . TYR A 1 78  ? 1.145   5.088   -6.075  1.00 9.59  ? 1184 TYR A CZ  1 
ATOM   596 O  OH  . TYR A 1 78  ? 1.701   5.487   -4.869  1.00 9.15  ? 1184 TYR A OH  1 
ATOM   597 N  N   . TYR A 1 79  ? -2.757  2.641   -11.910 1.00 7.74  ? 1185 TYR A N   1 
ATOM   598 C  CA  . TYR A 1 79  ? -3.221  2.557   -13.292 1.00 8.17  ? 1185 TYR A CA  1 
ATOM   599 C  C   . TYR A 1 79  ? -4.633  3.053   -13.478 1.00 8.17  ? 1185 TYR A C   1 
ATOM   600 O  O   . TYR A 1 79  ? -4.910  3.868   -14.355 1.00 8.24  ? 1185 TYR A O   1 
ATOM   601 C  CB  . TYR A 1 79  ? -3.145  1.146   -13.780 1.00 9.11  ? 1185 TYR A CB  1 
ATOM   602 C  CG  . TYR A 1 79  ? -1.788  0.547   -13.906 1.00 9.73  ? 1185 TYR A CG  1 
ATOM   603 C  CD1 . TYR A 1 79  ? -1.008  0.748   -15.047 1.00 12.00 ? 1185 TYR A CD1 1 
ATOM   604 C  CD2 . TYR A 1 79  ? -1.307  -0.305  -12.958 1.00 10.44 ? 1185 TYR A CD2 1 
ATOM   605 C  CE1 . TYR A 1 79  ? 0.265   0.147   -15.167 1.00 12.06 ? 1185 TYR A CE1 1 
ATOM   606 C  CE2 . TYR A 1 79  ? -0.070  -0.925  -13.070 1.00 10.69 ? 1185 TYR A CE2 1 
ATOM   607 C  CZ  . TYR A 1 79  ? 0.711   -0.716  -14.202 1.00 12.45 ? 1185 TYR A CZ  1 
ATOM   608 O  OH  . TYR A 1 79  ? 1.948   -1.326  -14.323 1.00 13.63 ? 1185 TYR A OH  1 
ATOM   609 N  N   . CYS A 1 80  ? -5.546  2.617   -12.609 1.00 8.34  ? 1186 CYS A N   1 
ATOM   610 C  CA  . CYS A 1 80  ? -6.903  3.052   -12.681 1.00 8.54  ? 1186 CYS A CA  1 
ATOM   611 C  C   . CYS A 1 80  ? -7.088  4.477   -12.108 1.00 9.40  ? 1186 CYS A C   1 
ATOM   612 O  O   . CYS A 1 80  ? -8.150  5.118   -12.361 1.00 8.91  ? 1186 CYS A O   1 
ATOM   613 C  CB  . CYS A 1 80  ? -7.782  2.053   -11.963 1.00 8.54  ? 1186 CYS A CB  1 
ATOM   614 S  SG  . CYS A 1 80  ? -7.831  0.350   -12.664 1.00 8.31  ? 1186 CYS A SG  1 
ATOM   615 N  N   . GLN A 1 81  ? -6.114  4.951   -11.325 1.00 9.05  ? 1187 GLN A N   1 
ATOM   616 C  CA  . GLN A 1 81  ? -6.210  6.225   -10.656 1.00 10.99 ? 1187 GLN A CA  1 
ATOM   617 C  C   . GLN A 1 81  ? -7.512  6.313   -9.881  1.00 10.39 ? 1187 GLN A C   1 
ATOM   618 O  O   . GLN A 1 81  ? -8.263  7.297   -9.969  1.00 10.46 ? 1187 GLN A O   1 
ATOM   619 C  CB  . GLN A 1 81  ? -6.034  7.411   -11.628 1.00 13.90 ? 1187 GLN A CB  1 
ATOM   620 C  CG  . GLN A 1 81  ? -4.763  7.295   -12.338 1.00 16.22 ? 1187 GLN A CG  1 
ATOM   621 C  CD  . GLN A 1 81  ? -4.515  8.489   -13.208 1.00 22.47 ? 1187 GLN A CD  1 
ATOM   622 O  OE1 . GLN A 1 81  ? -4.514  8.366   -14.412 1.00 30.15 ? 1187 GLN A OE1 1 
ATOM   623 N  NE2 . GLN A 1 81  ? -4.278  9.631   -12.596 1.00 27.24 ? 1187 GLN A NE2 1 
ATOM   624 N  N   . ALA A 1 82  ? -7.698  5.311   -9.029  1.00 9.51  ? 1188 ALA A N   1 
ATOM   625 C  CA  . ALA A 1 82  ? -8.875  5.194   -8.157  1.00 9.94  ? 1188 ALA A CA  1 
ATOM   626 C  C   . ALA A 1 82  ? -8.614  4.346   -6.954  1.00 9.22  ? 1188 ALA A C   1 
ATOM   627 O  O   . ALA A 1 82  ? -7.727  3.490   -6.957  1.00 8.68  ? 1188 ALA A O   1 
ATOM   628 C  CB  . ALA A 1 82  ? -10.054 4.601   -8.917  1.00 10.96 ? 1188 ALA A CB  1 
ATOM   629 N  N   . TYR A 1 83  ? -9.403  4.575   -5.910  1.00 9.19  ? 1189 TYR A N   1 
ATOM   630 C  CA  . TYR A 1 83  ? -9.451  3.692   -4.749  1.00 9.48  ? 1189 TYR A CA  1 
ATOM   631 C  C   . TYR A 1 83  ? -10.286 2.478   -5.095  1.00 9.52  ? 1189 TYR A C   1 
ATOM   632 O  O   . TYR A 1 83  ? -11.241 2.608   -5.845  1.00 8.10  ? 1189 TYR A O   1 
ATOM   633 C  CB  . TYR A 1 83  ? -10.103 4.380   -3.561  1.00 10.98 ? 1189 TYR A CB  1 
ATOM   634 C  CG  . TYR A 1 83  ? -9.199  5.487   -3.032  1.00 12.18 ? 1189 TYR A CG  1 
ATOM   635 C  CD1 . TYR A 1 83  ? -8.066  5.166   -2.309  1.00 14.45 ? 1189 TYR A CD1 1 
ATOM   636 C  CD2 . TYR A 1 83  ? -9.478  6.833   -3.265  1.00 14.85 ? 1189 TYR A CD2 1 
ATOM   637 C  CE1 . TYR A 1 83  ? -7.220  6.171   -1.803  1.00 15.74 ? 1189 TYR A CE1 1 
ATOM   638 C  CE2 . TYR A 1 83  ? -8.577  7.851   -2.796  1.00 16.10 ? 1189 TYR A CE2 1 
ATOM   639 C  CZ  . TYR A 1 83  ? -7.467  7.448   -2.079  1.00 16.72 ? 1189 TYR A CZ  1 
ATOM   640 O  OH  . TYR A 1 83  ? -6.575  8.387   -1.625  1.00 22.63 ? 1189 TYR A OH  1 
ATOM   641 N  N   . VAL A 1 84  ? -9.962  1.350   -4.524  1.00 9.34  ? 1190 VAL A N   1 
ATOM   642 C  CA  . VAL A 1 84  ? -10.595 0.059   -4.916  1.00 10.11 ? 1190 VAL A CA  1 
ATOM   643 C  C   . VAL A 1 84  ? -10.973 -0.628  -3.593  1.00 12.84 ? 1190 VAL A C   1 
ATOM   644 O  O   . VAL A 1 84  ? -10.155 -0.599  -2.647  1.00 12.78 ? 1190 VAL A O   1 
ATOM   645 C  CB  . VAL A 1 84  ? -9.614  -0.829  -5.729  1.00 9.37  ? 1190 VAL A CB  1 
ATOM   646 C  CG1 . VAL A 1 84  ? -10.216 -2.212  -6.095  1.00 10.10 ? 1190 VAL A CG1 1 
ATOM   647 C  CG2 . VAL A 1 84  ? -9.179  -0.118  -7.001  1.00 9.31  ? 1190 VAL A CG2 1 
ATOM   648 N  N   . HIS A 1 85  ? -12.195 -1.132  -3.490  1.00 13.90 ? 1191 HIS A N   1 
ATOM   649 C  CA  . HIS A 1 85  ? -12.595 -2.024  -2.371  1.00 16.94 ? 1191 HIS A CA  1 
ATOM   650 C  C   . HIS A 1 85  ? -12.989 -3.384  -2.975  1.00 14.59 ? 1191 HIS A C   1 
ATOM   651 O  O   . HIS A 1 85  ? -13.773 -3.400  -3.936  1.00 15.62 ? 1191 HIS A O   1 
ATOM   652 C  CB  . HIS A 1 85  ? -13.831 -1.470  -1.691  1.00 19.85 ? 1191 HIS A CB  1 
ATOM   653 C  CG  . HIS A 1 85  ? -13.613 -0.222  -0.892  1.00 25.70 ? 1191 HIS A CG  1 
ATOM   654 N  ND1 . HIS A 1 85  ? -14.234 0.985   -1.191  1.00 33.23 ? 1191 HIS A ND1 1 
ATOM   655 C  CD2 . HIS A 1 85  ? -12.912 -0.009  0.240   1.00 27.86 ? 1191 HIS A CD2 1 
ATOM   656 C  CE1 . HIS A 1 85  ? -13.890 1.886   -0.282  1.00 29.73 ? 1191 HIS A CE1 1 
ATOM   657 N  NE2 . HIS A 1 85  ? -13.065 1.320   0.573   1.00 32.61 ? 1191 HIS A NE2 1 
ATOM   658 N  N   . HIS A 1 86  ? -12.483 -4.458  -2.428  1.00 14.65 ? 1192 HIS A N   1 
ATOM   659 C  CA  . HIS A 1 86  ? -12.815 -5.797  -2.934  1.00 15.22 ? 1192 HIS A CA  1 
ATOM   660 C  C   . HIS A 1 86  ? -12.554 -6.773  -1.856  1.00 15.60 ? 1192 HIS A C   1 
ATOM   661 O  O   . HIS A 1 86  ? -11.659 -6.587  -0.991  1.00 15.26 ? 1192 HIS A O   1 
ATOM   662 C  CB  . HIS A 1 86  ? -12.044 -6.175  -4.264  1.00 14.48 ? 1192 HIS A CB  1 
ATOM   663 C  CG  . HIS A 1 86  ? -12.564 -7.414  -4.935  1.00 15.05 ? 1192 HIS A CG  1 
ATOM   664 N  ND1 . HIS A 1 86  ? -12.062 -8.675  -4.692  1.00 16.27 ? 1192 HIS A ND1 1 
ATOM   665 C  CD2 . HIS A 1 86  ? -13.550 -7.577  -5.868  1.00 16.66 ? 1192 HIS A CD2 1 
ATOM   666 C  CE1 . HIS A 1 86  ? -12.704 -9.567  -5.445  1.00 17.71 ? 1192 HIS A CE1 1 
ATOM   667 N  NE2 . HIS A 1 86  ? -13.616 -8.929  -6.175  1.00 16.66 ? 1192 HIS A NE2 1 
ATOM   668 N  N   . GLN A 1 87  ? -13.306 -7.905  -1.914  1.00 17.31 ? 1193 GLN A N   1 
ATOM   669 C  CA  . GLN A 1 87  ? -13.083 -9.025  -1.004  1.00 18.63 ? 1193 GLN A CA  1 
ATOM   670 C  C   . GLN A 1 87  ? -11.612 -9.414  -0.973  1.00 17.15 ? 1193 GLN A C   1 
ATOM   671 O  O   . GLN A 1 87  ? -11.105 -9.725  0.052   1.00 17.77 ? 1193 GLN A O   1 
ATOM   672 C  CB  . GLN A 1 87  ? -14.000 -10.269 -1.393  1.00 19.88 ? 1193 GLN A CB  1 
ATOM   673 C  CG  . GLN A 1 87  ? -14.169 -11.272 -0.269  1.00 24.68 ? 1193 GLN A CG  1 
ATOM   674 C  CD  . GLN A 1 87  ? -15.143 -12.405 -0.620  1.00 24.84 ? 1193 GLN A CD  1 
ATOM   675 O  OE1 . GLN A 1 87  ? -15.551 -12.539 -1.769  1.00 26.96 ? 1193 GLN A OE1 1 
ATOM   676 N  NE2 . GLN A 1 87  ? -15.502 -13.217 0.376   1.00 28.30 ? 1193 GLN A NE2 1 
ATOM   677 N  N   . ALA A 1 88  ? -10.899 -9.358  -2.100  1.00 19.21 ? 1194 ALA A N   1 
ATOM   678 C  CA  . ALA A 1 88  ? -9.502  -9.709  -2.230  1.00 17.23 ? 1194 ALA A CA  1 
ATOM   679 C  C   . ALA A 1 88  ? -8.522  -8.806  -1.413  1.00 16.43 ? 1194 ALA A C   1 
ATOM   680 O  O   . ALA A 1 88  ? -7.339  -9.140  -1.213  1.00 15.58 ? 1194 ALA A O   1 
ATOM   681 C  CB  . ALA A 1 88  ? -9.090  -9.726  -3.677  1.00 20.00 ? 1194 ALA A CB  1 
ATOM   682 N  N   . LEU A 1 89  ? -9.015  -7.699  -0.954  1.00 13.35 ? 1195 LEU A N   1 
ATOM   683 C  CA  . LEU A 1 89  ? -8.208  -6.773  -0.129  1.00 14.59 ? 1195 LEU A CA  1 
ATOM   684 C  C   . LEU A 1 89  ? -8.528  -6.902  1.361   1.00 15.54 ? 1195 LEU A C   1 
ATOM   685 O  O   . LEU A 1 89  ? -7.833  -6.293  2.219   1.00 13.94 ? 1195 LEU A O   1 
ATOM   686 C  CB  . LEU A 1 89  ? -8.521  -5.349  -0.581  1.00 12.97 ? 1195 LEU A CB  1 
ATOM   687 C  CG  . LEU A 1 89  ? -8.114  -4.985  -2.005  1.00 13.41 ? 1195 LEU A CG  1 
ATOM   688 C  CD1 . LEU A 1 89  ? -8.561  -3.577  -2.350  1.00 12.89 ? 1195 LEU A CD1 1 
ATOM   689 C  CD2 . LEU A 1 89  ? -6.657  -5.149  -2.287  1.00 14.85 ? 1195 LEU A CD2 1 
ATOM   690 N  N   . LEU A 1 90  ? -9.545  -7.679  1.725   1.00 16.01 ? 1196 LEU A N   1 
ATOM   691 C  CA  . LEU A 1 90  ? -9.963  -7.696  3.137   1.00 16.30 ? 1196 LEU A CA  1 
ATOM   692 C  C   . LEU A 1 90  ? -8.883  -8.256  4.055   1.00 16.43 ? 1196 LEU A C   1 
ATOM   693 O  O   . LEU A 1 90  ? -8.724  -7.760  5.113   1.00 15.19 ? 1196 LEU A O   1 
ATOM   694 C  CB  . LEU A 1 90  ? -11.327 -8.428  3.373   1.00 17.72 ? 1196 LEU A CB  1 
ATOM   695 C  CG  . LEU A 1 90  ? -12.534 -7.643  2.842   1.00 20.42 ? 1196 LEU A CG  1 
ATOM   696 C  CD1 . LEU A 1 90  ? -13.789 -8.525  2.893   1.00 21.93 ? 1196 LEU A CD1 1 
ATOM   697 C  CD2 . LEU A 1 90  ? -12.825 -6.304  3.530   1.00 19.59 ? 1196 LEU A CD2 1 
ATOM   698 N  N   . ASP A 1 91  ? -8.210  -9.318  3.661   1.00 17.99 ? 1197 ASP A N   1 
ATOM   699 C  CA  . ASP A 1 91  ? -7.225  -9.976  4.525   1.00 19.27 ? 1197 ASP A CA  1 
ATOM   700 C  C   . ASP A 1 91  ? -6.077  -9.012  4.861   1.00 16.07 ? 1197 ASP A C   1 
ATOM   701 O  O   . ASP A 1 91  ? -5.689  -8.872  6.004   1.00 15.72 ? 1197 ASP A O   1 
ATOM   702 C  CB  . ASP A 1 91  ? -6.646  -11.226 3.850   1.00 22.51 ? 1197 ASP A CB  1 
ATOM   703 C  CG  . ASP A 1 91  ? -7.530  -12.447 3.994   1.00 28.74 ? 1197 ASP A CG  1 
ATOM   704 O  OD1 . ASP A 1 91  ? -8.290  -12.533 4.969   1.00 34.99 ? 1197 ASP A OD1 1 
ATOM   705 O  OD2 . ASP A 1 91  ? -7.406  -13.371 3.172   1.00 38.02 ? 1197 ASP A OD2 1 
ATOM   706 N  N   . VAL A 1 92  ? -5.548  -8.341  3.840   1.00 14.79 ? 1198 VAL A N   1 
ATOM   707 C  CA  . VAL A 1 92  ? -4.448  -7.460  4.078   1.00 13.67 ? 1198 VAL A CA  1 
ATOM   708 C  C   . VAL A 1 92  ? -4.907  -6.202  4.859   1.00 12.00 ? 1198 VAL A C   1 
ATOM   709 O  O   . VAL A 1 92  ? -4.154  -5.694  5.711   1.00 10.91 ? 1198 VAL A O   1 
ATOM   710 C  CB  . VAL A 1 92  ? -3.746  -7.071  2.766   1.00 13.47 ? 1198 VAL A CB  1 
ATOM   711 C  CG1 . VAL A 1 92  ? -4.582  -6.128  1.931   1.00 13.49 ? 1198 VAL A CG1 1 
ATOM   712 C  CG2 . VAL A 1 92  ? -2.439  -6.417  3.065   1.00 13.66 ? 1198 VAL A CG2 1 
ATOM   713 N  N   . LYS A 1 93  ? -6.125  -5.697  4.586   1.00 10.82 ? 1199 LYS A N   1 
ATOM   714 C  CA  . LYS A 1 93  ? -6.663  -4.578  5.384   1.00 10.92 ? 1199 LYS A CA  1 
ATOM   715 C  C   . LYS A 1 93  ? -6.800  -4.954  6.798   1.00 11.21 ? 1199 LYS A C   1 
ATOM   716 O  O   . LYS A 1 93  ? -6.443  -4.218  7.718   1.00 10.43 ? 1199 LYS A O   1 
ATOM   717 C  CB  . LYS A 1 93  ? -7.970  -3.994  4.880   1.00 9.92  ? 1199 LYS A CB  1 
ATOM   718 C  CG  . LYS A 1 93  ? -7.734  -3.311  3.504   1.00 10.19 ? 1199 LYS A CG  1 
ATOM   719 C  CD  . LYS A 1 93  ? -8.949  -2.582  2.937   1.00 11.39 ? 1199 LYS A CD  1 
ATOM   720 C  CE  . LYS A 1 93  ? -8.624  -1.683  1.745   1.00 12.02 ? 1199 LYS A CE  1 
ATOM   721 N  NZ  . LYS A 1 93  ? -9.887  -0.975  1.423   1.00 13.59 ? 1199 LYS A NZ  1 
ATOM   722 N  N   . ASN A 1 94  ? -7.279  -6.177  6.992   1.00 10.59 ? 1200 ASN A N   1 
ATOM   723 C  CA  . ASN A 1 94  ? -7.480  -6.603  8.370   1.00 12.62 ? 1200 ASN A CA  1 
ATOM   724 C  C   . ASN A 1 94  ? -6.201  -6.765  9.186   1.00 11.95 ? 1200 ASN A C   1 
ATOM   725 O  O   . ASN A 1 94  ? -6.208  -6.415  10.364  1.00 13.46 ? 1200 ASN A O   1 
ATOM   726 C  CB  . ASN A 1 94  ? -8.222  -7.926  8.394   1.00 14.01 ? 1200 ASN A CB  1 
ATOM   727 C  CG  . ASN A 1 94  ? -9.665  -7.798  7.940   1.00 15.49 ? 1200 ASN A CG  1 
ATOM   728 O  OD1 . ASN A 1 94  ? -10.310 -6.747  8.121   1.00 18.98 ? 1200 ASN A OD1 1 
ATOM   729 N  ND2 . ASN A 1 94  ? -10.225 -8.935  7.455   1.00 19.27 ? 1200 ASN A ND2 1 
ATOM   730 N  N   . ILE A 1 95  ? -5.157  -7.328  8.585   1.00 11.50 ? 1201 ILE A N   1 
ATOM   731 C  CA  . ILE A 1 95  ? -3.849  -7.514  9.217   1.00 12.60 ? 1201 ILE A CA  1 
ATOM   732 C  C   . ILE A 1 95  ? -3.268  -6.116  9.548   1.00 11.32 ? 1201 ILE A C   1 
ATOM   733 O  O   . ILE A 1 95  ? -2.748  -5.875  10.637  1.00 10.84 ? 1201 ILE A O   1 
ATOM   734 C  CB  . ILE A 1 95  ? -2.878  -8.345  8.323   1.00 13.81 ? 1201 ILE A CB  1 
ATOM   735 C  CG1 . ILE A 1 95  ? -3.238  -9.870  8.236   1.00 18.10 ? 1201 ILE A CG1 1 
ATOM   736 C  CG2 . ILE A 1 95  ? -1.447  -8.158  8.745   1.00 16.19 ? 1201 ILE A CG2 1 
ATOM   737 N  N   . ALA A 1 96  ? -3.345  -5.174  8.597   1.00 11.52 ? 1202 ALA A N   1 
ATOM   738 C  CA  . ALA A 1 96  ? -2.961  -3.828  8.907   1.00 10.85 ? 1202 ALA A CA  1 
ATOM   739 C  C   . ALA A 1 96  ? -3.748  -3.161  10.058  1.00 11.32 ? 1202 ALA A C   1 
ATOM   740 O  O   . ALA A 1 96  ? -3.173  -2.533  10.921  1.00 10.74 ? 1202 ALA A O   1 
ATOM   741 C  CB  . ALA A 1 96  ? -3.060  -2.988  7.642   1.00 11.15 ? 1202 ALA A CB  1 
ATOM   742 N  N   . HIS A 1 97  ? -5.089  -3.277  10.016  1.00 11.73 ? 1203 HIS A N   1 
ATOM   743 C  CA  . HIS A 1 97  ? -5.994  -2.751  11.067  1.00 13.44 ? 1203 HIS A CA  1 
ATOM   744 C  C   . HIS A 1 97  ? -5.606  -3.269  12.457  1.00 14.61 ? 1203 HIS A C   1 
ATOM   745 O  O   . HIS A 1 97  ? -5.543  -2.508  13.425  1.00 14.11 ? 1203 HIS A O   1 
ATOM   746 C  CB  . HIS A 1 97  ? -7.445  -3.147  10.755  1.00 14.07 ? 1203 HIS A CB  1 
ATOM   747 C  CG  . HIS A 1 97  ? -8.422  -2.375  11.565  1.00 16.77 ? 1203 HIS A CG  1 
ATOM   748 N  ND1 . HIS A 1 97  ? -8.748  -2.721  12.870  1.00 20.20 ? 1203 HIS A ND1 1 
ATOM   749 C  CD2 . HIS A 1 97  ? -9.066  -1.223  11.301  1.00 20.97 ? 1203 HIS A CD2 1 
ATOM   750 C  CE1 . HIS A 1 97  ? -9.565  -1.805  13.366  1.00 24.14 ? 1203 HIS A CE1 1 
ATOM   751 N  NE2 . HIS A 1 97  ? -9.787  -0.898  12.426  1.00 25.32 ? 1203 HIS A NE2 1 
ATOM   752 N  N   . GLN A 1 98  ? -5.297  -4.549  12.527  1.00 15.91 ? 1204 GLN A N   1 
ATOM   753 C  CA  . GLN A 1 98  ? -4.881  -5.216  13.801  1.00 15.81 ? 1204 GLN A CA  1 
ATOM   754 C  C   . GLN A 1 98  ? -3.548  -4.632  14.273  1.00 14.60 ? 1204 GLN A C   1 
ATOM   755 O  O   . GLN A 1 98  ? -3.356  -4.387  15.474  1.00 12.90 ? 1204 GLN A O   1 
ATOM   756 C  CB  . GLN A 1 98  ? -4.753  -6.738  13.653  1.00 20.04 ? 1204 GLN A CB  1 
ATOM   757 C  CG  . GLN A 1 98  ? -6.078  -7.407  13.418  1.00 28.59 ? 1204 GLN A CG  1 
ATOM   758 C  CD  . GLN A 1 98  ? -6.046  -8.931  13.209  1.00 32.89 ? 1204 GLN A CD  1 
ATOM   759 O  OE1 . GLN A 1 98  ? -5.346  -9.458  12.327  1.00 38.11 ? 1204 GLN A OE1 1 
ATOM   760 N  NE2 . GLN A 1 98  ? -6.875  -9.645  14.003  1.00 35.66 ? 1204 GLN A NE2 1 
ATOM   761 N  N   . ASN A 1 99  ? -2.631  -4.394  13.339  1.00 13.62 ? 1205 ASN A N   1 
ATOM   762 C  CA  . ASN A 1 99  ? -1.311  -3.888  13.719  1.00 13.40 ? 1205 ASN A CA  1 
ATOM   763 C  C   . ASN A 1 99  ? -1.455  -2.446  14.166  1.00 12.24 ? 1205 ASN A C   1 
ATOM   764 O  O   . ASN A 1 99  ? -0.803  -2.046  15.177  1.00 13.53 ? 1205 ASN A O   1 
ATOM   765 C  CB  . ASN A 1 99  ? -0.249  -4.067  12.606  1.00 13.44 ? 1205 ASN A CB  1 
ATOM   766 C  CG  . ASN A 1 99  ? 1.122   -3.612  13.045  1.00 14.78 ? 1205 ASN A CG  1 
ATOM   767 O  OD1 . ASN A 1 99  ? 1.567   -2.560  12.621  1.00 13.66 ? 1205 ASN A OD1 1 
ATOM   768 N  ND2 . ASN A 1 99  ? 1.780   -4.358  13.971  1.00 13.56 ? 1205 ASN A ND2 1 
ATOM   769 N  N   . LYS A 1 100 ? -2.310  -1.694  13.495  1.00 11.34 ? 1206 LYS A N   1 
ATOM   770 C  CA  . LYS A 1 100 ? -2.400  -0.259  13.744  1.00 11.90 ? 1206 LYS A CA  1 
ATOM   771 C  C   . LYS A 1 100 ? -3.133  0.050   15.044  1.00 13.78 ? 1206 LYS A C   1 
ATOM   772 O  O   . LYS A 1 100 ? -2.650  0.870   15.844  1.00 12.82 ? 1206 LYS A O   1 
ATOM   773 C  CB  . LYS A 1 100 ? -3.079  0.474   12.583  1.00 11.19 ? 1206 LYS A CB  1 
ATOM   774 C  CG  . LYS A 1 100 ? -3.035  1.996   12.669  1.00 10.12 ? 1206 LYS A CG  1 
ATOM   775 C  CD  . LYS A 1 100 ? -3.594  2.644   11.421  1.00 10.58 ? 1206 LYS A CD  1 
ATOM   776 C  CE  . LYS A 1 100 ? -3.700  4.185   11.459  1.00 9.71  ? 1206 LYS A CE  1 
ATOM   777 N  NZ  . LYS A 1 100 ? -2.436  4.877   11.250  1.00 10.42 ? 1206 LYS A NZ  1 
ATOM   778 N  N   . PHE A 1 101 ? -4.257  -0.646  15.248  1.00 16.85 ? 1207 PHE A N   1 
ATOM   779 C  CA  . PHE A 1 101 ? -5.203  -0.290  16.357  1.00 21.56 ? 1207 PHE A CA  1 
ATOM   780 C  C   . PHE A 1 101 ? -5.150  -1.174  17.575  1.00 29.21 ? 1207 PHE A C   1 
ATOM   781 O  O   . PHE A 1 101 ? -5.748  -0.820  18.589  1.00 32.84 ? 1207 PHE A O   1 
ATOM   782 C  CB  . PHE A 1 101 ? -6.618  -0.097  15.821  1.00 19.45 ? 1207 PHE A CB  1 
ATOM   783 C  CG  . PHE A 1 101 ? -6.731  1.027   14.796  1.00 18.53 ? 1207 PHE A CG  1 
ATOM   784 C  CD1 . PHE A 1 101 ? -6.744  2.372   15.187  1.00 19.68 ? 1207 PHE A CD1 1 
ATOM   785 C  CD2 . PHE A 1 101 ? -6.894  0.740   13.457  1.00 20.56 ? 1207 PHE A CD2 1 
ATOM   786 C  CE1 . PHE A 1 101 ? -6.839  3.388   14.227  1.00 19.39 ? 1207 PHE A CE1 1 
ATOM   787 C  CE2 . PHE A 1 101 ? -6.964  1.764   12.496  1.00 21.92 ? 1207 PHE A CE2 1 
ATOM   788 C  CZ  . PHE A 1 101 ? -6.968  3.081   12.890  1.00 19.69 ? 1207 PHE A CZ  1 
ATOM   789 N  N   . GLY A 1 102 ? -4.355  -2.241  17.532  1.00 32.19 ? 1208 GLY A N   1 
ATOM   790 C  CA  . GLY A 1 102 ? -4.104  -3.072  18.712  1.00 38.43 ? 1208 GLY A CA  1 
ATOM   791 C  C   . GLY A 1 102 ? -5.119  -4.190  18.780  1.00 43.78 ? 1208 GLY A C   1 
ATOM   792 O  O   . GLY A 1 102 ? -5.099  -5.079  17.932  1.00 51.07 ? 1208 GLY A O   1 
HETATM 793 ZN ZN  . ZN  B 2 .   ? 6.069   -3.208  -5.161  1.00 9.71  ? 1301 ZN  A ZN  1 
HETATM 794 ZN ZN  . ZN  C 2 .   ? 10.171  8.676   1.083   1.00 10.73 ? 1302 ZN  A ZN  1 
HETATM 795 ZN ZN  . ZN  D 2 .   ? -6.420  -0.967  -11.351 1.00 9.80  ? 1303 ZN  A ZN  1 
HETATM 796 X  UNK . UNX E 3 .   ? -9.350  -10.538 -9.521  1.00 20.69 ? 1304 UNX A UNK 1 
HETATM 797 X  UNK . UNX F 3 .   ? 11.099  2.000   -5.465  1.00 17.57 ? 1305 UNX A UNK 1 
HETATM 798 X  UNK . UNX G 3 .   ? -12.395 -3.335  0.989   1.00 18.65 ? 1306 UNX A UNK 1 
HETATM 799 C  C1  . EYJ H 4 .   ? -0.332  7.025   -2.893  1.00 18.93 ? 1307 EYJ A C1  1 
HETATM 800 C  C2  . EYJ H 4 .   ? -1.377  6.728   -3.890  1.00 21.76 ? 1307 EYJ A C2  1 
HETATM 801 C  C3  . EYJ H 4 .   ? -2.267  7.886   -4.211  1.00 22.04 ? 1307 EYJ A C3  1 
HETATM 802 C  C6  . EYJ H 4 .   ? -4.322  11.434  -6.329  1.00 26.53 ? 1307 EYJ A C6  1 
HETATM 803 C  C4  . EYJ H 4 .   ? -3.100  9.606   -5.335  1.00 24.01 ? 1307 EYJ A C4  1 
HETATM 804 O  O1  . EYJ H 4 .   ? 0.452   9.213   -2.493  1.00 13.81 ? 1307 EYJ A O1  1 
HETATM 805 C  C   . EYJ H 4 .   ? 0.590   8.181   -3.158  1.00 16.31 ? 1307 EYJ A C   1 
HETATM 806 O  O   . EYJ H 4 .   ? 1.558   7.971   -4.030  1.00 13.53 ? 1307 EYJ A O   1 
HETATM 807 S  S   . EYJ H 4 .   ? -3.818  8.038   -3.416  1.00 23.46 ? 1307 EYJ A S   1 
HETATM 808 C  C9  . EYJ H 4 .   ? -4.179  9.386   -4.471  1.00 21.64 ? 1307 EYJ A C9  1 
HETATM 809 N  N   . EYJ H 4 .   ? -2.010  8.739   -5.155  1.00 19.92 ? 1307 EYJ A N   1 
HETATM 810 C  C8  . EYJ H 4 .   ? -5.314  10.191  -4.515  1.00 25.32 ? 1307 EYJ A C8  1 
HETATM 811 C  C7  . EYJ H 4 .   ? -5.376  11.210  -5.452  1.00 25.58 ? 1307 EYJ A C7  1 
HETATM 812 C  C5  . EYJ H 4 .   ? -3.180  10.633  -6.283  1.00 24.69 ? 1307 EYJ A C5  1 
HETATM 813 O  O   . HOH I 5 .   ? 2.487   13.869  8.459   1.00 27.41 ? 1401 HOH A O   1 
HETATM 814 O  O   . HOH I 5 .   ? -8.283  -4.614  14.341  1.00 29.60 ? 1402 HOH A O   1 
HETATM 815 O  O   . HOH I 5 .   ? 17.911  5.876   1.580   1.00 28.33 ? 1403 HOH A O   1 
HETATM 816 O  O   . HOH I 5 .   ? 5.892   -7.429  5.669   1.00 21.48 ? 1404 HOH A O   1 
HETATM 817 O  O   . HOH I 5 .   ? -0.143  -2.897  17.541  1.00 26.74 ? 1405 HOH A O   1 
HETATM 818 O  O   . HOH I 5 .   ? -6.284  5.707   -15.625 1.00 34.82 ? 1406 HOH A O   1 
HETATM 819 O  O   . HOH I 5 .   ? -8.456  7.532   1.364   1.00 35.50 ? 1407 HOH A O   1 
HETATM 820 O  O   . HOH I 5 .   ? -5.982  -11.221 -2.080  1.00 25.09 ? 1408 HOH A O   1 
HETATM 821 O  O   . HOH I 5 .   ? 1.513   3.859   -14.744 1.00 13.68 ? 1409 HOH A O   1 
HETATM 822 O  O   . HOH I 5 .   ? 0.231   -4.027  -6.201  1.00 10.15 ? 1410 HOH A O   1 
HETATM 823 O  O   . HOH I 5 .   ? -2.947  7.488   11.345  1.00 21.38 ? 1411 HOH A O   1 
HETATM 824 O  O   . HOH I 5 .   ? 12.658  7.582   10.665  1.00 11.76 ? 1412 HOH A O   1 
HETATM 825 O  O   . HOH I 5 .   ? 4.091   8.634   -3.528  1.00 8.52  ? 1413 HOH A O   1 
HETATM 826 O  O   . HOH I 5 .   ? -0.547  6.752   3.963   1.00 17.75 ? 1414 HOH A O   1 
HETATM 827 O  O   . HOH I 5 .   ? 7.628   10.569  -7.183  1.00 18.19 ? 1415 HOH A O   1 
HETATM 828 O  O   . HOH I 5 .   ? -8.736  -11.564 7.423   1.00 32.62 ? 1416 HOH A O   1 
HETATM 829 O  O   . HOH I 5 .   ? 9.977   -6.925  -1.516  1.00 15.61 ? 1417 HOH A O   1 
HETATM 830 O  O   . HOH I 5 .   ? 5.737   13.998  -4.466  1.00 30.67 ? 1418 HOH A O   1 
HETATM 831 O  O   . HOH I 5 .   ? 3.798   -1.438  14.537  1.00 27.63 ? 1419 HOH A O   1 
HETATM 832 O  O   . HOH I 5 .   ? -4.317  -11.515 -6.417  1.00 23.57 ? 1420 HOH A O   1 
HETATM 833 O  O   . HOH I 5 .   ? 4.572   4.054   8.404   1.00 11.00 ? 1421 HOH A O   1 
HETATM 834 O  O   . HOH I 5 .   ? 14.034  3.307   5.671   1.00 19.31 ? 1422 HOH A O   1 
HETATM 835 O  O   . HOH I 5 .   ? 10.923  0.576   4.605   1.00 10.16 ? 1423 HOH A O   1 
HETATM 836 O  O   . HOH I 5 .   ? -2.353  0.885   18.550  1.00 15.10 ? 1424 HOH A O   1 
HETATM 837 O  O   . HOH I 5 .   ? 5.267   7.107   -11.112 1.00 27.22 ? 1425 HOH A O   1 
HETATM 838 O  O   . HOH I 5 .   ? -0.806  7.124   -11.676 1.00 30.12 ? 1426 HOH A O   1 
HETATM 839 O  O   . HOH I 5 .   ? 8.757   -0.047  -14.335 1.00 9.80  ? 1427 HOH A O   1 
HETATM 840 O  O   . HOH I 5 .   ? -1.350  -7.596  12.266  1.00 16.12 ? 1428 HOH A O   1 
HETATM 841 O  O   . HOH I 5 .   ? 2.187   4.810   11.205  1.00 12.23 ? 1429 HOH A O   1 
HETATM 842 O  O   . HOH I 5 .   ? 5.093   -3.198  6.730   1.00 8.98  ? 1430 HOH A O   1 
HETATM 843 O  O   . HOH I 5 .   ? -18.360 2.761   -6.757  1.00 20.57 ? 1431 HOH A O   1 
HETATM 844 O  O   . HOH I 5 .   ? 1.341   -0.298  15.228  1.00 14.96 ? 1432 HOH A O   1 
HETATM 845 O  O   . HOH I 5 .   ? -2.366  -13.207 -3.579  1.00 20.95 ? 1433 HOH A O   1 
HETATM 846 O  O   . HOH I 5 .   ? -3.741  10.221  -9.933  1.00 28.78 ? 1434 HOH A O   1 
HETATM 847 O  O   . HOH I 5 .   ? 8.671   0.502   12.796  1.00 20.51 ? 1435 HOH A O   1 
HETATM 848 O  O   . HOH I 5 .   ? -8.204  -8.105  -11.263 1.00 13.65 ? 1436 HOH A O   1 
HETATM 849 O  O   . HOH I 5 .   ? 5.108   16.732  -2.375  1.00 20.82 ? 1437 HOH A O   1 
HETATM 850 O  O   . HOH I 5 .   ? 1.414   11.876  1.167   1.00 14.16 ? 1438 HOH A O   1 
HETATM 851 O  O   . HOH I 5 .   ? -7.863  10.875  -1.557  1.00 31.46 ? 1439 HOH A O   1 
HETATM 852 O  O   . HOH I 5 .   ? 4.832   5.981   11.298  1.00 15.00 ? 1440 HOH A O   1 
HETATM 853 O  O   . HOH I 5 .   ? 8.972   -4.231  3.833   1.00 18.19 ? 1441 HOH A O   1 
HETATM 854 O  O   . HOH I 5 .   ? 4.423   -5.984  12.641  1.00 23.15 ? 1442 HOH A O   1 
HETATM 855 O  O   . HOH I 5 .   ? -9.779  1.159   -0.485  1.00 9.04  ? 1443 HOH A O   1 
HETATM 856 O  O   . HOH I 5 .   ? 9.036   -4.916  -11.592 1.00 30.19 ? 1444 HOH A O   1 
HETATM 857 O  O   . HOH I 5 .   ? 7.251   -7.799  -10.130 1.00 22.54 ? 1445 HOH A O   1 
HETATM 858 O  O   . HOH I 5 .   ? 4.675   -4.676  -12.876 1.00 23.77 ? 1446 HOH A O   1 
HETATM 859 O  O   . HOH I 5 .   ? 9.275   13.806  6.424   1.00 32.92 ? 1447 HOH A O   1 
HETATM 860 O  O   . HOH I 5 .   ? 5.554   -4.904  4.684   1.00 13.30 ? 1448 HOH A O   1 
HETATM 861 O  O   . HOH I 5 .   ? -15.683 -8.174  -3.436  1.00 15.79 ? 1449 HOH A O   1 
HETATM 862 O  O   . HOH I 5 .   ? -3.091  -10.705 -0.187  1.00 35.19 ? 1450 HOH A O   1 
HETATM 863 O  O   . HOH I 5 .   ? -7.697  -8.747  -14.091 1.00 20.77 ? 1451 HOH A O   1 
HETATM 864 O  O   . HOH I 5 .   ? 13.201  5.215   -9.374  1.00 24.58 ? 1452 HOH A O   1 
HETATM 865 O  O   . HOH I 5 .   ? -15.597 -9.749  -8.052  1.00 20.70 ? 1453 HOH A O   1 
HETATM 866 O  O   . HOH I 5 .   ? -10.873 1.022   3.202   1.00 16.90 ? 1454 HOH A O   1 
HETATM 867 O  O   . HOH I 5 .   ? -2.704  -2.146  -17.079 1.00 18.12 ? 1455 HOH A O   1 
HETATM 868 O  O   . HOH I 5 .   ? -8.873  -11.070 1.489   1.00 20.65 ? 1456 HOH A O   1 
HETATM 869 O  O   . HOH I 5 .   ? -5.621  -9.304  1.086   1.00 15.70 ? 1457 HOH A O   1 
HETATM 870 O  O   . HOH I 5 .   ? -3.416  -6.433  -14.527 1.00 11.08 ? 1458 HOH A O   1 
HETATM 871 O  O   . HOH I 5 .   ? 1.568   10.010  8.881   1.00 21.99 ? 1459 HOH A O   1 
HETATM 872 O  O   . HOH I 5 .   ? 5.747   -15.470 4.017   1.00 22.24 ? 1460 HOH A O   1 
HETATM 873 O  O   . HOH I 5 .   ? 3.157   -15.896 3.317   1.00 21.15 ? 1461 HOH A O   1 
HETATM 874 O  O   . HOH I 5 .   ? -11.134 3.464   -0.006  1.00 14.64 ? 1462 HOH A O   1 
HETATM 875 O  O   . HOH I 5 .   ? -8.853  -6.457  11.697  1.00 20.15 ? 1463 HOH A O   1 
HETATM 876 O  O   . HOH I 5 .   ? 10.552  -0.934  2.211   1.00 10.69 ? 1464 HOH A O   1 
HETATM 877 O  O   . HOH I 5 .   ? 0.176   -6.724  14.839  1.00 29.55 ? 1465 HOH A O   1 
HETATM 878 O  O   . HOH I 5 .   ? -2.039  -13.793 2.069   1.00 28.59 ? 1466 HOH A O   1 
HETATM 879 O  O   . HOH I 5 .   ? 3.196   6.456   7.912   1.00 10.07 ? 1467 HOH A O   1 
HETATM 880 O  O   . HOH I 5 .   ? 0.740   -12.136 8.151   1.00 28.42 ? 1468 HOH A O   1 
HETATM 881 O  O   . HOH I 5 .   ? -4.032  8.359   2.908   1.00 24.47 ? 1469 HOH A O   1 
HETATM 882 O  O   . HOH I 5 .   ? 0.971   -8.096  11.196  1.00 20.72 ? 1470 HOH A O   1 
HETATM 883 O  O   . HOH I 5 .   ? -11.554 6.659   -6.427  1.00 15.00 ? 1471 HOH A O   1 
HETATM 884 O  O   . HOH I 5 .   ? 12.589  -0.639  0.575   1.00 23.96 ? 1472 HOH A O   1 
HETATM 885 O  O   . HOH I 5 .   ? 10.239  11.302  9.846   1.00 20.07 ? 1473 HOH A O   1 
HETATM 886 O  O   . HOH I 5 .   ? 8.672   -7.385  1.772   1.00 22.83 ? 1474 HOH A O   1 
HETATM 887 O  O   . HOH I 5 .   ? 9.400   16.280  2.731   1.00 22.54 ? 1475 HOH A O   1 
HETATM 888 O  O   . HOH I 5 .   ? -13.130 -11.080 -9.475  1.00 38.37 ? 1476 HOH A O   1 
HETATM 889 O  O   . HOH I 5 .   ? 0.696   6.133   9.611   1.00 30.38 ? 1477 HOH A O   1 
HETATM 890 O  O   . HOH I 5 .   ? -1.787  8.341   -9.192  1.00 22.30 ? 1478 HOH A O   1 
HETATM 891 O  O   . HOH I 5 .   ? -4.613  1.524   -16.925 1.00 23.91 ? 1479 HOH A O   1 
HETATM 892 O  O   . HOH I 5 .   ? 13.836  12.372  -0.222  1.00 21.91 ? 1480 HOH A O   1 
HETATM 893 O  O   . HOH I 5 .   ? -12.975 7.723   -4.342  1.00 27.80 ? 1481 HOH A O   1 
HETATM 894 O  O   . HOH I 5 .   ? 11.364  -3.430  2.856   1.00 23.67 ? 1482 HOH A O   1 
HETATM 895 O  O   . HOH I 5 .   ? 0.654   -11.119 10.531  1.00 26.96 ? 1483 HOH A O   1 
HETATM 896 O  O   . HOH I 5 .   ? 5.387   -1.197  16.710  1.00 23.64 ? 1484 HOH A O   1 
HETATM 897 O  O   . HOH I 5 .   ? -7.133  0.784   -15.838 1.00 16.06 ? 1485 HOH A O   1 
HETATM 898 O  O   . HOH I 5 .   ? -3.360  -0.203  -18.049 1.00 26.77 ? 1486 HOH A O   1 
HETATM 899 O  O   . HOH I 5 .   ? 13.322  0.664   5.829   1.00 24.65 ? 1487 HOH A O   1 
HETATM 900 O  O   . HOH I 5 .   ? -0.776  -1.034  19.334  1.00 31.93 ? 1488 HOH A O   1 
HETATM 901 O  O   . HOH I 5 .   ? 10.417  -4.231  -9.649  1.00 36.79 ? 1489 HOH A O   1 
HETATM 902 O  O   . HOH I 5 .   ? -6.255  -12.448 -4.222  1.00 34.73 ? 1490 HOH A O   1 
# 
loop_
_pdbx_poly_seq_scheme.asym_id 
_pdbx_poly_seq_scheme.entity_id 
_pdbx_poly_seq_scheme.seq_id 
_pdbx_poly_seq_scheme.mon_id 
_pdbx_poly_seq_scheme.ndb_seq_num 
_pdbx_poly_seq_scheme.pdb_seq_num 
_pdbx_poly_seq_scheme.auth_seq_num 
_pdbx_poly_seq_scheme.pdb_mon_id 
_pdbx_poly_seq_scheme.auth_mon_id 
_pdbx_poly_seq_scheme.pdb_strand_id 
_pdbx_poly_seq_scheme.pdb_ins_code 
_pdbx_poly_seq_scheme.hetero 
A 1 1   GLY 1   1107 ?    ?   ?   A . n 
A 1 2   SER 2   1108 ?    ?   ?   A . n 
A 1 3   PRO 3   1109 1109 PRO PRO A . n 
A 1 4   LEU 4   1110 1110 LEU LEU A . n 
A 1 5   PRO 5   1111 1111 PRO PRO A . n 
A 1 6   TRP 6   1112 1112 TRP TRP A . n 
A 1 7   CYS 7   1113 1113 CYS CYS A . n 
A 1 8   PRO 8   1114 1114 PRO PRO A . n 
A 1 9   HIS 9   1115 1115 HIS HIS A . n 
A 1 10  LEU 10  1116 1116 LEU LEU A . n 
A 1 11  VAL 11  1117 1117 VAL VAL A . n 
A 1 12  ALA 12  1118 1118 ALA ALA A . n 
A 1 13  VAL 13  1119 1119 VAL VAL A . n 
A 1 14  CYS 14  1120 1120 CYS CYS A . n 
A 1 15  PRO 15  1121 1121 PRO PRO A . n 
A 1 16  ILE 16  1122 1122 ILE ILE A . n 
A 1 17  PRO 17  1123 1123 PRO PRO A . n 
A 1 18  ALA 18  1124 1124 ALA ALA A . n 
A 1 19  ALA 19  1125 1125 ALA ALA A . n 
A 1 20  GLY 20  1126 1126 GLY GLY A . n 
A 1 21  LEU 21  1127 1127 LEU LEU A . n 
A 1 22  ASP 22  1128 1128 ASP ASP A . n 
A 1 23  VAL 23  1129 1129 VAL VAL A . n 
A 1 24  THR 24  1130 1130 THR THR A . n 
A 1 25  GLN 25  1131 1131 GLN GLN A . n 
A 1 26  PRO 26  1132 1132 PRO PRO A . n 
A 1 27  CYS 27  1133 1133 CYS CYS A . n 
A 1 28  GLY 28  1134 1134 GLY GLY A . n 
A 1 29  ASP 29  1135 1135 ASP ASP A . n 
A 1 30  CYS 30  1136 1136 CYS CYS A . n 
A 1 31  GLY 31  1137 1137 GLY GLY A . n 
A 1 32  THR 32  1138 1138 THR THR A . n 
A 1 33  ILE 33  1139 1139 ILE ILE A . n 
A 1 34  GLN 34  1140 1140 GLN GLN A . n 
A 1 35  GLU 35  1141 1141 GLU GLU A . n 
A 1 36  ASN 36  1142 1142 ASN ASN A . n 
A 1 37  TRP 37  1143 1143 TRP TRP A . n 
A 1 38  VAL 38  1144 1144 VAL VAL A . n 
A 1 39  CYS 39  1145 1145 CYS CYS A . n 
A 1 40  LEU 40  1146 1146 LEU LEU A . n 
A 1 41  SER 41  1147 1147 SER SER A . n 
A 1 42  CYS 42  1148 1148 CYS CYS A . n 
A 1 43  TYR 43  1149 1149 TYR TYR A . n 
A 1 44  GLN 44  1150 1150 GLN GLN A . n 
A 1 45  VAL 45  1151 1151 VAL VAL A . n 
A 1 46  TYR 46  1152 1152 TYR TYR A . n 
A 1 47  CYS 47  1153 1153 CYS CYS A . n 
A 1 48  GLY 48  1154 1154 GLY GLY A . n 
A 1 49  ARG 49  1155 1155 ARG ARG A . n 
A 1 50  TYR 50  1156 1156 TYR TYR A . n 
A 1 51  ILE 51  1157 1157 ILE ILE A . n 
A 1 52  ASN 52  1158 1158 ASN ASN A . n 
A 1 53  GLY 53  1159 1159 GLY GLY A . n 
A 1 54  HIS 54  1160 1160 HIS HIS A . n 
A 1 55  MET 55  1161 1161 MET MET A . n 
A 1 56  LEU 56  1162 1162 LEU LEU A . n 
A 1 57  GLN 57  1163 1163 GLN GLN A . n 
A 1 58  HIS 58  1164 1164 HIS HIS A . n 
A 1 59  HIS 59  1165 1165 HIS HIS A . n 
A 1 60  GLY 60  1166 1166 GLY GLY A . n 
A 1 61  ASN 61  1167 1167 ASN ASN A . n 
A 1 62  SER 62  1168 1168 SER SER A . n 
A 1 63  GLY 63  1169 1169 GLY GLY A . n 
A 1 64  HIS 64  1170 1170 HIS HIS A . n 
A 1 65  PRO 65  1171 1171 PRO PRO A . n 
A 1 66  LEU 66  1172 1172 LEU LEU A . n 
A 1 67  VAL 67  1173 1173 VAL VAL A . n 
A 1 68  LEU 68  1174 1174 LEU LEU A . n 
A 1 69  SER 69  1175 1175 SER SER A . n 
A 1 70  TYR 70  1176 1176 TYR TYR A . n 
A 1 71  ILE 71  1177 1177 ILE ILE A . n 
A 1 72  ASP 72  1178 1178 ASP ASP A . n 
A 1 73  LEU 73  1179 1179 LEU LEU A . n 
A 1 74  SER 74  1180 1180 SER SER A . n 
A 1 75  ALA 75  1181 1181 ALA ALA A . n 
A 1 76  TRP 76  1182 1182 TRP TRP A . n 
A 1 77  CYS 77  1183 1183 CYS CYS A . n 
A 1 78  TYR 78  1184 1184 TYR TYR A . n 
A 1 79  TYR 79  1185 1185 TYR TYR A . n 
A 1 80  CYS 80  1186 1186 CYS CYS A . n 
A 1 81  GLN 81  1187 1187 GLN GLN A . n 
A 1 82  ALA 82  1188 1188 ALA ALA A . n 
A 1 83  TYR 83  1189 1189 TYR TYR A . n 
A 1 84  VAL 84  1190 1190 VAL VAL A . n 
A 1 85  HIS 85  1191 1191 HIS HIS A . n 
A 1 86  HIS 86  1192 1192 HIS HIS A . n 
A 1 87  GLN 87  1193 1193 GLN GLN A . n 
A 1 88  ALA 88  1194 1194 ALA ALA A . n 
A 1 89  LEU 89  1195 1195 LEU LEU A . n 
A 1 90  LEU 90  1196 1196 LEU LEU A . n 
A 1 91  ASP 91  1197 1197 ASP ASP A . n 
A 1 92  VAL 92  1198 1198 VAL VAL A . n 
A 1 93  LYS 93  1199 1199 LYS LYS A . n 
A 1 94  ASN 94  1200 1200 ASN ASN A . n 
A 1 95  ILE 95  1201 1201 ILE ILE A . n 
A 1 96  ALA 96  1202 1202 ALA ALA A . n 
A 1 97  HIS 97  1203 1203 HIS HIS A . n 
A 1 98  GLN 98  1204 1204 GLN GLN A . n 
A 1 99  ASN 99  1205 1205 ASN ASN A . n 
A 1 100 LYS 100 1206 1206 LYS LYS A . n 
A 1 101 PHE 101 1207 1207 PHE PHE A . n 
A 1 102 GLY 102 1208 1208 GLY GLY A . n 
A 1 103 GLU 103 1209 ?    ?   ?   A . n 
A 1 104 ASP 104 1210 ?    ?   ?   A . n 
A 1 105 MET 105 1211 ?    ?   ?   A . n 
A 1 106 PRO 106 1212 ?    ?   ?   A . n 
A 1 107 HIS 107 1213 ?    ?   ?   A . n 
# 
_pdbx_SG_project.id                    1 
_pdbx_SG_project.project_name          ? 
_pdbx_SG_project.full_name_of_center   'Structural Genomics Consortium' 
_pdbx_SG_project.initial_of_center     SGC 
# 
loop_
_pdbx_nonpoly_scheme.asym_id 
_pdbx_nonpoly_scheme.entity_id 
_pdbx_nonpoly_scheme.mon_id 
_pdbx_nonpoly_scheme.ndb_seq_num 
_pdbx_nonpoly_scheme.pdb_seq_num 
_pdbx_nonpoly_scheme.auth_seq_num 
_pdbx_nonpoly_scheme.pdb_mon_id 
_pdbx_nonpoly_scheme.auth_mon_id 
_pdbx_nonpoly_scheme.pdb_strand_id 
_pdbx_nonpoly_scheme.pdb_ins_code 
B 2 ZN  1  1301 1301 ZN  ZN  A . 
C 2 ZN  1  1302 1302 ZN  ZN  A . 
D 2 ZN  1  1303 1303 ZN  ZN  A . 
E 3 UNX 1  1304 1313 UNX UNX A . 
F 3 UNX 1  1305 1    UNX UNX A . 
G 3 UNX 1  1306 2    UNX UNX A . 
H 4 EYJ 1  1307 1    EYJ D26 A . 
I 5 HOH 1  1401 1403 HOH HOH A . 
I 5 HOH 2  1402 48   HOH HOH A . 
I 5 HOH 3  1403 16   HOH HOH A . 
I 5 HOH 4  1404 41   HOH HOH A . 
I 5 HOH 5  1405 1442 HOH HOH A . 
I 5 HOH 6  1406 1429 HOH HOH A . 
I 5 HOH 7  1407 13   HOH HOH A . 
I 5 HOH 8  1408 4    HOH HOH A . 
I 5 HOH 9  1409 1413 HOH HOH A . 
I 5 HOH 10 1410 1425 HOH HOH A . 
I 5 HOH 11 1411 1406 HOH HOH A . 
I 5 HOH 12 1412 1410 HOH HOH A . 
I 5 HOH 13 1413 1409 HOH HOH A . 
I 5 HOH 14 1414 1412 HOH HOH A . 
I 5 HOH 15 1415 1416 HOH HOH A . 
I 5 HOH 16 1416 25   HOH HOH A . 
I 5 HOH 17 1417 1419 HOH HOH A . 
I 5 HOH 18 1418 1423 HOH HOH A . 
I 5 HOH 19 1419 1411 HOH HOH A . 
I 5 HOH 20 1420 3    HOH HOH A . 
I 5 HOH 21 1421 1418 HOH HOH A . 
I 5 HOH 22 1422 23   HOH HOH A . 
I 5 HOH 23 1423 1420 HOH HOH A . 
I 5 HOH 24 1424 1407 HOH HOH A . 
I 5 HOH 25 1425 1427 HOH HOH A . 
I 5 HOH 26 1426 1431 HOH HOH A . 
I 5 HOH 27 1427 1443 HOH HOH A . 
I 5 HOH 28 1428 1424 HOH HOH A . 
I 5 HOH 29 1429 1439 HOH HOH A . 
I 5 HOH 30 1430 1421 HOH HOH A . 
I 5 HOH 31 1431 1402 HOH HOH A . 
I 5 HOH 32 1432 1428 HOH HOH A . 
I 5 HOH 33 1433 46   HOH HOH A . 
I 5 HOH 34 1434 47   HOH HOH A . 
I 5 HOH 35 1435 1441 HOH HOH A . 
I 5 HOH 36 1436 1437 HOH HOH A . 
I 5 HOH 37 1437 45   HOH HOH A . 
I 5 HOH 38 1438 51   HOH HOH A . 
I 5 HOH 39 1439 8    HOH HOH A . 
I 5 HOH 40 1440 1444 HOH HOH A . 
I 5 HOH 41 1441 1446 HOH HOH A . 
I 5 HOH 42 1442 1448 HOH HOH A . 
I 5 HOH 43 1443 17   HOH HOH A . 
I 5 HOH 44 1444 1426 HOH HOH A . 
I 5 HOH 45 1445 1417 HOH HOH A . 
I 5 HOH 46 1446 1432 HOH HOH A . 
I 5 HOH 47 1447 28   HOH HOH A . 
I 5 HOH 48 1448 1447 HOH HOH A . 
I 5 HOH 49 1449 15   HOH HOH A . 
I 5 HOH 50 1450 26   HOH HOH A . 
I 5 HOH 51 1451 1455 HOH HOH A . 
I 5 HOH 52 1452 1451 HOH HOH A . 
I 5 HOH 53 1453 43   HOH HOH A . 
I 5 HOH 54 1454 24   HOH HOH A . 
I 5 HOH 55 1455 1422 HOH HOH A . 
I 5 HOH 56 1456 1435 HOH HOH A . 
I 5 HOH 57 1457 1459 HOH HOH A . 
I 5 HOH 58 1458 1440 HOH HOH A . 
I 5 HOH 59 1459 49   HOH HOH A . 
I 5 HOH 60 1460 36   HOH HOH A . 
I 5 HOH 61 1461 37   HOH HOH A . 
I 5 HOH 62 1462 18   HOH HOH A . 
I 5 HOH 63 1463 42   HOH HOH A . 
I 5 HOH 64 1464 1460 HOH HOH A . 
I 5 HOH 65 1465 1465 HOH HOH A . 
I 5 HOH 66 1466 1468 HOH HOH A . 
I 5 HOH 67 1467 2    HOH HOH A . 
I 5 HOH 68 1468 1463 HOH HOH A . 
I 5 HOH 69 1469 1467 HOH HOH A . 
I 5 HOH 70 1470 1461 HOH HOH A . 
I 5 HOH 71 1471 1462 HOH HOH A . 
I 5 HOH 72 1472 1458 HOH HOH A . 
I 5 HOH 73 1473 1469 HOH HOH A . 
I 5 HOH 74 1474 20   HOH HOH A . 
I 5 HOH 75 1475 22   HOH HOH A . 
I 5 HOH 76 1476 29   HOH HOH A . 
I 5 HOH 77 1477 1    HOH HOH A . 
I 5 HOH 78 1478 1470 HOH HOH A . 
I 5 HOH 79 1479 1472 HOH HOH A . 
I 5 HOH 80 1480 44   HOH HOH A . 
I 5 HOH 81 1481 50   HOH HOH A . 
I 5 HOH 82 1482 1473 HOH HOH A . 
I 5 HOH 83 1483 1475 HOH HOH A . 
I 5 HOH 84 1484 1476 HOH HOH A . 
I 5 HOH 85 1485 1478 HOH HOH A . 
I 5 HOH 86 1486 1481 HOH HOH A . 
I 5 HOH 87 1487 1480 HOH HOH A . 
I 5 HOH 88 1488 1466 HOH HOH A . 
I 5 HOH 89 1489 14   HOH HOH A . 
I 5 HOH 90 1490 12   HOH HOH A . 
# 
_pdbx_struct_assembly.id                   1 
_pdbx_struct_assembly.details              author_and_software_defined_assembly 
_pdbx_struct_assembly.method_details       PISA 
_pdbx_struct_assembly.oligomeric_details   monomeric 
_pdbx_struct_assembly.oligomeric_count     1 
# 
_pdbx_struct_assembly_gen.assembly_id       1 
_pdbx_struct_assembly_gen.oper_expression   1 
_pdbx_struct_assembly_gen.asym_id_list      A,B,C,D,E,F,G,H,I 
# 
loop_
_pdbx_struct_assembly_prop.biol_id 
_pdbx_struct_assembly_prop.type 
_pdbx_struct_assembly_prop.value 
_pdbx_struct_assembly_prop.details 
1 'ABSA (A^2)' 0    ? 
1 MORE         0    ? 
1 'SSA (A^2)'  5690 ? 
# 
_pdbx_struct_oper_list.id                   1 
_pdbx_struct_oper_list.type                 'identity operation' 
_pdbx_struct_oper_list.name                 1_555 
_pdbx_struct_oper_list.symmetry_operation   x,y,z 
_pdbx_struct_oper_list.matrix[1][1]         1.0000000000 
_pdbx_struct_oper_list.matrix[1][2]         0.0000000000 
_pdbx_struct_oper_list.matrix[1][3]         0.0000000000 
_pdbx_struct_oper_list.vector[1]            0.0000000000 
_pdbx_struct_oper_list.matrix[2][1]         0.0000000000 
_pdbx_struct_oper_list.matrix[2][2]         1.0000000000 
_pdbx_struct_oper_list.matrix[2][3]         0.0000000000 
_pdbx_struct_oper_list.vector[2]            0.0000000000 
_pdbx_struct_oper_list.matrix[3][1]         0.0000000000 
_pdbx_struct_oper_list.matrix[3][2]         0.0000000000 
_pdbx_struct_oper_list.matrix[3][3]         1.0000000000 
_pdbx_struct_oper_list.vector[3]            0.0000000000 
# 
loop_
_pdbx_struct_conn_angle.id 
_pdbx_struct_conn_angle.ptnr1_label_atom_id 
_pdbx_struct_conn_angle.ptnr1_label_alt_id 
_pdbx_struct_conn_angle.ptnr1_label_asym_id 
_pdbx_struct_conn_angle.ptnr1_label_comp_id 
_pdbx_struct_conn_angle.ptnr1_label_seq_id 
_pdbx_struct_conn_angle.ptnr1_auth_atom_id 
_pdbx_struct_conn_angle.ptnr1_auth_asym_id 
_pdbx_struct_conn_angle.ptnr1_auth_comp_id 
_pdbx_struct_conn_angle.ptnr1_auth_seq_id 
_pdbx_struct_conn_angle.ptnr1_PDB_ins_code 
_pdbx_struct_conn_angle.ptnr1_symmetry 
_pdbx_struct_conn_angle.ptnr2_label_atom_id 
_pdbx_struct_conn_angle.ptnr2_label_alt_id 
_pdbx_struct_conn_angle.ptnr2_label_asym_id 
_pdbx_struct_conn_angle.ptnr2_label_comp_id 
_pdbx_struct_conn_angle.ptnr2_label_seq_id 
_pdbx_struct_conn_angle.ptnr2_auth_atom_id 
_pdbx_struct_conn_angle.ptnr2_auth_asym_id 
_pdbx_struct_conn_angle.ptnr2_auth_comp_id 
_pdbx_struct_conn_angle.ptnr2_auth_seq_id 
_pdbx_struct_conn_angle.ptnr2_PDB_ins_code 
_pdbx_struct_conn_angle.ptnr2_symmetry 
_pdbx_struct_conn_angle.ptnr3_label_atom_id 
_pdbx_struct_conn_angle.ptnr3_label_alt_id 
_pdbx_struct_conn_angle.ptnr3_label_asym_id 
_pdbx_struct_conn_angle.ptnr3_label_comp_id 
_pdbx_struct_conn_angle.ptnr3_label_seq_id 
_pdbx_struct_conn_angle.ptnr3_auth_atom_id 
_pdbx_struct_conn_angle.ptnr3_auth_asym_id 
_pdbx_struct_conn_angle.ptnr3_auth_comp_id 
_pdbx_struct_conn_angle.ptnr3_auth_seq_id 
_pdbx_struct_conn_angle.ptnr3_PDB_ins_code 
_pdbx_struct_conn_angle.ptnr3_symmetry 
_pdbx_struct_conn_angle.value 
_pdbx_struct_conn_angle.value_esd 
1  SG  ? A CYS 7  ? A CYS 1113 ? 1_555 ZN ? D ZN . ? A ZN 1303 ? 1_555 ND1 ? A HIS 9  ? A HIS 1115 ? 1_555 109.8 ? 
2  SG  ? A CYS 7  ? A CYS 1113 ? 1_555 ZN ? D ZN . ? A ZN 1303 ? 1_555 SG  ? A CYS 77 ? A CYS 1183 ? 1_555 115.7 ? 
3  ND1 ? A HIS 9  ? A HIS 1115 ? 1_555 ZN ? D ZN . ? A ZN 1303 ? 1_555 SG  ? A CYS 77 ? A CYS 1183 ? 1_555 98.0  ? 
4  SG  ? A CYS 7  ? A CYS 1113 ? 1_555 ZN ? D ZN . ? A ZN 1303 ? 1_555 SG  ? A CYS 80 ? A CYS 1186 ? 1_555 112.8 ? 
5  ND1 ? A HIS 9  ? A HIS 1115 ? 1_555 ZN ? D ZN . ? A ZN 1303 ? 1_555 SG  ? A CYS 80 ? A CYS 1186 ? 1_555 105.5 ? 
6  SG  ? A CYS 77 ? A CYS 1183 ? 1_555 ZN ? D ZN . ? A ZN 1303 ? 1_555 SG  ? A CYS 80 ? A CYS 1186 ? 1_555 113.5 ? 
7  SG  ? A CYS 27 ? A CYS 1133 ? 1_555 ZN ? C ZN . ? A ZN 1302 ? 1_555 SG  ? A CYS 30 ? A CYS 1136 ? 1_555 109.3 ? 
8  SG  ? A CYS 27 ? A CYS 1133 ? 1_555 ZN ? C ZN . ? A ZN 1302 ? 1_555 SG  ? A CYS 47 ? A CYS 1153 ? 1_555 112.7 ? 
9  SG  ? A CYS 30 ? A CYS 1136 ? 1_555 ZN ? C ZN . ? A ZN 1302 ? 1_555 SG  ? A CYS 47 ? A CYS 1153 ? 1_555 115.4 ? 
10 SG  ? A CYS 27 ? A CYS 1133 ? 1_555 ZN ? C ZN . ? A ZN 1302 ? 1_555 ND1 ? A HIS 54 ? A HIS 1160 ? 1_555 106.4 ? 
11 SG  ? A CYS 30 ? A CYS 1136 ? 1_555 ZN ? C ZN . ? A ZN 1302 ? 1_555 ND1 ? A HIS 54 ? A HIS 1160 ? 1_555 109.2 ? 
12 SG  ? A CYS 47 ? A CYS 1153 ? 1_555 ZN ? C ZN . ? A ZN 1302 ? 1_555 ND1 ? A HIS 54 ? A HIS 1160 ? 1_555 103.2 ? 
13 SG  ? A CYS 39 ? A CYS 1145 ? 1_555 ZN ? B ZN . ? A ZN 1301 ? 1_555 SG  ? A CYS 42 ? A CYS 1148 ? 1_555 116.0 ? 
14 SG  ? A CYS 39 ? A CYS 1145 ? 1_555 ZN ? B ZN . ? A ZN 1301 ? 1_555 NE2 ? A HIS 58 ? A HIS 1164 ? 1_555 111.7 ? 
15 SG  ? A CYS 42 ? A CYS 1148 ? 1_555 ZN ? B ZN . ? A ZN 1301 ? 1_555 NE2 ? A HIS 58 ? A HIS 1164 ? 1_555 99.4  ? 
16 SG  ? A CYS 39 ? A CYS 1145 ? 1_555 ZN ? B ZN . ? A ZN 1301 ? 1_555 ND1 ? A HIS 64 ? A HIS 1170 ? 1_555 107.1 ? 
17 SG  ? A CYS 42 ? A CYS 1148 ? 1_555 ZN ? B ZN . ? A ZN 1301 ? 1_555 ND1 ? A HIS 64 ? A HIS 1170 ? 1_555 110.7 ? 
18 NE2 ? A HIS 58 ? A HIS 1164 ? 1_555 ZN ? B ZN . ? A ZN 1301 ? 1_555 ND1 ? A HIS 64 ? A HIS 1170 ? 1_555 111.8 ? 
# 
loop_
_pdbx_audit_revision_history.ordinal 
_pdbx_audit_revision_history.data_content_type 
_pdbx_audit_revision_history.major_revision 
_pdbx_audit_revision_history.minor_revision 
_pdbx_audit_revision_history.revision_date 
1 'Structure model' 1 0 2018-02-28 
2 'Structure model' 1 1 2018-05-16 
3 'Structure model' 1 2 2018-05-30 
4 'Structure model' 1 3 2023-10-04 
# 
_pdbx_audit_revision_details.ordinal             1 
_pdbx_audit_revision_details.revision_ordinal    1 
_pdbx_audit_revision_details.data_content_type   'Structure model' 
_pdbx_audit_revision_details.provider            repository 
_pdbx_audit_revision_details.type                'Initial release' 
_pdbx_audit_revision_details.description         ? 
_pdbx_audit_revision_details.details             ? 
# 
loop_
_pdbx_audit_revision_group.ordinal 
_pdbx_audit_revision_group.revision_ordinal 
_pdbx_audit_revision_group.data_content_type 
_pdbx_audit_revision_group.group 
1 2 'Structure model' 'Data collection'        
2 2 'Structure model' 'Database references'    
3 3 'Structure model' 'Data collection'        
4 3 'Structure model' 'Database references'    
5 4 'Structure model' 'Data collection'        
6 4 'Structure model' 'Database references'    
7 4 'Structure model' 'Refinement description' 
# 
loop_
_pdbx_audit_revision_category.ordinal 
_pdbx_audit_revision_category.revision_ordinal 
_pdbx_audit_revision_category.data_content_type 
_pdbx_audit_revision_category.category 
1 2 'Structure model' citation                      
2 2 'Structure model' citation_author               
3 3 'Structure model' citation                      
4 4 'Structure model' chem_comp_atom                
5 4 'Structure model' chem_comp_bond                
6 4 'Structure model' database_2                    
7 4 'Structure model' pdbx_initial_refinement_model 
# 
loop_
_pdbx_audit_revision_item.ordinal 
_pdbx_audit_revision_item.revision_ordinal 
_pdbx_audit_revision_item.data_content_type 
_pdbx_audit_revision_item.item 
1  2 'Structure model' '_citation.country'                   
2  2 'Structure model' '_citation.journal_abbrev'            
3  2 'Structure model' '_citation.journal_id_ASTM'           
4  2 'Structure model' '_citation.journal_id_CSD'            
5  2 'Structure model' '_citation.journal_id_ISSN'           
6  2 'Structure model' '_citation.pdbx_database_id_DOI'      
7  2 'Structure model' '_citation.pdbx_database_id_PubMed'   
8  2 'Structure model' '_citation.title'                     
9  2 'Structure model' '_citation.year'                      
10 2 'Structure model' '_citation_author.name'               
11 3 'Structure model' '_citation.journal_volume'            
12 3 'Structure model' '_citation.page_first'                
13 3 'Structure model' '_citation.page_last'                 
14 4 'Structure model' '_database_2.pdbx_DOI'                
15 4 'Structure model' '_database_2.pdbx_database_accession' 
# 
loop_
_software.citation_id 
_software.classification 
_software.compiler_name 
_software.compiler_version 
_software.contact_author 
_software.contact_author_email 
_software.date 
_software.description 
_software.dependencies 
_software.hardware 
_software.language 
_software.location 
_software.mods 
_software.name 
_software.os 
_software.os_version 
_software.type 
_software.version 
_software.pdbx_ordinal 
? refinement        ? ? ? ? ? ? ? ? ? ? ? REFMAC      ? ? ? 5.8.0189 1 
? 'data scaling'    ? ? ? ? ? ? ? ? ? ? ? Aimless     ? ? ? 0.6.2    2 
? 'data extraction' ? ? ? ? ? ? ? ? ? ? ? PDB_EXTRACT ? ? ? 3.24     3 
? 'data reduction'  ? ? ? ? ? ? ? ? ? ? ? xia2        ? ? ? .        4 
# 
loop_
_pdbx_validate_torsion.id 
_pdbx_validate_torsion.PDB_model_num 
_pdbx_validate_torsion.auth_comp_id 
_pdbx_validate_torsion.auth_asym_id 
_pdbx_validate_torsion.auth_seq_id 
_pdbx_validate_torsion.PDB_ins_code 
_pdbx_validate_torsion.label_alt_id 
_pdbx_validate_torsion.phi 
_pdbx_validate_torsion.psi 
1 1 ASP A 1135 ? B -92.59 -71.63  
2 1 ILE A 1157 ? ? -95.49 -101.03 
# 
loop_
_pdbx_unobs_or_zero_occ_atoms.id 
_pdbx_unobs_or_zero_occ_atoms.PDB_model_num 
_pdbx_unobs_or_zero_occ_atoms.polymer_flag 
_pdbx_unobs_or_zero_occ_atoms.occupancy_flag 
_pdbx_unobs_or_zero_occ_atoms.auth_asym_id 
_pdbx_unobs_or_zero_occ_atoms.auth_comp_id 
_pdbx_unobs_or_zero_occ_atoms.auth_seq_id 
_pdbx_unobs_or_zero_occ_atoms.PDB_ins_code 
_pdbx_unobs_or_zero_occ_atoms.auth_atom_id 
_pdbx_unobs_or_zero_occ_atoms.label_alt_id 
_pdbx_unobs_or_zero_occ_atoms.label_asym_id 
_pdbx_unobs_or_zero_occ_atoms.label_comp_id 
_pdbx_unobs_or_zero_occ_atoms.label_seq_id 
_pdbx_unobs_or_zero_occ_atoms.label_atom_id 
1 1 Y 1 A ILE 1122 ? CD1 ? A ILE 16 CD1 
2 1 Y 1 A ILE 1177 ? CD1 ? A ILE 71 CD1 
3 1 Y 1 A ILE 1201 ? CD1 ? A ILE 95 CD1 
# 
loop_
_pdbx_unobs_or_zero_occ_residues.id 
_pdbx_unobs_or_zero_occ_residues.PDB_model_num 
_pdbx_unobs_or_zero_occ_residues.polymer_flag 
_pdbx_unobs_or_zero_occ_residues.occupancy_flag 
_pdbx_unobs_or_zero_occ_residues.auth_asym_id 
_pdbx_unobs_or_zero_occ_residues.auth_comp_id 
_pdbx_unobs_or_zero_occ_residues.auth_seq_id 
_pdbx_unobs_or_zero_occ_residues.PDB_ins_code 
_pdbx_unobs_or_zero_occ_residues.label_asym_id 
_pdbx_unobs_or_zero_occ_residues.label_comp_id 
_pdbx_unobs_or_zero_occ_residues.label_seq_id 
1 1 Y 1 A GLY 1107 ? A GLY 1   
2 1 Y 1 A SER 1108 ? A SER 2   
3 1 Y 1 A GLU 1209 ? A GLU 103 
4 1 Y 1 A ASP 1210 ? A ASP 104 
5 1 Y 1 A MET 1211 ? A MET 105 
6 1 Y 1 A PRO 1212 ? A PRO 106 
7 1 Y 1 A HIS 1213 ? A HIS 107 
# 
loop_
_chem_comp_atom.comp_id 
_chem_comp_atom.atom_id 
_chem_comp_atom.type_symbol 
_chem_comp_atom.pdbx_aromatic_flag 
_chem_comp_atom.pdbx_stereo_config 
_chem_comp_atom.pdbx_ordinal 
ALA N    N  N N 1   
ALA CA   C  N S 2   
ALA C    C  N N 3   
ALA O    O  N N 4   
ALA CB   C  N N 5   
ALA OXT  O  N N 6   
ALA H    H  N N 7   
ALA H2   H  N N 8   
ALA HA   H  N N 9   
ALA HB1  H  N N 10  
ALA HB2  H  N N 11  
ALA HB3  H  N N 12  
ALA HXT  H  N N 13  
ARG N    N  N N 14  
ARG CA   C  N S 15  
ARG C    C  N N 16  
ARG O    O  N N 17  
ARG CB   C  N N 18  
ARG CG   C  N N 19  
ARG CD   C  N N 20  
ARG NE   N  N N 21  
ARG CZ   C  N N 22  
ARG NH1  N  N N 23  
ARG NH2  N  N N 24  
ARG OXT  O  N N 25  
ARG H    H  N N 26  
ARG H2   H  N N 27  
ARG HA   H  N N 28  
ARG HB2  H  N N 29  
ARG HB3  H  N N 30  
ARG HG2  H  N N 31  
ARG HG3  H  N N 32  
ARG HD2  H  N N 33  
ARG HD3  H  N N 34  
ARG HE   H  N N 35  
ARG HH11 H  N N 36  
ARG HH12 H  N N 37  
ARG HH21 H  N N 38  
ARG HH22 H  N N 39  
ARG HXT  H  N N 40  
ASN N    N  N N 41  
ASN CA   C  N S 42  
ASN C    C  N N 43  
ASN O    O  N N 44  
ASN CB   C  N N 45  
ASN CG   C  N N 46  
ASN OD1  O  N N 47  
ASN ND2  N  N N 48  
ASN OXT  O  N N 49  
ASN H    H  N N 50  
ASN H2   H  N N 51  
ASN HA   H  N N 52  
ASN HB2  H  N N 53  
ASN HB3  H  N N 54  
ASN HD21 H  N N 55  
ASN HD22 H  N N 56  
ASN HXT  H  N N 57  
ASP N    N  N N 58  
ASP CA   C  N S 59  
ASP C    C  N N 60  
ASP O    O  N N 61  
ASP CB   C  N N 62  
ASP CG   C  N N 63  
ASP OD1  O  N N 64  
ASP OD2  O  N N 65  
ASP OXT  O  N N 66  
ASP H    H  N N 67  
ASP H2   H  N N 68  
ASP HA   H  N N 69  
ASP HB2  H  N N 70  
ASP HB3  H  N N 71  
ASP HD2  H  N N 72  
ASP HXT  H  N N 73  
CYS N    N  N N 74  
CYS CA   C  N R 75  
CYS C    C  N N 76  
CYS O    O  N N 77  
CYS CB   C  N N 78  
CYS SG   S  N N 79  
CYS OXT  O  N N 80  
CYS H    H  N N 81  
CYS H2   H  N N 82  
CYS HA   H  N N 83  
CYS HB2  H  N N 84  
CYS HB3  H  N N 85  
CYS HG   H  N N 86  
CYS HXT  H  N N 87  
EYJ C1   C  N N 88  
EYJ C2   C  N N 89  
EYJ C3   C  Y N 90  
EYJ C6   C  Y N 91  
EYJ C4   C  Y N 92  
EYJ O1   O  N N 93  
EYJ C    C  N N 94  
EYJ O    O  N N 95  
EYJ S    S  Y N 96  
EYJ C9   C  Y N 97  
EYJ N    N  Y N 98  
EYJ C8   C  Y N 99  
EYJ C7   C  Y N 100 
EYJ C5   C  Y N 101 
EYJ H1   H  N N 102 
EYJ H2   H  N N 103 
EYJ H3   H  N N 104 
EYJ H4   H  N N 105 
EYJ H5   H  N N 106 
EYJ H6   H  N N 107 
EYJ H7   H  N N 108 
EYJ H8   H  N N 109 
EYJ H9   H  N N 110 
GLN N    N  N N 111 
GLN CA   C  N S 112 
GLN C    C  N N 113 
GLN O    O  N N 114 
GLN CB   C  N N 115 
GLN CG   C  N N 116 
GLN CD   C  N N 117 
GLN OE1  O  N N 118 
GLN NE2  N  N N 119 
GLN OXT  O  N N 120 
GLN H    H  N N 121 
GLN H2   H  N N 122 
GLN HA   H  N N 123 
GLN HB2  H  N N 124 
GLN HB3  H  N N 125 
GLN HG2  H  N N 126 
GLN HG3  H  N N 127 
GLN HE21 H  N N 128 
GLN HE22 H  N N 129 
GLN HXT  H  N N 130 
GLU N    N  N N 131 
GLU CA   C  N S 132 
GLU C    C  N N 133 
GLU O    O  N N 134 
GLU CB   C  N N 135 
GLU CG   C  N N 136 
GLU CD   C  N N 137 
GLU OE1  O  N N 138 
GLU OE2  O  N N 139 
GLU OXT  O  N N 140 
GLU H    H  N N 141 
GLU H2   H  N N 142 
GLU HA   H  N N 143 
GLU HB2  H  N N 144 
GLU HB3  H  N N 145 
GLU HG2  H  N N 146 
GLU HG3  H  N N 147 
GLU HE2  H  N N 148 
GLU HXT  H  N N 149 
GLY N    N  N N 150 
GLY CA   C  N N 151 
GLY C    C  N N 152 
GLY O    O  N N 153 
GLY OXT  O  N N 154 
GLY H    H  N N 155 
GLY H2   H  N N 156 
GLY HA2  H  N N 157 
GLY HA3  H  N N 158 
GLY HXT  H  N N 159 
HIS N    N  N N 160 
HIS CA   C  N S 161 
HIS C    C  N N 162 
HIS O    O  N N 163 
HIS CB   C  N N 164 
HIS CG   C  Y N 165 
HIS ND1  N  Y N 166 
HIS CD2  C  Y N 167 
HIS CE1  C  Y N 168 
HIS NE2  N  Y N 169 
HIS OXT  O  N N 170 
HIS H    H  N N 171 
HIS H2   H  N N 172 
HIS HA   H  N N 173 
HIS HB2  H  N N 174 
HIS HB3  H  N N 175 
HIS HD1  H  N N 176 
HIS HD2  H  N N 177 
HIS HE1  H  N N 178 
HIS HE2  H  N N 179 
HIS HXT  H  N N 180 
HOH O    O  N N 181 
HOH H1   H  N N 182 
HOH H2   H  N N 183 
ILE N    N  N N 184 
ILE CA   C  N S 185 
ILE C    C  N N 186 
ILE O    O  N N 187 
ILE CB   C  N S 188 
ILE CG1  C  N N 189 
ILE CG2  C  N N 190 
ILE CD1  C  N N 191 
ILE OXT  O  N N 192 
ILE H    H  N N 193 
ILE H2   H  N N 194 
ILE HA   H  N N 195 
ILE HB   H  N N 196 
ILE HG12 H  N N 197 
ILE HG13 H  N N 198 
ILE HG21 H  N N 199 
ILE HG22 H  N N 200 
ILE HG23 H  N N 201 
ILE HD11 H  N N 202 
ILE HD12 H  N N 203 
ILE HD13 H  N N 204 
ILE HXT  H  N N 205 
LEU N    N  N N 206 
LEU CA   C  N S 207 
LEU C    C  N N 208 
LEU O    O  N N 209 
LEU CB   C  N N 210 
LEU CG   C  N N 211 
LEU CD1  C  N N 212 
LEU CD2  C  N N 213 
LEU OXT  O  N N 214 
LEU H    H  N N 215 
LEU H2   H  N N 216 
LEU HA   H  N N 217 
LEU HB2  H  N N 218 
LEU HB3  H  N N 219 
LEU HG   H  N N 220 
LEU HD11 H  N N 221 
LEU HD12 H  N N 222 
LEU HD13 H  N N 223 
LEU HD21 H  N N 224 
LEU HD22 H  N N 225 
LEU HD23 H  N N 226 
LEU HXT  H  N N 227 
LYS N    N  N N 228 
LYS CA   C  N S 229 
LYS C    C  N N 230 
LYS O    O  N N 231 
LYS CB   C  N N 232 
LYS CG   C  N N 233 
LYS CD   C  N N 234 
LYS CE   C  N N 235 
LYS NZ   N  N N 236 
LYS OXT  O  N N 237 
LYS H    H  N N 238 
LYS H2   H  N N 239 
LYS HA   H  N N 240 
LYS HB2  H  N N 241 
LYS HB3  H  N N 242 
LYS HG2  H  N N 243 
LYS HG3  H  N N 244 
LYS HD2  H  N N 245 
LYS HD3  H  N N 246 
LYS HE2  H  N N 247 
LYS HE3  H  N N 248 
LYS HZ1  H  N N 249 
LYS HZ2  H  N N 250 
LYS HZ3  H  N N 251 
LYS HXT  H  N N 252 
MET N    N  N N 253 
MET CA   C  N S 254 
MET C    C  N N 255 
MET O    O  N N 256 
MET CB   C  N N 257 
MET CG   C  N N 258 
MET SD   S  N N 259 
MET CE   C  N N 260 
MET OXT  O  N N 261 
MET H    H  N N 262 
MET H2   H  N N 263 
MET HA   H  N N 264 
MET HB2  H  N N 265 
MET HB3  H  N N 266 
MET HG2  H  N N 267 
MET HG3  H  N N 268 
MET HE1  H  N N 269 
MET HE2  H  N N 270 
MET HE3  H  N N 271 
MET HXT  H  N N 272 
PHE N    N  N N 273 
PHE CA   C  N S 274 
PHE C    C  N N 275 
PHE O    O  N N 276 
PHE CB   C  N N 277 
PHE CG   C  Y N 278 
PHE CD1  C  Y N 279 
PHE CD2  C  Y N 280 
PHE CE1  C  Y N 281 
PHE CE2  C  Y N 282 
PHE CZ   C  Y N 283 
PHE OXT  O  N N 284 
PHE H    H  N N 285 
PHE H2   H  N N 286 
PHE HA   H  N N 287 
PHE HB2  H  N N 288 
PHE HB3  H  N N 289 
PHE HD1  H  N N 290 
PHE HD2  H  N N 291 
PHE HE1  H  N N 292 
PHE HE2  H  N N 293 
PHE HZ   H  N N 294 
PHE HXT  H  N N 295 
PRO N    N  N N 296 
PRO CA   C  N S 297 
PRO C    C  N N 298 
PRO O    O  N N 299 
PRO CB   C  N N 300 
PRO CG   C  N N 301 
PRO CD   C  N N 302 
PRO OXT  O  N N 303 
PRO H    H  N N 304 
PRO HA   H  N N 305 
PRO HB2  H  N N 306 
PRO HB3  H  N N 307 
PRO HG2  H  N N 308 
PRO HG3  H  N N 309 
PRO HD2  H  N N 310 
PRO HD3  H  N N 311 
PRO HXT  H  N N 312 
SER N    N  N N 313 
SER CA   C  N S 314 
SER C    C  N N 315 
SER O    O  N N 316 
SER CB   C  N N 317 
SER OG   O  N N 318 
SER OXT  O  N N 319 
SER H    H  N N 320 
SER H2   H  N N 321 
SER HA   H  N N 322 
SER HB2  H  N N 323 
SER HB3  H  N N 324 
SER HG   H  N N 325 
SER HXT  H  N N 326 
THR N    N  N N 327 
THR CA   C  N S 328 
THR C    C  N N 329 
THR O    O  N N 330 
THR CB   C  N R 331 
THR OG1  O  N N 332 
THR CG2  C  N N 333 
THR OXT  O  N N 334 
THR H    H  N N 335 
THR H2   H  N N 336 
THR HA   H  N N 337 
THR HB   H  N N 338 
THR HG1  H  N N 339 
THR HG21 H  N N 340 
THR HG22 H  N N 341 
THR HG23 H  N N 342 
THR HXT  H  N N 343 
TRP N    N  N N 344 
TRP CA   C  N S 345 
TRP C    C  N N 346 
TRP O    O  N N 347 
TRP CB   C  N N 348 
TRP CG   C  Y N 349 
TRP CD1  C  Y N 350 
TRP CD2  C  Y N 351 
TRP NE1  N  Y N 352 
TRP CE2  C  Y N 353 
TRP CE3  C  Y N 354 
TRP CZ2  C  Y N 355 
TRP CZ3  C  Y N 356 
TRP CH2  C  Y N 357 
TRP OXT  O  N N 358 
TRP H    H  N N 359 
TRP H2   H  N N 360 
TRP HA   H  N N 361 
TRP HB2  H  N N 362 
TRP HB3  H  N N 363 
TRP HD1  H  N N 364 
TRP HE1  H  N N 365 
TRP HE3  H  N N 366 
TRP HZ2  H  N N 367 
TRP HZ3  H  N N 368 
TRP HH2  H  N N 369 
TRP HXT  H  N N 370 
TYR N    N  N N 371 
TYR CA   C  N S 372 
TYR C    C  N N 373 
TYR O    O  N N 374 
TYR CB   C  N N 375 
TYR CG   C  Y N 376 
TYR CD1  C  Y N 377 
TYR CD2  C  Y N 378 
TYR CE1  C  Y N 379 
TYR CE2  C  Y N 380 
TYR CZ   C  Y N 381 
TYR OH   O  N N 382 
TYR OXT  O  N N 383 
TYR H    H  N N 384 
TYR H2   H  N N 385 
TYR HA   H  N N 386 
TYR HB2  H  N N 387 
TYR HB3  H  N N 388 
TYR HD1  H  N N 389 
TYR HD2  H  N N 390 
TYR HE1  H  N N 391 
TYR HE2  H  N N 392 
TYR HH   H  N N 393 
TYR HXT  H  N N 394 
VAL N    N  N N 395 
VAL CA   C  N S 396 
VAL C    C  N N 397 
VAL O    O  N N 398 
VAL CB   C  N N 399 
VAL CG1  C  N N 400 
VAL CG2  C  N N 401 
VAL OXT  O  N N 402 
VAL H    H  N N 403 
VAL H2   H  N N 404 
VAL HA   H  N N 405 
VAL HB   H  N N 406 
VAL HG11 H  N N 407 
VAL HG12 H  N N 408 
VAL HG13 H  N N 409 
VAL HG21 H  N N 410 
VAL HG22 H  N N 411 
VAL HG23 H  N N 412 
VAL HXT  H  N N 413 
ZN  ZN   ZN N N 414 
# 
loop_
_chem_comp_bond.comp_id 
_chem_comp_bond.atom_id_1 
_chem_comp_bond.atom_id_2 
_chem_comp_bond.value_order 
_chem_comp_bond.pdbx_aromatic_flag 
_chem_comp_bond.pdbx_stereo_config 
_chem_comp_bond.pdbx_ordinal 
ALA N   CA   sing N N 1   
ALA N   H    sing N N 2   
ALA N   H2   sing N N 3   
ALA CA  C    sing N N 4   
ALA CA  CB   sing N N 5   
ALA CA  HA   sing N N 6   
ALA C   O    doub N N 7   
ALA C   OXT  sing N N 8   
ALA CB  HB1  sing N N 9   
ALA CB  HB2  sing N N 10  
ALA CB  HB3  sing N N 11  
ALA OXT HXT  sing N N 12  
ARG N   CA   sing N N 13  
ARG N   H    sing N N 14  
ARG N   H2   sing N N 15  
ARG CA  C    sing N N 16  
ARG CA  CB   sing N N 17  
ARG CA  HA   sing N N 18  
ARG C   O    doub N N 19  
ARG C   OXT  sing N N 20  
ARG CB  CG   sing N N 21  
ARG CB  HB2  sing N N 22  
ARG CB  HB3  sing N N 23  
ARG CG  CD   sing N N 24  
ARG CG  HG2  sing N N 25  
ARG CG  HG3  sing N N 26  
ARG CD  NE   sing N N 27  
ARG CD  HD2  sing N N 28  
ARG CD  HD3  sing N N 29  
ARG NE  CZ   sing N N 30  
ARG NE  HE   sing N N 31  
ARG CZ  NH1  sing N N 32  
ARG CZ  NH2  doub N N 33  
ARG NH1 HH11 sing N N 34  
ARG NH1 HH12 sing N N 35  
ARG NH2 HH21 sing N N 36  
ARG NH2 HH22 sing N N 37  
ARG OXT HXT  sing N N 38  
ASN N   CA   sing N N 39  
ASN N   H    sing N N 40  
ASN N   H2   sing N N 41  
ASN CA  C    sing N N 42  
ASN CA  CB   sing N N 43  
ASN CA  HA   sing N N 44  
ASN C   O    doub N N 45  
ASN C   OXT  sing N N 46  
ASN CB  CG   sing N N 47  
ASN CB  HB2  sing N N 48  
ASN CB  HB3  sing N N 49  
ASN CG  OD1  doub N N 50  
ASN CG  ND2  sing N N 51  
ASN ND2 HD21 sing N N 52  
ASN ND2 HD22 sing N N 53  
ASN OXT HXT  sing N N 54  
ASP N   CA   sing N N 55  
ASP N   H    sing N N 56  
ASP N   H2   sing N N 57  
ASP CA  C    sing N N 58  
ASP CA  CB   sing N N 59  
ASP CA  HA   sing N N 60  
ASP C   O    doub N N 61  
ASP C   OXT  sing N N 62  
ASP CB  CG   sing N N 63  
ASP CB  HB2  sing N N 64  
ASP CB  HB3  sing N N 65  
ASP CG  OD1  doub N N 66  
ASP CG  OD2  sing N N 67  
ASP OD2 HD2  sing N N 68  
ASP OXT HXT  sing N N 69  
CYS N   CA   sing N N 70  
CYS N   H    sing N N 71  
CYS N   H2   sing N N 72  
CYS CA  C    sing N N 73  
CYS CA  CB   sing N N 74  
CYS CA  HA   sing N N 75  
CYS C   O    doub N N 76  
CYS C   OXT  sing N N 77  
CYS CB  SG   sing N N 78  
CYS CB  HB2  sing N N 79  
CYS CB  HB3  sing N N 80  
CYS SG  HG   sing N N 81  
CYS OXT HXT  sing N N 82  
EYJ C5  C6   doub Y N 83  
EYJ C5  C4   sing Y N 84  
EYJ C6  C7   sing Y N 85  
EYJ N   C4   sing Y N 86  
EYJ N   C3   doub Y N 87  
EYJ C4  C9   doub Y N 88  
EYJ O   C    doub N N 89  
EYJ C2  C3   sing N N 90  
EYJ C2  C1   sing N N 91  
EYJ C3  S    sing Y N 92  
EYJ C7  C8   doub Y N 93  
EYJ C9  C8   sing Y N 94  
EYJ C9  S    sing Y N 95  
EYJ C   C1   sing N N 96  
EYJ C   O1   sing N N 97  
EYJ C1  H1   sing N N 98  
EYJ C1  H2   sing N N 99  
EYJ C2  H3   sing N N 100 
EYJ C2  H4   sing N N 101 
EYJ C6  H5   sing N N 102 
EYJ O1  H6   sing N N 103 
EYJ C8  H7   sing N N 104 
EYJ C7  H8   sing N N 105 
EYJ C5  H9   sing N N 106 
GLN N   CA   sing N N 107 
GLN N   H    sing N N 108 
GLN N   H2   sing N N 109 
GLN CA  C    sing N N 110 
GLN CA  CB   sing N N 111 
GLN CA  HA   sing N N 112 
GLN C   O    doub N N 113 
GLN C   OXT  sing N N 114 
GLN CB  CG   sing N N 115 
GLN CB  HB2  sing N N 116 
GLN CB  HB3  sing N N 117 
GLN CG  CD   sing N N 118 
GLN CG  HG2  sing N N 119 
GLN CG  HG3  sing N N 120 
GLN CD  OE1  doub N N 121 
GLN CD  NE2  sing N N 122 
GLN NE2 HE21 sing N N 123 
GLN NE2 HE22 sing N N 124 
GLN OXT HXT  sing N N 125 
GLU N   CA   sing N N 126 
GLU N   H    sing N N 127 
GLU N   H2   sing N N 128 
GLU CA  C    sing N N 129 
GLU CA  CB   sing N N 130 
GLU CA  HA   sing N N 131 
GLU C   O    doub N N 132 
GLU C   OXT  sing N N 133 
GLU CB  CG   sing N N 134 
GLU CB  HB2  sing N N 135 
GLU CB  HB3  sing N N 136 
GLU CG  CD   sing N N 137 
GLU CG  HG2  sing N N 138 
GLU CG  HG3  sing N N 139 
GLU CD  OE1  doub N N 140 
GLU CD  OE2  sing N N 141 
GLU OE2 HE2  sing N N 142 
GLU OXT HXT  sing N N 143 
GLY N   CA   sing N N 144 
GLY N   H    sing N N 145 
GLY N   H2   sing N N 146 
GLY CA  C    sing N N 147 
GLY CA  HA2  sing N N 148 
GLY CA  HA3  sing N N 149 
GLY C   O    doub N N 150 
GLY C   OXT  sing N N 151 
GLY OXT HXT  sing N N 152 
HIS N   CA   sing N N 153 
HIS N   H    sing N N 154 
HIS N   H2   sing N N 155 
HIS CA  C    sing N N 156 
HIS CA  CB   sing N N 157 
HIS CA  HA   sing N N 158 
HIS C   O    doub N N 159 
HIS C   OXT  sing N N 160 
HIS CB  CG   sing N N 161 
HIS CB  HB2  sing N N 162 
HIS CB  HB3  sing N N 163 
HIS CG  ND1  sing Y N 164 
HIS CG  CD2  doub Y N 165 
HIS ND1 CE1  doub Y N 166 
HIS ND1 HD1  sing N N 167 
HIS CD2 NE2  sing Y N 168 
HIS CD2 HD2  sing N N 169 
HIS CE1 NE2  sing Y N 170 
HIS CE1 HE1  sing N N 171 
HIS NE2 HE2  sing N N 172 
HIS OXT HXT  sing N N 173 
HOH O   H1   sing N N 174 
HOH O   H2   sing N N 175 
ILE N   CA   sing N N 176 
ILE N   H    sing N N 177 
ILE N   H2   sing N N 178 
ILE CA  C    sing N N 179 
ILE CA  CB   sing N N 180 
ILE CA  HA   sing N N 181 
ILE C   O    doub N N 182 
ILE C   OXT  sing N N 183 
ILE CB  CG1  sing N N 184 
ILE CB  CG2  sing N N 185 
ILE CB  HB   sing N N 186 
ILE CG1 CD1  sing N N 187 
ILE CG1 HG12 sing N N 188 
ILE CG1 HG13 sing N N 189 
ILE CG2 HG21 sing N N 190 
ILE CG2 HG22 sing N N 191 
ILE CG2 HG23 sing N N 192 
ILE CD1 HD11 sing N N 193 
ILE CD1 HD12 sing N N 194 
ILE CD1 HD13 sing N N 195 
ILE OXT HXT  sing N N 196 
LEU N   CA   sing N N 197 
LEU N   H    sing N N 198 
LEU N   H2   sing N N 199 
LEU CA  C    sing N N 200 
LEU CA  CB   sing N N 201 
LEU CA  HA   sing N N 202 
LEU C   O    doub N N 203 
LEU C   OXT  sing N N 204 
LEU CB  CG   sing N N 205 
LEU CB  HB2  sing N N 206 
LEU CB  HB3  sing N N 207 
LEU CG  CD1  sing N N 208 
LEU CG  CD2  sing N N 209 
LEU CG  HG   sing N N 210 
LEU CD1 HD11 sing N N 211 
LEU CD1 HD12 sing N N 212 
LEU CD1 HD13 sing N N 213 
LEU CD2 HD21 sing N N 214 
LEU CD2 HD22 sing N N 215 
LEU CD2 HD23 sing N N 216 
LEU OXT HXT  sing N N 217 
LYS N   CA   sing N N 218 
LYS N   H    sing N N 219 
LYS N   H2   sing N N 220 
LYS CA  C    sing N N 221 
LYS CA  CB   sing N N 222 
LYS CA  HA   sing N N 223 
LYS C   O    doub N N 224 
LYS C   OXT  sing N N 225 
LYS CB  CG   sing N N 226 
LYS CB  HB2  sing N N 227 
LYS CB  HB3  sing N N 228 
LYS CG  CD   sing N N 229 
LYS CG  HG2  sing N N 230 
LYS CG  HG3  sing N N 231 
LYS CD  CE   sing N N 232 
LYS CD  HD2  sing N N 233 
LYS CD  HD3  sing N N 234 
LYS CE  NZ   sing N N 235 
LYS CE  HE2  sing N N 236 
LYS CE  HE3  sing N N 237 
LYS NZ  HZ1  sing N N 238 
LYS NZ  HZ2  sing N N 239 
LYS NZ  HZ3  sing N N 240 
LYS OXT HXT  sing N N 241 
MET N   CA   sing N N 242 
MET N   H    sing N N 243 
MET N   H2   sing N N 244 
MET CA  C    sing N N 245 
MET CA  CB   sing N N 246 
MET CA  HA   sing N N 247 
MET C   O    doub N N 248 
MET C   OXT  sing N N 249 
MET CB  CG   sing N N 250 
MET CB  HB2  sing N N 251 
MET CB  HB3  sing N N 252 
MET CG  SD   sing N N 253 
MET CG  HG2  sing N N 254 
MET CG  HG3  sing N N 255 
MET SD  CE   sing N N 256 
MET CE  HE1  sing N N 257 
MET CE  HE2  sing N N 258 
MET CE  HE3  sing N N 259 
MET OXT HXT  sing N N 260 
PHE N   CA   sing N N 261 
PHE N   H    sing N N 262 
PHE N   H2   sing N N 263 
PHE CA  C    sing N N 264 
PHE CA  CB   sing N N 265 
PHE CA  HA   sing N N 266 
PHE C   O    doub N N 267 
PHE C   OXT  sing N N 268 
PHE CB  CG   sing N N 269 
PHE CB  HB2  sing N N 270 
PHE CB  HB3  sing N N 271 
PHE CG  CD1  doub Y N 272 
PHE CG  CD2  sing Y N 273 
PHE CD1 CE1  sing Y N 274 
PHE CD1 HD1  sing N N 275 
PHE CD2 CE2  doub Y N 276 
PHE CD2 HD2  sing N N 277 
PHE CE1 CZ   doub Y N 278 
PHE CE1 HE1  sing N N 279 
PHE CE2 CZ   sing Y N 280 
PHE CE2 HE2  sing N N 281 
PHE CZ  HZ   sing N N 282 
PHE OXT HXT  sing N N 283 
PRO N   CA   sing N N 284 
PRO N   CD   sing N N 285 
PRO N   H    sing N N 286 
PRO CA  C    sing N N 287 
PRO CA  CB   sing N N 288 
PRO CA  HA   sing N N 289 
PRO C   O    doub N N 290 
PRO C   OXT  sing N N 291 
PRO CB  CG   sing N N 292 
PRO CB  HB2  sing N N 293 
PRO CB  HB3  sing N N 294 
PRO CG  CD   sing N N 295 
PRO CG  HG2  sing N N 296 
PRO CG  HG3  sing N N 297 
PRO CD  HD2  sing N N 298 
PRO CD  HD3  sing N N 299 
PRO OXT HXT  sing N N 300 
SER N   CA   sing N N 301 
SER N   H    sing N N 302 
SER N   H2   sing N N 303 
SER CA  C    sing N N 304 
SER CA  CB   sing N N 305 
SER CA  HA   sing N N 306 
SER C   O    doub N N 307 
SER C   OXT  sing N N 308 
SER CB  OG   sing N N 309 
SER CB  HB2  sing N N 310 
SER CB  HB3  sing N N 311 
SER OG  HG   sing N N 312 
SER OXT HXT  sing N N 313 
THR N   CA   sing N N 314 
THR N   H    sing N N 315 
THR N   H2   sing N N 316 
THR CA  C    sing N N 317 
THR CA  CB   sing N N 318 
THR CA  HA   sing N N 319 
THR C   O    doub N N 320 
THR C   OXT  sing N N 321 
THR CB  OG1  sing N N 322 
THR CB  CG2  sing N N 323 
THR CB  HB   sing N N 324 
THR OG1 HG1  sing N N 325 
THR CG2 HG21 sing N N 326 
THR CG2 HG22 sing N N 327 
THR CG2 HG23 sing N N 328 
THR OXT HXT  sing N N 329 
TRP N   CA   sing N N 330 
TRP N   H    sing N N 331 
TRP N   H2   sing N N 332 
TRP CA  C    sing N N 333 
TRP CA  CB   sing N N 334 
TRP CA  HA   sing N N 335 
TRP C   O    doub N N 336 
TRP C   OXT  sing N N 337 
TRP CB  CG   sing N N 338 
TRP CB  HB2  sing N N 339 
TRP CB  HB3  sing N N 340 
TRP CG  CD1  doub Y N 341 
TRP CG  CD2  sing Y N 342 
TRP CD1 NE1  sing Y N 343 
TRP CD1 HD1  sing N N 344 
TRP CD2 CE2  doub Y N 345 
TRP CD2 CE3  sing Y N 346 
TRP NE1 CE2  sing Y N 347 
TRP NE1 HE1  sing N N 348 
TRP CE2 CZ2  sing Y N 349 
TRP CE3 CZ3  doub Y N 350 
TRP CE3 HE3  sing N N 351 
TRP CZ2 CH2  doub Y N 352 
TRP CZ2 HZ2  sing N N 353 
TRP CZ3 CH2  sing Y N 354 
TRP CZ3 HZ3  sing N N 355 
TRP CH2 HH2  sing N N 356 
TRP OXT HXT  sing N N 357 
TYR N   CA   sing N N 358 
TYR N   H    sing N N 359 
TYR N   H2   sing N N 360 
TYR CA  C    sing N N 361 
TYR CA  CB   sing N N 362 
TYR CA  HA   sing N N 363 
TYR C   O    doub N N 364 
TYR C   OXT  sing N N 365 
TYR CB  CG   sing N N 366 
TYR CB  HB2  sing N N 367 
TYR CB  HB3  sing N N 368 
TYR CG  CD1  doub Y N 369 
TYR CG  CD2  sing Y N 370 
TYR CD1 CE1  sing Y N 371 
TYR CD1 HD1  sing N N 372 
TYR CD2 CE2  doub Y N 373 
TYR CD2 HD2  sing N N 374 
TYR CE1 CZ   doub Y N 375 
TYR CE1 HE1  sing N N 376 
TYR CE2 CZ   sing Y N 377 
TYR CE2 HE2  sing N N 378 
TYR CZ  OH   sing N N 379 
TYR OH  HH   sing N N 380 
TYR OXT HXT  sing N N 381 
VAL N   CA   sing N N 382 
VAL N   H    sing N N 383 
VAL N   H2   sing N N 384 
VAL CA  C    sing N N 385 
VAL CA  CB   sing N N 386 
VAL CA  HA   sing N N 387 
VAL C   O    doub N N 388 
VAL C   OXT  sing N N 389 
VAL CB  CG1  sing N N 390 
VAL CB  CG2  sing N N 391 
VAL CB  HB   sing N N 392 
VAL CG1 HG11 sing N N 393 
VAL CG1 HG12 sing N N 394 
VAL CG1 HG13 sing N N 395 
VAL CG2 HG21 sing N N 396 
VAL CG2 HG22 sing N N 397 
VAL CG2 HG23 sing N N 398 
VAL OXT HXT  sing N N 399 
# 
loop_
_pdbx_entity_nonpoly.entity_id 
_pdbx_entity_nonpoly.name 
_pdbx_entity_nonpoly.comp_id 
2 'ZINC ION'                                ZN  
3 'UNKNOWN ATOM OR ION'                     UNX 
4 '3-(1,3-benzothiazol-2-yl)propanoic acid' EYJ 
5 water                                     HOH 
# 
_pdbx_initial_refinement_model.id               1 
_pdbx_initial_refinement_model.entity_id_list   ? 
_pdbx_initial_refinement_model.type             'experimental model' 
_pdbx_initial_refinement_model.source_name      PDB 
_pdbx_initial_refinement_model.accession_code   5KH3 
_pdbx_initial_refinement_model.details          'pdbid 5KH3' 
# 
_pdbx_struct_assembly_auth_evidence.id                     1 
_pdbx_struct_assembly_auth_evidence.assembly_id            1 
_pdbx_struct_assembly_auth_evidence.experimental_support   'gel filtration' 
_pdbx_struct_assembly_auth_evidence.details                ? 
# 
